data_5QRW
# 
_entry.id   5QRW 
# 
_audit_conform.dict_name       mmcif_pdbx.dic 
_audit_conform.dict_version    5.387 
_audit_conform.dict_location   http://mmcif.pdb.org/dictionaries/ascii/mmcif_pdbx.dic 
# 
loop_
_database_2.database_id 
_database_2.database_code 
_database_2.pdbx_database_accession 
_database_2.pdbx_DOI 
PDB   5QRW         pdb_00005qrw 10.2210/pdb5qrw/pdb 
WWPDB D_1001402329 ?            ?                   
# 
loop_
_pdbx_audit_revision_history.ordinal 
_pdbx_audit_revision_history.data_content_type 
_pdbx_audit_revision_history.major_revision 
_pdbx_audit_revision_history.minor_revision 
_pdbx_audit_revision_history.revision_date 
1 'Structure model' 1 0 2019-07-10 
2 'Structure model' 1 1 2019-08-07 
3 'Structure model' 1 2 2024-03-06 
# 
_pdbx_audit_revision_details.ordinal             1 
_pdbx_audit_revision_details.revision_ordinal    1 
_pdbx_audit_revision_details.data_content_type   'Structure model' 
_pdbx_audit_revision_details.provider            repository 
_pdbx_audit_revision_details.type                'Initial release' 
_pdbx_audit_revision_details.description         ? 
_pdbx_audit_revision_details.details             ? 
# 
loop_
_pdbx_audit_revision_group.ordinal 
_pdbx_audit_revision_group.revision_ordinal 
_pdbx_audit_revision_group.data_content_type 
_pdbx_audit_revision_group.group 
1 2 'Structure model' 'Author supporting evidence' 
2 2 'Structure model' 'Data collection'            
3 2 'Structure model' 'Structure summary'          
4 3 'Structure model' 'Data collection'            
5 3 'Structure model' 'Database references'        
6 3 'Structure model' 'Derived calculations'       
# 
loop_
_pdbx_audit_revision_category.ordinal 
_pdbx_audit_revision_category.revision_ordinal 
_pdbx_audit_revision_category.data_content_type 
_pdbx_audit_revision_category.category 
1 2 'Structure model' pdbx_entity_instance_feature 
2 2 'Structure model' pdbx_entry_details           
3 3 'Structure model' chem_comp_atom               
4 3 'Structure model' chem_comp_bond               
5 3 'Structure model' database_2                   
6 3 'Structure model' pdbx_struct_conn_angle       
7 3 'Structure model' struct_conn                  
# 
loop_
_pdbx_audit_revision_item.ordinal 
_pdbx_audit_revision_item.revision_ordinal 
_pdbx_audit_revision_item.data_content_type 
_pdbx_audit_revision_item.item 
1  3 'Structure model' '_database_2.pdbx_DOI'                        
2  3 'Structure model' '_database_2.pdbx_database_accession'         
3  3 'Structure model' '_pdbx_struct_conn_angle.ptnr1_auth_comp_id'  
4  3 'Structure model' '_pdbx_struct_conn_angle.ptnr1_auth_seq_id'   
5  3 'Structure model' '_pdbx_struct_conn_angle.ptnr1_label_alt_id'  
6  3 'Structure model' '_pdbx_struct_conn_angle.ptnr1_label_asym_id' 
7  3 'Structure model' '_pdbx_struct_conn_angle.ptnr1_label_atom_id' 
8  3 'Structure model' '_pdbx_struct_conn_angle.ptnr1_label_comp_id' 
9  3 'Structure model' '_pdbx_struct_conn_angle.ptnr1_label_seq_id'  
10 3 'Structure model' '_pdbx_struct_conn_angle.ptnr1_symmetry'      
11 3 'Structure model' '_pdbx_struct_conn_angle.ptnr2_auth_seq_id'   
12 3 'Structure model' '_pdbx_struct_conn_angle.ptnr2_label_asym_id' 
13 3 'Structure model' '_pdbx_struct_conn_angle.ptnr3_auth_comp_id'  
14 3 'Structure model' '_pdbx_struct_conn_angle.ptnr3_auth_seq_id'   
15 3 'Structure model' '_pdbx_struct_conn_angle.ptnr3_label_alt_id'  
16 3 'Structure model' '_pdbx_struct_conn_angle.ptnr3_label_asym_id' 
17 3 'Structure model' '_pdbx_struct_conn_angle.ptnr3_label_atom_id' 
18 3 'Structure model' '_pdbx_struct_conn_angle.ptnr3_label_comp_id' 
19 3 'Structure model' '_pdbx_struct_conn_angle.ptnr3_label_seq_id'  
20 3 'Structure model' '_pdbx_struct_conn_angle.ptnr3_symmetry'      
21 3 'Structure model' '_pdbx_struct_conn_angle.value'               
22 3 'Structure model' '_struct_conn.pdbx_dist_value'                
23 3 'Structure model' '_struct_conn.pdbx_ptnr1_label_alt_id'        
24 3 'Structure model' '_struct_conn.ptnr1_auth_comp_id'             
25 3 'Structure model' '_struct_conn.ptnr1_auth_seq_id'              
26 3 'Structure model' '_struct_conn.ptnr1_label_asym_id'            
27 3 'Structure model' '_struct_conn.ptnr1_label_atom_id'            
28 3 'Structure model' '_struct_conn.ptnr1_label_comp_id'            
29 3 'Structure model' '_struct_conn.ptnr1_label_seq_id'             
30 3 'Structure model' '_struct_conn.ptnr2_auth_comp_id'             
31 3 'Structure model' '_struct_conn.ptnr2_auth_seq_id'              
32 3 'Structure model' '_struct_conn.ptnr2_label_asym_id'            
33 3 'Structure model' '_struct_conn.ptnr2_label_atom_id'            
34 3 'Structure model' '_struct_conn.ptnr2_label_comp_id'            
35 3 'Structure model' '_struct_conn.ptnr2_symmetry'                 
# 
_pdbx_database_status.entry_id                        5QRW 
_pdbx_database_status.status_code                     REL 
_pdbx_database_status.status_code_sf                  REL 
_pdbx_database_status.status_code_mr                  ? 
_pdbx_database_status.status_code_cs                  ? 
_pdbx_database_status.recvd_initial_deposition_date   2019-05-25 
_pdbx_database_status.deposit_site                    RCSB 
_pdbx_database_status.process_site                    RCSB 
_pdbx_database_status.SG_entry                        ? 
_pdbx_database_status.pdb_format_compatible           Y 
_pdbx_database_status.methods_development_category    ? 
_pdbx_database_status.status_code_nmr_data            ? 
# 
loop_
_audit_author.name 
_audit_author.pdbx_ordinal 
'Newman, J.A.'        1  
'Gavard, A.E.'        2  
'Fernandez-Cid, A.'   3  
'Sherestha, L.'       4  
'Burgess-Brown, N.A.' 5  
'von Delft, F.'       6  
'Arrowsmith, C.H.'    7  
'Edwards, A.'         8  
'Bountra, C.'         9  
'Gileadi, O.'         10 
# 
_citation.id                        primary 
_citation.title                     'PanDDA analysis group deposition' 
_citation.journal_abbrev            'To Be Published' 
_citation.journal_volume            ? 
_citation.page_first                ? 
_citation.page_last                 ? 
_citation.year                      ? 
_citation.journal_id_ASTM           ? 
_citation.country                   ? 
_citation.journal_id_ISSN           ? 
_citation.journal_id_CSD            0353 
_citation.book_publisher            ? 
_citation.pdbx_database_id_PubMed   ? 
_citation.pdbx_database_id_DOI      ? 
# 
loop_
_citation_author.citation_id 
_citation_author.name 
_citation_author.identifier_ORCID 
_citation_author.ordinal 
primary 'Newman, J.A.'        ? 1  
primary 'Gavard, A.E.'        ? 2  
primary 'Fernandez-Cid, A.'   ? 3  
primary 'Sherestha, L.'       ? 4  
primary 'Burgess-Brown, N.A.' ? 5  
primary 'von Delft, F.'       ? 6  
primary 'Arrowsmith, C.H.'    ? 7  
primary 'Edwards, A.'         ? 8  
primary 'Bountra, C.'         ? 9  
primary 'Gileadi, O.'         ? 10 
# 
loop_
_entity.id 
_entity.type 
_entity.src_method 
_entity.pdbx_description 
_entity.formula_weight 
_entity.pdbx_number_of_molecules 
_entity.pdbx_ec 
_entity.pdbx_mutation 
_entity.pdbx_fragment 
_entity.details 
1 polymer     man 'T-box transcription factor T'               19597.586 1  ? ? ? ? 
2 non-polymer syn 'CADMIUM ION'                                112.411   4  ? ? ? ? 
3 non-polymer syn '1-(propan-2-yl)-1H-imidazole-4-sulfonamide' 189.235   2  ? ? ? ? 
4 water       nat water                                        18.015    68 ? ? ? ? 
# 
_entity_name_com.entity_id   1 
_entity_name_com.name        'Brachyury protein,Protein T' 
# 
_entity_poly.entity_id                      1 
_entity_poly.type                           'polypeptide(L)' 
_entity_poly.nstd_linkage                   no 
_entity_poly.nstd_monomer                   no 
_entity_poly.pdbx_seq_one_letter_code       
;GELRVGLEESELWLRFKELTNEMIVTKNGRRMFPVLKVNVSGLDPNAMYSFLLDFVAADNHRWKYVNGEWVPGGKPEPQA
PSCVYIHPDSPNFGAHWMKAPVSFSKVKLTNKLNGGGQIMLNSLHKYEPRIHIVRVGGPQRMITSHCFPETQFIAVTAYQ
NEEITALKIKYN
;
_entity_poly.pdbx_seq_one_letter_code_can   
;GELRVGLEESELWLRFKELTNEMIVTKNGRRMFPVLKVNVSGLDPNAMYSFLLDFVAADNHRWKYVNGEWVPGGKPEPQA
PSCVYIHPDSPNFGAHWMKAPVSFSKVKLTNKLNGGGQIMLNSLHKYEPRIHIVRVGGPQRMITSHCFPETQFIAVTAYQ
NEEITALKIKYN
;
_entity_poly.pdbx_strand_id                 A 
_entity_poly.pdbx_target_identifier         ? 
# 
loop_
_pdbx_entity_nonpoly.entity_id 
_pdbx_entity_nonpoly.name 
_pdbx_entity_nonpoly.comp_id 
2 'CADMIUM ION'                                CD  
3 '1-(propan-2-yl)-1H-imidazole-4-sulfonamide' NYV 
4 water                                        HOH 
# 
loop_
_entity_poly_seq.entity_id 
_entity_poly_seq.num 
_entity_poly_seq.mon_id 
_entity_poly_seq.hetero 
1 1   GLY n 
1 2   GLU n 
1 3   LEU n 
1 4   ARG n 
1 5   VAL n 
1 6   GLY n 
1 7   LEU n 
1 8   GLU n 
1 9   GLU n 
1 10  SER n 
1 11  GLU n 
1 12  LEU n 
1 13  TRP n 
1 14  LEU n 
1 15  ARG n 
1 16  PHE n 
1 17  LYS n 
1 18  GLU n 
1 19  LEU n 
1 20  THR n 
1 21  ASN n 
1 22  GLU n 
1 23  MET n 
1 24  ILE n 
1 25  VAL n 
1 26  THR n 
1 27  LYS n 
1 28  ASN n 
1 29  GLY n 
1 30  ARG n 
1 31  ARG n 
1 32  MET n 
1 33  PHE n 
1 34  PRO n 
1 35  VAL n 
1 36  LEU n 
1 37  LYS n 
1 38  VAL n 
1 39  ASN n 
1 40  VAL n 
1 41  SER n 
1 42  GLY n 
1 43  LEU n 
1 44  ASP n 
1 45  PRO n 
1 46  ASN n 
1 47  ALA n 
1 48  MET n 
1 49  TYR n 
1 50  SER n 
1 51  PHE n 
1 52  LEU n 
1 53  LEU n 
1 54  ASP n 
1 55  PHE n 
1 56  VAL n 
1 57  ALA n 
1 58  ALA n 
1 59  ASP n 
1 60  ASN n 
1 61  HIS n 
1 62  ARG n 
1 63  TRP n 
1 64  LYS n 
1 65  TYR n 
1 66  VAL n 
1 67  ASN n 
1 68  GLY n 
1 69  GLU n 
1 70  TRP n 
1 71  VAL n 
1 72  PRO n 
1 73  GLY n 
1 74  GLY n 
1 75  LYS n 
1 76  PRO n 
1 77  GLU n 
1 78  PRO n 
1 79  GLN n 
1 80  ALA n 
1 81  PRO n 
1 82  SER n 
1 83  CYS n 
1 84  VAL n 
1 85  TYR n 
1 86  ILE n 
1 87  HIS n 
1 88  PRO n 
1 89  ASP n 
1 90  SER n 
1 91  PRO n 
1 92  ASN n 
1 93  PHE n 
1 94  GLY n 
1 95  ALA n 
1 96  HIS n 
1 97  TRP n 
1 98  MET n 
1 99  LYS n 
1 100 ALA n 
1 101 PRO n 
1 102 VAL n 
1 103 SER n 
1 104 PHE n 
1 105 SER n 
1 106 LYS n 
1 107 VAL n 
1 108 LYS n 
1 109 LEU n 
1 110 THR n 
1 111 ASN n 
1 112 LYS n 
1 113 LEU n 
1 114 ASN n 
1 115 GLY n 
1 116 GLY n 
1 117 GLY n 
1 118 GLN n 
1 119 ILE n 
1 120 MET n 
1 121 LEU n 
1 122 ASN n 
1 123 SER n 
1 124 LEU n 
1 125 HIS n 
1 126 LYS n 
1 127 TYR n 
1 128 GLU n 
1 129 PRO n 
1 130 ARG n 
1 131 ILE n 
1 132 HIS n 
1 133 ILE n 
1 134 VAL n 
1 135 ARG n 
1 136 VAL n 
1 137 GLY n 
1 138 GLY n 
1 139 PRO n 
1 140 GLN n 
1 141 ARG n 
1 142 MET n 
1 143 ILE n 
1 144 THR n 
1 145 SER n 
1 146 HIS n 
1 147 CYS n 
1 148 PHE n 
1 149 PRO n 
1 150 GLU n 
1 151 THR n 
1 152 GLN n 
1 153 PHE n 
1 154 ILE n 
1 155 ALA n 
1 156 VAL n 
1 157 THR n 
1 158 ALA n 
1 159 TYR n 
1 160 GLN n 
1 161 ASN n 
1 162 GLU n 
1 163 GLU n 
1 164 ILE n 
1 165 THR n 
1 166 ALA n 
1 167 LEU n 
1 168 LYS n 
1 169 ILE n 
1 170 LYS n 
1 171 TYR n 
1 172 ASN n 
# 
_entity_src_gen.entity_id                          1 
_entity_src_gen.pdbx_src_id                        1 
_entity_src_gen.pdbx_alt_source_flag               sample 
_entity_src_gen.pdbx_seq_type                      'Biological sequence' 
_entity_src_gen.pdbx_beg_seq_num                   1 
_entity_src_gen.pdbx_end_seq_num                   172 
_entity_src_gen.gene_src_common_name               Human 
_entity_src_gen.gene_src_genus                     ? 
_entity_src_gen.pdbx_gene_src_gene                 'TBXT, T' 
_entity_src_gen.gene_src_species                   ? 
_entity_src_gen.gene_src_strain                    ? 
_entity_src_gen.gene_src_tissue                    ? 
_entity_src_gen.gene_src_tissue_fraction           ? 
_entity_src_gen.gene_src_details                   ? 
_entity_src_gen.pdbx_gene_src_fragment             ? 
_entity_src_gen.pdbx_gene_src_scientific_name      'Homo sapiens' 
_entity_src_gen.pdbx_gene_src_ncbi_taxonomy_id     9606 
_entity_src_gen.pdbx_gene_src_variant              ? 
_entity_src_gen.pdbx_gene_src_cell_line            ? 
_entity_src_gen.pdbx_gene_src_atcc                 ? 
_entity_src_gen.pdbx_gene_src_organ                ? 
_entity_src_gen.pdbx_gene_src_organelle            ? 
_entity_src_gen.pdbx_gene_src_cell                 ? 
_entity_src_gen.pdbx_gene_src_cellular_location    ? 
_entity_src_gen.host_org_common_name               ? 
_entity_src_gen.pdbx_host_org_scientific_name      'Escherichia coli' 
_entity_src_gen.pdbx_host_org_ncbi_taxonomy_id     562 
_entity_src_gen.host_org_genus                     ? 
_entity_src_gen.pdbx_host_org_gene                 ? 
_entity_src_gen.pdbx_host_org_organ                ? 
_entity_src_gen.host_org_species                   ? 
_entity_src_gen.pdbx_host_org_tissue               ? 
_entity_src_gen.pdbx_host_org_tissue_fraction      ? 
_entity_src_gen.pdbx_host_org_strain               ? 
_entity_src_gen.pdbx_host_org_variant              ? 
_entity_src_gen.pdbx_host_org_cell_line            ? 
_entity_src_gen.pdbx_host_org_atcc                 ? 
_entity_src_gen.pdbx_host_org_culture_collection   ? 
_entity_src_gen.pdbx_host_org_cell                 ? 
_entity_src_gen.pdbx_host_org_organelle            ? 
_entity_src_gen.pdbx_host_org_cellular_location    ? 
_entity_src_gen.pdbx_host_org_vector_type          ? 
_entity_src_gen.pdbx_host_org_vector               ? 
_entity_src_gen.host_org_details                   ? 
_entity_src_gen.expression_system_id               ? 
_entity_src_gen.plasmid_name                       ? 
_entity_src_gen.plasmid_details                    ? 
_entity_src_gen.pdbx_description                   ? 
# 
loop_
_chem_comp.id 
_chem_comp.type 
_chem_comp.mon_nstd_flag 
_chem_comp.name 
_chem_comp.pdbx_synonyms 
_chem_comp.formula 
_chem_comp.formula_weight 
ALA 'L-peptide linking' y ALANINE                                      ? 'C3 H7 N O2'     89.093  
ARG 'L-peptide linking' y ARGININE                                     ? 'C6 H15 N4 O2 1' 175.209 
ASN 'L-peptide linking' y ASPARAGINE                                   ? 'C4 H8 N2 O3'    132.118 
ASP 'L-peptide linking' y 'ASPARTIC ACID'                              ? 'C4 H7 N O4'     133.103 
CD  non-polymer         . 'CADMIUM ION'                                ? 'Cd 2'           112.411 
CYS 'L-peptide linking' y CYSTEINE                                     ? 'C3 H7 N O2 S'   121.158 
GLN 'L-peptide linking' y GLUTAMINE                                    ? 'C5 H10 N2 O3'   146.144 
GLU 'L-peptide linking' y 'GLUTAMIC ACID'                              ? 'C5 H9 N O4'     147.129 
GLY 'peptide linking'   y GLYCINE                                      ? 'C2 H5 N O2'     75.067  
HIS 'L-peptide linking' y HISTIDINE                                    ? 'C6 H10 N3 O2 1' 156.162 
HOH non-polymer         . WATER                                        ? 'H2 O'           18.015  
ILE 'L-peptide linking' y ISOLEUCINE                                   ? 'C6 H13 N O2'    131.173 
LEU 'L-peptide linking' y LEUCINE                                      ? 'C6 H13 N O2'    131.173 
LYS 'L-peptide linking' y LYSINE                                       ? 'C6 H15 N2 O2 1' 147.195 
MET 'L-peptide linking' y METHIONINE                                   ? 'C5 H11 N O2 S'  149.211 
NYV non-polymer         . '1-(propan-2-yl)-1H-imidazole-4-sulfonamide' ? 'C6 H11 N3 O2 S' 189.235 
PHE 'L-peptide linking' y PHENYLALANINE                                ? 'C9 H11 N O2'    165.189 
PRO 'L-peptide linking' y PROLINE                                      ? 'C5 H9 N O2'     115.130 
SER 'L-peptide linking' y SERINE                                       ? 'C3 H7 N O3'     105.093 
THR 'L-peptide linking' y THREONINE                                    ? 'C4 H9 N O3'     119.119 
TRP 'L-peptide linking' y TRYPTOPHAN                                   ? 'C11 H12 N2 O2'  204.225 
TYR 'L-peptide linking' y TYROSINE                                     ? 'C9 H11 N O3'    181.189 
VAL 'L-peptide linking' y VALINE                                       ? 'C5 H11 N O2'    117.146 
# 
loop_
_pdbx_poly_seq_scheme.asym_id 
_pdbx_poly_seq_scheme.entity_id 
_pdbx_poly_seq_scheme.seq_id 
_pdbx_poly_seq_scheme.mon_id 
_pdbx_poly_seq_scheme.ndb_seq_num 
_pdbx_poly_seq_scheme.pdb_seq_num 
_pdbx_poly_seq_scheme.auth_seq_num 
_pdbx_poly_seq_scheme.pdb_mon_id 
_pdbx_poly_seq_scheme.auth_mon_id 
_pdbx_poly_seq_scheme.pdb_strand_id 
_pdbx_poly_seq_scheme.pdb_ins_code 
_pdbx_poly_seq_scheme.hetero 
A 1 1   GLY 1   40  ?   ?   ?   A . n 
A 1 2   GLU 2   41  41  GLU GLU A . n 
A 1 3   LEU 3   42  42  LEU LEU A . n 
A 1 4   ARG 4   43  43  ARG ARG A . n 
A 1 5   VAL 5   44  44  VAL VAL A . n 
A 1 6   GLY 6   45  45  GLY GLY A . n 
A 1 7   LEU 7   46  46  LEU LEU A . n 
A 1 8   GLU 8   47  47  GLU GLU A . n 
A 1 9   GLU 9   48  48  GLU GLU A . n 
A 1 10  SER 10  49  49  SER SER A . n 
A 1 11  GLU 11  50  50  GLU GLU A . n 
A 1 12  LEU 12  51  51  LEU LEU A . n 
A 1 13  TRP 13  52  52  TRP TRP A . n 
A 1 14  LEU 14  53  53  LEU LEU A . n 
A 1 15  ARG 15  54  54  ARG ARG A . n 
A 1 16  PHE 16  55  55  PHE PHE A . n 
A 1 17  LYS 17  56  56  LYS LYS A . n 
A 1 18  GLU 18  57  57  GLU GLU A . n 
A 1 19  LEU 19  58  58  LEU LEU A . n 
A 1 20  THR 20  59  59  THR THR A . n 
A 1 21  ASN 21  60  60  ASN ASN A . n 
A 1 22  GLU 22  61  61  GLU GLU A . n 
A 1 23  MET 23  62  62  MET MET A . n 
A 1 24  ILE 24  63  63  ILE ILE A . n 
A 1 25  VAL 25  64  64  VAL VAL A . n 
A 1 26  THR 26  65  65  THR THR A . n 
A 1 27  LYS 27  66  66  LYS LYS A . n 
A 1 28  ASN 28  67  67  ASN ASN A . n 
A 1 29  GLY 29  68  68  GLY GLY A . n 
A 1 30  ARG 30  69  69  ARG ARG A . n 
A 1 31  ARG 31  70  70  ARG ARG A . n 
A 1 32  MET 32  71  71  MET MET A . n 
A 1 33  PHE 33  72  72  PHE PHE A . n 
A 1 34  PRO 34  73  73  PRO PRO A . n 
A 1 35  VAL 35  74  74  VAL VAL A . n 
A 1 36  LEU 36  75  75  LEU LEU A . n 
A 1 37  LYS 37  76  76  LYS LYS A . n 
A 1 38  VAL 38  77  77  VAL VAL A . n 
A 1 39  ASN 39  78  78  ASN ASN A . n 
A 1 40  VAL 40  79  79  VAL VAL A . n 
A 1 41  SER 41  80  80  SER SER A . n 
A 1 42  GLY 42  81  81  GLY GLY A . n 
A 1 43  LEU 43  82  82  LEU LEU A . n 
A 1 44  ASP 44  83  83  ASP ASP A . n 
A 1 45  PRO 45  84  84  PRO PRO A . n 
A 1 46  ASN 46  85  85  ASN ASN A . n 
A 1 47  ALA 47  86  86  ALA ALA A . n 
A 1 48  MET 48  87  87  MET MET A . n 
A 1 49  TYR 49  88  88  TYR TYR A . n 
A 1 50  SER 50  89  89  SER SER A . n 
A 1 51  PHE 51  90  90  PHE PHE A . n 
A 1 52  LEU 52  91  91  LEU LEU A . n 
A 1 53  LEU 53  92  92  LEU LEU A . n 
A 1 54  ASP 54  93  93  ASP ASP A . n 
A 1 55  PHE 55  94  94  PHE PHE A . n 
A 1 56  VAL 56  95  95  VAL VAL A . n 
A 1 57  ALA 57  96  96  ALA ALA A . n 
A 1 58  ALA 58  97  97  ALA ALA A . n 
A 1 59  ASP 59  98  98  ASP ASP A . n 
A 1 60  ASN 60  99  99  ASN ASN A . n 
A 1 61  HIS 61  100 100 HIS HIS A . n 
A 1 62  ARG 62  101 101 ARG ARG A . n 
A 1 63  TRP 63  102 102 TRP TRP A . n 
A 1 64  LYS 64  103 103 LYS LYS A . n 
A 1 65  TYR 65  104 104 TYR TYR A . n 
A 1 66  VAL 66  105 105 VAL VAL A . n 
A 1 67  ASN 67  106 106 ASN ASN A . n 
A 1 68  GLY 68  107 107 GLY GLY A . n 
A 1 69  GLU 69  108 108 GLU GLU A . n 
A 1 70  TRP 70  109 109 TRP TRP A . n 
A 1 71  VAL 71  110 110 VAL VAL A . n 
A 1 72  PRO 72  111 111 PRO PRO A . n 
A 1 73  GLY 73  112 112 GLY GLY A . n 
A 1 74  GLY 74  113 113 GLY GLY A . n 
A 1 75  LYS 75  114 114 LYS LYS A . n 
A 1 76  PRO 76  115 115 PRO PRO A . n 
A 1 77  GLU 77  116 116 GLU GLU A . n 
A 1 78  PRO 78  117 117 PRO PRO A . n 
A 1 79  GLN 79  118 118 GLN GLN A . n 
A 1 80  ALA 80  119 119 ALA ALA A . n 
A 1 81  PRO 81  120 120 PRO PRO A . n 
A 1 82  SER 82  121 121 SER SER A . n 
A 1 83  CYS 83  122 122 CYS CYS A . n 
A 1 84  VAL 84  123 123 VAL VAL A . n 
A 1 85  TYR 85  124 124 TYR TYR A . n 
A 1 86  ILE 86  125 125 ILE ILE A . n 
A 1 87  HIS 87  126 126 HIS HIS A . n 
A 1 88  PRO 88  127 127 PRO PRO A . n 
A 1 89  ASP 89  128 128 ASP ASP A . n 
A 1 90  SER 90  129 129 SER SER A . n 
A 1 91  PRO 91  130 130 PRO PRO A . n 
A 1 92  ASN 92  131 131 ASN ASN A . n 
A 1 93  PHE 93  132 132 PHE PHE A . n 
A 1 94  GLY 94  133 133 GLY GLY A . n 
A 1 95  ALA 95  134 134 ALA ALA A . n 
A 1 96  HIS 96  135 135 HIS HIS A . n 
A 1 97  TRP 97  136 136 TRP TRP A . n 
A 1 98  MET 98  137 137 MET MET A . n 
A 1 99  LYS 99  138 138 LYS LYS A . n 
A 1 100 ALA 100 139 139 ALA ALA A . n 
A 1 101 PRO 101 140 140 PRO PRO A . n 
A 1 102 VAL 102 141 141 VAL VAL A . n 
A 1 103 SER 103 142 142 SER SER A . n 
A 1 104 PHE 104 143 143 PHE PHE A . n 
A 1 105 SER 105 144 144 SER SER A . n 
A 1 106 LYS 106 145 145 LYS LYS A . n 
A 1 107 VAL 107 146 146 VAL VAL A . n 
A 1 108 LYS 108 147 147 LYS LYS A . n 
A 1 109 LEU 109 148 148 LEU LEU A . n 
A 1 110 THR 110 149 149 THR THR A . n 
A 1 111 ASN 111 150 150 ASN ASN A . n 
A 1 112 LYS 112 151 151 LYS LYS A . n 
A 1 113 LEU 113 152 152 LEU LEU A . n 
A 1 114 ASN 114 153 153 ASN ASN A . n 
A 1 115 GLY 115 154 154 GLY GLY A . n 
A 1 116 GLY 116 155 155 GLY GLY A . n 
A 1 117 GLY 117 156 156 GLY GLY A . n 
A 1 118 GLN 118 157 157 GLN GLN A . n 
A 1 119 ILE 119 158 158 ILE ILE A . n 
A 1 120 MET 120 159 159 MET MET A . n 
A 1 121 LEU 121 160 160 LEU LEU A . n 
A 1 122 ASN 122 161 161 ASN ASN A . n 
A 1 123 SER 123 162 162 SER SER A . n 
A 1 124 LEU 124 163 163 LEU LEU A . n 
A 1 125 HIS 125 164 164 HIS HIS A . n 
A 1 126 LYS 126 165 165 LYS LYS A . n 
A 1 127 TYR 127 166 166 TYR TYR A . n 
A 1 128 GLU 128 167 167 GLU GLU A . n 
A 1 129 PRO 129 168 168 PRO PRO A . n 
A 1 130 ARG 130 169 169 ARG ARG A . n 
A 1 131 ILE 131 170 170 ILE ILE A . n 
A 1 132 HIS 132 171 171 HIS HIS A . n 
A 1 133 ILE 133 172 172 ILE ILE A . n 
A 1 134 VAL 134 173 173 VAL VAL A . n 
A 1 135 ARG 135 174 174 ARG ARG A . n 
A 1 136 VAL 136 175 175 VAL VAL A . n 
A 1 137 GLY 137 176 176 GLY GLY A . n 
A 1 138 GLY 138 177 177 GLY GLY A . n 
A 1 139 PRO 139 178 178 PRO PRO A . n 
A 1 140 GLN 140 179 179 GLN GLN A . n 
A 1 141 ARG 141 180 180 ARG ARG A . n 
A 1 142 MET 142 181 181 MET MET A . n 
A 1 143 ILE 143 182 182 ILE ILE A . n 
A 1 144 THR 144 183 183 THR THR A . n 
A 1 145 SER 145 184 184 SER SER A . n 
A 1 146 HIS 146 185 185 HIS HIS A . n 
A 1 147 CYS 147 186 186 CYS CYS A . n 
A 1 148 PHE 148 187 187 PHE PHE A . n 
A 1 149 PRO 149 188 188 PRO PRO A . n 
A 1 150 GLU 150 189 189 GLU GLU A . n 
A 1 151 THR 151 190 190 THR THR A . n 
A 1 152 GLN 152 191 191 GLN GLN A . n 
A 1 153 PHE 153 192 192 PHE PHE A . n 
A 1 154 ILE 154 193 193 ILE ILE A . n 
A 1 155 ALA 155 194 194 ALA ALA A . n 
A 1 156 VAL 156 195 195 VAL VAL A . n 
A 1 157 THR 157 196 196 THR THR A . n 
A 1 158 ALA 158 197 197 ALA ALA A . n 
A 1 159 TYR 159 198 198 TYR TYR A . n 
A 1 160 GLN 160 199 199 GLN GLN A . n 
A 1 161 ASN 161 200 200 ASN ASN A . n 
A 1 162 GLU 162 201 201 GLU GLU A . n 
A 1 163 GLU 163 202 202 GLU GLU A . n 
A 1 164 ILE 164 203 203 ILE ILE A . n 
A 1 165 THR 165 204 204 THR THR A . n 
A 1 166 ALA 166 205 205 ALA ALA A . n 
A 1 167 LEU 167 206 206 LEU LEU A . n 
A 1 168 LYS 168 207 207 LYS LYS A . n 
A 1 169 ILE 169 208 208 ILE ILE A . n 
A 1 170 LYS 170 209 209 LYS LYS A . n 
A 1 171 TYR 171 210 210 TYR TYR A . n 
A 1 172 ASN 172 211 211 ASN ASN A . n 
# 
loop_
_pdbx_nonpoly_scheme.asym_id 
_pdbx_nonpoly_scheme.entity_id 
_pdbx_nonpoly_scheme.mon_id 
_pdbx_nonpoly_scheme.ndb_seq_num 
_pdbx_nonpoly_scheme.pdb_seq_num 
_pdbx_nonpoly_scheme.auth_seq_num 
_pdbx_nonpoly_scheme.pdb_mon_id 
_pdbx_nonpoly_scheme.auth_mon_id 
_pdbx_nonpoly_scheme.pdb_strand_id 
_pdbx_nonpoly_scheme.pdb_ins_code 
B 2 CD  1  301 1  CD  CD  A . 
C 2 CD  1  302 2  CD  CD  A . 
D 2 CD  1  303 3  CD  CD  A . 
E 2 CD  1  304 4  CD  CD  A . 
F 3 NYV 1  305 1  NYV LIG A . 
G 3 NYV 1  306 2  NYV LIG A . 
H 4 HOH 1  401 53 HOH HOH A . 
H 4 HOH 2  402 48 HOH HOH A . 
H 4 HOH 3  403 79 HOH HOH A . 
H 4 HOH 4  404 55 HOH HOH A . 
H 4 HOH 5  405 24 HOH HOH A . 
H 4 HOH 6  406 68 HOH HOH A . 
H 4 HOH 7  407 61 HOH HOH A . 
H 4 HOH 8  408 54 HOH HOH A . 
H 4 HOH 9  409 16 HOH HOH A . 
H 4 HOH 10 410 76 HOH HOH A . 
H 4 HOH 11 411 58 HOH HOH A . 
H 4 HOH 12 412 52 HOH HOH A . 
H 4 HOH 13 413 42 HOH HOH A . 
H 4 HOH 14 414 44 HOH HOH A . 
H 4 HOH 15 415 45 HOH HOH A . 
H 4 HOH 16 416 56 HOH HOH A . 
H 4 HOH 17 417 71 HOH HOH A . 
H 4 HOH 18 418 21 HOH HOH A . 
H 4 HOH 19 419 41 HOH HOH A . 
H 4 HOH 20 420 70 HOH HOH A . 
H 4 HOH 21 421 51 HOH HOH A . 
H 4 HOH 22 422 32 HOH HOH A . 
H 4 HOH 23 423 33 HOH HOH A . 
H 4 HOH 24 424 14 HOH HOH A . 
H 4 HOH 25 425 4  HOH HOH A . 
H 4 HOH 26 426 67 HOH HOH A . 
H 4 HOH 27 427 31 HOH HOH A . 
H 4 HOH 28 428 47 HOH HOH A . 
H 4 HOH 29 429 49 HOH HOH A . 
H 4 HOH 30 430 52 HOH HOH A . 
H 4 HOH 31 431 69 HOH HOH A . 
H 4 HOH 32 432 60 HOH HOH A . 
H 4 HOH 33 433 17 HOH HOH A . 
H 4 HOH 34 434 6  HOH HOH A . 
H 4 HOH 35 435 45 HOH HOH A . 
H 4 HOH 36 436 10 HOH HOH A . 
H 4 HOH 37 437 1  HOH HOH A . 
H 4 HOH 38 438 18 HOH HOH A . 
H 4 HOH 39 439 57 HOH HOH A . 
H 4 HOH 40 440 8  HOH HOH A . 
H 4 HOH 41 441 75 HOH HOH A . 
H 4 HOH 42 442 30 HOH HOH A . 
H 4 HOH 43 443 8  HOH HOH A . 
H 4 HOH 44 444 14 HOH HOH A . 
H 4 HOH 45 445 66 HOH HOH A . 
H 4 HOH 46 446 73 HOH HOH A . 
H 4 HOH 47 447 50 HOH HOH A . 
H 4 HOH 48 448 64 HOH HOH A . 
H 4 HOH 49 449 2  HOH HOH A . 
H 4 HOH 50 450 11 HOH HOH A . 
H 4 HOH 51 451 4  HOH HOH A . 
H 4 HOH 52 452 46 HOH HOH A . 
H 4 HOH 53 453 15 HOH HOH A . 
H 4 HOH 54 454 65 HOH HOH A . 
H 4 HOH 55 455 1  HOH HOH A . 
H 4 HOH 56 456 6  HOH HOH A . 
H 4 HOH 57 457 3  HOH HOH A . 
H 4 HOH 58 458 7  HOH HOH A . 
H 4 HOH 59 459 3  HOH HOH A . 
H 4 HOH 60 460 72 HOH HOH A . 
H 4 HOH 61 461 5  HOH HOH A . 
H 4 HOH 62 462 17 HOH HOH A . 
H 4 HOH 63 463 62 HOH HOH A . 
H 4 HOH 64 464 10 HOH HOH A . 
H 4 HOH 65 465 13 HOH HOH A . 
H 4 HOH 66 466 78 HOH HOH A . 
H 4 HOH 67 467 43 HOH HOH A . 
H 4 HOH 68 468 16 HOH HOH A . 
# 
loop_
_pdbx_unobs_or_zero_occ_atoms.id 
_pdbx_unobs_or_zero_occ_atoms.PDB_model_num 
_pdbx_unobs_or_zero_occ_atoms.polymer_flag 
_pdbx_unobs_or_zero_occ_atoms.occupancy_flag 
_pdbx_unobs_or_zero_occ_atoms.auth_asym_id 
_pdbx_unobs_or_zero_occ_atoms.auth_comp_id 
_pdbx_unobs_or_zero_occ_atoms.auth_seq_id 
_pdbx_unobs_or_zero_occ_atoms.PDB_ins_code 
_pdbx_unobs_or_zero_occ_atoms.auth_atom_id 
_pdbx_unobs_or_zero_occ_atoms.label_alt_id 
_pdbx_unobs_or_zero_occ_atoms.label_asym_id 
_pdbx_unobs_or_zero_occ_atoms.label_comp_id 
_pdbx_unobs_or_zero_occ_atoms.label_seq_id 
_pdbx_unobs_or_zero_occ_atoms.label_atom_id 
1 1 Y 1 A ARG 43 ? CG  ? A ARG 4 CG  
2 1 Y 1 A ARG 43 ? CD  ? A ARG 4 CD  
3 1 Y 1 A ARG 43 ? NE  ? A ARG 4 NE  
4 1 Y 1 A ARG 43 ? CZ  ? A ARG 4 CZ  
5 1 Y 1 A ARG 43 ? NH1 ? A ARG 4 NH1 
6 1 Y 1 A ARG 43 ? NH2 ? A ARG 4 NH2 
# 
loop_
_software.pdbx_ordinal 
_software.name 
_software.version 
_software.date 
_software.type 
_software.contact_author 
_software.contact_author_email 
_software.classification 
_software.location 
_software.language 
_software.citation_id 
1 REFMAC      5.8.0238 ?               program 'Garib N. Murshudov' garib@ysbl.york.ac.uk    refinement        
http://www.ccp4.ac.uk/dist/html/refmac5.html        Fortran_77 ? 
2 Aimless     0.7.1    27/03/18        program 'Phil Evans'         ?                        'data scaling'    
http://www.mrc-lmb.cam.ac.uk/harry/pre/aimless.html ?          ? 
3 PDB_EXTRACT 3.23     'SEP. 23, 2016' package PDB                  deposit@deposit.rcsb.org 'data extraction' 
http://sw-tools.pdb.org/apps/PDB_EXTRACT/           C++        ? 
4 XDS         .        ?               program ?                    ?                        'data reduction'  ? ?          ? 
5 REFMAC      .        ?               program ?                    ?                        phasing           ? ?          ? 
# 
_cell.entry_id           5QRW 
_cell.length_a           60.141 
_cell.length_b           60.141 
_cell.length_c           109.994 
_cell.angle_alpha        90.000 
_cell.angle_beta         90.000 
_cell.angle_gamma        90.000 
_cell.Z_PDB              8 
_cell.pdbx_unique_axis   ? 
# 
_symmetry.entry_id                         5QRW 
_symmetry.Int_Tables_number                91 
_symmetry.space_group_name_H-M             'P 41 2 2' 
_symmetry.pdbx_full_space_group_name_H-M   ? 
_symmetry.cell_setting                     ? 
# 
_exptl.crystals_number   1 
_exptl.entry_id          5QRW 
_exptl.method            'X-RAY DIFFRACTION' 
# 
_exptl_crystal.id                    1 
_exptl_crystal.pdbx_mosaicity        0.000 
_exptl_crystal.pdbx_mosaicity_esd    ? 
_exptl_crystal.density_Matthews      2.54 
_exptl_crystal.density_diffrn        ? 
_exptl_crystal.density_meas          ? 
_exptl_crystal.density_meas_temp     ? 
_exptl_crystal.density_percent_sol   51.53 
_exptl_crystal.size_max              ? 
_exptl_crystal.size_mid              ? 
_exptl_crystal.size_min              ? 
_exptl_crystal.size_rad              ? 
_exptl_crystal.description           ? 
# 
_exptl_crystal_grow.crystal_id      1 
_exptl_crystal_grow.method          'VAPOR DIFFUSION, SITTING DROP' 
_exptl_crystal_grow.pH              4.5 
_exptl_crystal_grow.temp            298 
_exptl_crystal_grow.pdbx_details    '0.1 M CdCl, 0.1 M Acetate pH 4.5, 32% PEG 400' 
_exptl_crystal_grow.temp_details    ? 
_exptl_crystal_grow.pdbx_pH_range   ? 
# 
_diffrn.id                     1 
_diffrn.ambient_temp           100 
_diffrn.crystal_id             1 
_diffrn.ambient_temp_details   ? 
# 
_diffrn_detector.detector               PIXEL 
_diffrn_detector.type                   'DECTRIS PILATUS 6M' 
_diffrn_detector.pdbx_collection_date   2018-07-22 
_diffrn_detector.diffrn_id              1 
_diffrn_detector.details                ? 
# 
_diffrn_radiation.diffrn_id                        1 
_diffrn_radiation.wavelength_id                    1 
_diffrn_radiation.pdbx_diffrn_protocol             'SINGLE WAVELENGTH' 
_diffrn_radiation.pdbx_monochromatic_or_laue_m_l   M 
_diffrn_radiation.monochromator                    ? 
_diffrn_radiation.pdbx_scattering_type             x-ray 
# 
_diffrn_radiation_wavelength.id           1 
_diffrn_radiation_wavelength.wavelength   0.91587 
_diffrn_radiation_wavelength.wt           1.0 
# 
_diffrn_source.diffrn_id                   1 
_diffrn_source.source                      SYNCHROTRON 
_diffrn_source.type                        'DIAMOND BEAMLINE I04-1' 
_diffrn_source.pdbx_wavelength_list        0.91587 
_diffrn_source.pdbx_synchrotron_site       Diamond 
_diffrn_source.pdbx_synchrotron_beamline   I04-1 
_diffrn_source.pdbx_wavelength             ? 
# 
_reflns.entry_id                     5QRW 
_reflns.pdbx_diffrn_id               1 
_reflns.pdbx_ordinal                 1 
_reflns.observed_criterion_sigma_I   ? 
_reflns.observed_criterion_sigma_F   ? 
_reflns.d_resolution_low             55.010 
_reflns.d_resolution_high            1.740 
_reflns.number_obs                   21501 
_reflns.number_all                   ? 
_reflns.percent_possible_obs         100.000 
_reflns.pdbx_Rmerge_I_obs            0.124 
_reflns.pdbx_Rsym_value              ? 
_reflns.pdbx_netI_over_sigmaI        10.300 
_reflns.B_iso_Wilson_estimate        ? 
_reflns.pdbx_redundancy              12.600 
_reflns.pdbx_Rrim_I_all              0.129 
_reflns.pdbx_Rpim_I_all              0.037 
_reflns.pdbx_CC_half                 0.993 
_reflns.pdbx_netI_over_av_sigmaI     ? 
_reflns.pdbx_number_measured_all     270320 
_reflns.pdbx_scaling_rejects         267 
_reflns.pdbx_chi_squared             ? 
_reflns.Rmerge_F_all                 ? 
_reflns.Rmerge_F_obs                 ? 
_reflns.observed_criterion_F_max     ? 
_reflns.observed_criterion_F_min     ? 
_reflns.observed_criterion_I_max     ? 
_reflns.observed_criterion_I_min     ? 
_reflns.pdbx_d_res_high_opt          ? 
_reflns.pdbx_d_res_low_opt           ? 
_reflns.details                      ? 
# 
loop_
_reflns_shell.pdbx_diffrn_id 
_reflns_shell.pdbx_ordinal 
_reflns_shell.d_res_high 
_reflns_shell.d_res_low 
_reflns_shell.number_measured_obs 
_reflns_shell.number_measured_all 
_reflns_shell.number_unique_obs 
_reflns_shell.pdbx_rejects 
_reflns_shell.Rmerge_I_obs 
_reflns_shell.meanI_over_sigI_obs 
_reflns_shell.pdbx_Rsym_value 
_reflns_shell.pdbx_chi_squared 
_reflns_shell.pdbx_redundancy 
_reflns_shell.percent_possible_obs 
_reflns_shell.pdbx_netI_over_sigmaI_obs 
_reflns_shell.number_possible 
_reflns_shell.number_unique_all 
_reflns_shell.Rmerge_F_all 
_reflns_shell.Rmerge_F_obs 
_reflns_shell.Rmerge_I_all 
_reflns_shell.meanI_over_sigI_all 
_reflns_shell.percent_possible_all 
_reflns_shell.pdbx_Rrim_I_all 
_reflns_shell.pdbx_Rpim_I_all 
_reflns_shell.pdbx_CC_half 
1 1 1.740 1.790  ? 20224 ? ? 2.283 ? ? ? 13.100 ? 1.100  ? 1542 ? ? ? ? 100.000 2.375 0.651 0.799 
1 2 7.780 55.010 ? 3256  ? ? 0.068 ? ? ? 10.500 ? 27.300 ? 311  ? ? ? ? 99.800  0.072 0.023 0.964 
# 
_refine.entry_id                                 5QRW 
_refine.pdbx_refine_id                           'X-RAY DIFFRACTION' 
_refine.ls_d_res_high                            1.7400 
_refine.ls_d_res_low                             52.8200 
_refine.pdbx_ls_sigma_F                          0.000 
_refine.pdbx_data_cutoff_high_absF               ? 
_refine.pdbx_data_cutoff_low_absF                ? 
_refine.ls_percent_reflns_obs                    99.9200 
_refine.ls_number_reflns_obs                     20415 
_refine.ls_number_reflns_all                     ? 
_refine.pdbx_ls_cross_valid_method               THROUGHOUT 
_refine.ls_matrix_type                           ? 
_refine.pdbx_R_Free_selection_details            RANDOM 
_refine.details                                  
'HYDROGENS HAVE BEEN ADDED IN THE RIDING POSITIONS U VALUES      : REFINED INDIVIDUALLY' 
_refine.ls_R_factor_all                          ? 
_refine.ls_R_factor_obs                          0.2254 
_refine.ls_R_factor_R_work                       0.2237 
_refine.ls_wR_factor_R_work                      ? 
_refine.ls_R_factor_R_free                       0.2619 
_refine.ls_wR_factor_R_free                      ? 
_refine.ls_percent_reflns_R_free                 4.8000 
_refine.ls_number_reflns_R_free                  1037 
_refine.ls_number_reflns_R_work                  ? 
_refine.ls_R_factor_R_free_error                 ? 
_refine.B_iso_mean                               39.1620 
_refine.solvent_model_param_bsol                 ? 
_refine.solvent_model_param_ksol                 ? 
_refine.pdbx_isotropic_thermal_model             ? 
_refine.aniso_B[1][1]                            1.6400 
_refine.aniso_B[2][2]                            1.6400 
_refine.aniso_B[3][3]                            -3.2800 
_refine.aniso_B[1][2]                            -0.0000 
_refine.aniso_B[1][3]                            -0.0000 
_refine.aniso_B[2][3]                            -0.0000 
_refine.correlation_coeff_Fo_to_Fc               0.9550 
_refine.correlation_coeff_Fo_to_Fc_free          0.9210 
_refine.overall_SU_R_Cruickshank_DPI             ? 
_refine.pdbx_overall_SU_R_free_Cruickshank_DPI   ? 
_refine.pdbx_overall_SU_R_Blow_DPI               ? 
_refine.pdbx_overall_SU_R_free_Blow_DPI          ? 
_refine.overall_SU_R_free                        ? 
_refine.pdbx_overall_ESU_R                       0.1570 
_refine.pdbx_overall_ESU_R_Free                  0.1440 
_refine.overall_SU_ML                            0.1320 
_refine.overall_SU_B                             4.4040 
_refine.solvent_model_details                    MASK 
_refine.pdbx_solvent_vdw_probe_radii             1.2000 
_refine.pdbx_solvent_ion_probe_radii             0.8000 
_refine.pdbx_solvent_shrinkage_radii             0.8000 
_refine.ls_number_parameters                     ? 
_refine.ls_number_restraints                     ? 
_refine.pdbx_starting_model                      6f58 
_refine.pdbx_method_to_determine_struct          'FOURIER SYNTHESIS' 
_refine.pdbx_stereochemistry_target_values       'MAXIMUM LIKELIHOOD' 
_refine.pdbx_stereochem_target_val_spec_case     ? 
_refine.overall_FOM_work_R_set                   ? 
_refine.B_iso_max                                113.670 
_refine.B_iso_min                                21.040 
_refine.pdbx_overall_phase_error                 ? 
_refine.occupancy_max                            ? 
_refine.occupancy_min                            ? 
_refine.pdbx_diffrn_id                           1 
_refine.pdbx_TLS_residual_ADP_flag               ? 
_refine.pdbx_ls_sigma_I                          ? 
_refine.pdbx_data_cutoff_high_rms_absF           ? 
_refine.ls_R_factor_R_free_error_details         ? 
# 
_refine_hist.cycle_id                         final 
_refine_hist.pdbx_refine_id                   'X-RAY DIFFRACTION' 
_refine_hist.d_res_high                       1.7400 
_refine_hist.d_res_low                        52.8200 
_refine_hist.pdbx_number_atoms_ligand         27 
_refine_hist.number_atoms_solvent             68 
_refine_hist.number_atoms_total               1464 
_refine_hist.pdbx_number_residues_total       172 
_refine_hist.pdbx_B_iso_mean_ligand           48.36 
_refine_hist.pdbx_B_iso_mean_solvent          38.89 
_refine_hist.pdbx_number_atoms_protein        1369 
_refine_hist.pdbx_number_atoms_nucleic_acid   0 
# 
loop_
_refine_ls_restr.pdbx_refine_id 
_refine_ls_restr.type 
_refine_ls_restr.number 
_refine_ls_restr.dev_ideal 
_refine_ls_restr.dev_ideal_target 
_refine_ls_restr.weight 
_refine_ls_restr.pdbx_restraint_function 
'X-RAY DIFFRACTION' r_bond_refined_d       2264 0.007  0.014  ? ? 
'X-RAY DIFFRACTION' r_bond_other_d         1750 0.001  0.017  ? ? 
'X-RAY DIFFRACTION' r_angle_refined_deg    2654 1.532  1.638  ? ? 
'X-RAY DIFFRACTION' r_angle_other_deg      4066 1.279  1.568  ? ? 
'X-RAY DIFFRACTION' r_dihedral_angle_1_deg 246  8.053  5.000  ? ? 
'X-RAY DIFFRACTION' r_dihedral_angle_2_deg 89   33.002 23.483 ? ? 
'X-RAY DIFFRACTION' r_dihedral_angle_3_deg 307  18.452 15.000 ? ? 
'X-RAY DIFFRACTION' r_dihedral_angle_4_deg 7    20.278 15.000 ? ? 
'X-RAY DIFFRACTION' r_chiral_restr         242  0.073  0.200  ? ? 
'X-RAY DIFFRACTION' r_gen_planes_refined   2212 0.008  0.020  ? ? 
'X-RAY DIFFRACTION' r_gen_planes_other     401  0.002  0.020  ? ? 
'X-RAY DIFFRACTION' r_mcbond_it            1113 3.057  3.980  ? ? 
'X-RAY DIFFRACTION' r_mcbond_other         1101 3.065  3.983  ? ? 
'X-RAY DIFFRACTION' r_mcangle_it           1202 5.029  5.973  ? ? 
# 
_refine_ls_shell.d_res_high                       1.7400 
_refine_ls_shell.d_res_low                        1.7850 
_refine_ls_shell.pdbx_total_number_of_bins_used   20 
_refine_ls_shell.percent_reflns_obs               99.3500 
_refine_ls_shell.number_reflns_R_work             1445 
_refine_ls_shell.R_factor_all                     ? 
_refine_ls_shell.R_factor_R_work                  0.3320 
_refine_ls_shell.R_factor_R_free                  0.3400 
_refine_ls_shell.percent_reflns_R_free            ? 
_refine_ls_shell.number_reflns_R_free             83 
_refine_ls_shell.R_factor_R_free_error            ? 
_refine_ls_shell.number_reflns_all                1528 
_refine_ls_shell.number_reflns_obs                ? 
_refine_ls_shell.pdbx_refine_id                   'X-RAY DIFFRACTION' 
# 
_struct.entry_id                  5QRW 
_struct.title                     
'PanDDA analysis group deposition -- Crystal Structure of human Brachyury in complex with Z1509882419' 
_struct.pdbx_model_details        ? 
_struct.pdbx_CASP_flag            ? 
_struct.pdbx_model_type_details   ? 
# 
_struct_keywords.entry_id        5QRW 
_struct_keywords.text            'SGC - Diamond I04-1 fragment screening, PanDDA, XChemExplorer, TRANSCRIPTION' 
_struct_keywords.pdbx_keywords   TRANSCRIPTION 
# 
loop_
_struct_asym.id 
_struct_asym.pdbx_blank_PDB_chainid_flag 
_struct_asym.pdbx_modified 
_struct_asym.entity_id 
_struct_asym.details 
A N N 1 ? 
B N N 2 ? 
C N N 2 ? 
D N N 2 ? 
E N N 2 ? 
F N N 3 ? 
G N N 3 ? 
H N N 4 ? 
# 
_struct_ref.id                         1 
_struct_ref.db_name                    UNP 
_struct_ref.db_code                    TBXT_HUMAN 
_struct_ref.pdbx_db_accession          O15178 
_struct_ref.pdbx_db_isoform            ? 
_struct_ref.entity_id                  1 
_struct_ref.pdbx_seq_one_letter_code   
;ELRVGLEESELWLRFKELTNEMIVTKNGRRMFPVLKVNVSGLDPNAMYSFLLDFVAADNHRWKYVNGEWVPGGKPEPQAP
SCVYIHPDSPNFGAHWMKAPVSFSKVKLTNKLNGGGQIMLNSLHKYEPRIHIVRVGGPQRMITSHCFPETQFIAVTAYQN
EEITALKIKYN
;
_struct_ref.pdbx_align_begin           41 
# 
_struct_ref_seq.align_id                      1 
_struct_ref_seq.ref_id                        1 
_struct_ref_seq.pdbx_PDB_id_code              5QRW 
_struct_ref_seq.pdbx_strand_id                A 
_struct_ref_seq.seq_align_beg                 2 
_struct_ref_seq.pdbx_seq_align_beg_ins_code   ? 
_struct_ref_seq.seq_align_end                 172 
_struct_ref_seq.pdbx_seq_align_end_ins_code   ? 
_struct_ref_seq.pdbx_db_accession             O15178 
_struct_ref_seq.db_align_beg                  41 
_struct_ref_seq.pdbx_db_align_beg_ins_code    ? 
_struct_ref_seq.db_align_end                  211 
_struct_ref_seq.pdbx_db_align_end_ins_code    ? 
_struct_ref_seq.pdbx_auth_seq_align_beg       41 
_struct_ref_seq.pdbx_auth_seq_align_end       211 
# 
_struct_ref_seq_dif.align_id                     1 
_struct_ref_seq_dif.pdbx_pdb_id_code             5QRW 
_struct_ref_seq_dif.mon_id                       GLY 
_struct_ref_seq_dif.pdbx_pdb_strand_id           A 
_struct_ref_seq_dif.seq_num                      1 
_struct_ref_seq_dif.pdbx_pdb_ins_code            ? 
_struct_ref_seq_dif.pdbx_seq_db_name             UNP 
_struct_ref_seq_dif.pdbx_seq_db_accession_code   O15178 
_struct_ref_seq_dif.db_mon_id                    ? 
_struct_ref_seq_dif.pdbx_seq_db_seq_num          ? 
_struct_ref_seq_dif.details                      'expression tag' 
_struct_ref_seq_dif.pdbx_auth_seq_num            40 
_struct_ref_seq_dif.pdbx_ordinal                 1 
# 
_pdbx_struct_assembly.id                   1 
_pdbx_struct_assembly.details              author_defined_assembly 
_pdbx_struct_assembly.method_details       ? 
_pdbx_struct_assembly.oligomeric_details   monomeric 
_pdbx_struct_assembly.oligomeric_count     1 
# 
_pdbx_struct_assembly_gen.assembly_id       1 
_pdbx_struct_assembly_gen.oper_expression   1 
_pdbx_struct_assembly_gen.asym_id_list      A,B,C,D,E,F,G,H 
# 
_pdbx_struct_oper_list.id                   1 
_pdbx_struct_oper_list.type                 'identity operation' 
_pdbx_struct_oper_list.name                 1_555 
_pdbx_struct_oper_list.symmetry_operation   x,y,z 
_pdbx_struct_oper_list.matrix[1][1]         1.0000000000 
_pdbx_struct_oper_list.matrix[1][2]         0.0000000000 
_pdbx_struct_oper_list.matrix[1][3]         0.0000000000 
_pdbx_struct_oper_list.vector[1]            0.0000000000 
_pdbx_struct_oper_list.matrix[2][1]         0.0000000000 
_pdbx_struct_oper_list.matrix[2][2]         1.0000000000 
_pdbx_struct_oper_list.matrix[2][3]         0.0000000000 
_pdbx_struct_oper_list.vector[2]            0.0000000000 
_pdbx_struct_oper_list.matrix[3][1]         0.0000000000 
_pdbx_struct_oper_list.matrix[3][2]         0.0000000000 
_pdbx_struct_oper_list.matrix[3][3]         1.0000000000 
_pdbx_struct_oper_list.vector[3]            0.0000000000 
# 
loop_
_struct_conf.conf_type_id 
_struct_conf.id 
_struct_conf.pdbx_PDB_helix_id 
_struct_conf.beg_label_comp_id 
_struct_conf.beg_label_asym_id 
_struct_conf.beg_label_seq_id 
_struct_conf.pdbx_beg_PDB_ins_code 
_struct_conf.end_label_comp_id 
_struct_conf.end_label_asym_id 
_struct_conf.end_label_seq_id 
_struct_conf.pdbx_end_PDB_ins_code 
_struct_conf.beg_auth_comp_id 
_struct_conf.beg_auth_asym_id 
_struct_conf.beg_auth_seq_id 
_struct_conf.end_auth_comp_id 
_struct_conf.end_auth_asym_id 
_struct_conf.end_auth_seq_id 
_struct_conf.pdbx_PDB_helix_class 
_struct_conf.details 
_struct_conf.pdbx_PDB_helix_length 
HELX_P HELX_P1 AA1 GLU A 9   ? LEU A 19  ? GLU A 48  LEU A 58  1 ? 11 
HELX_P HELX_P2 AA2 GLY A 94  ? LYS A 99  ? GLY A 133 LYS A 138 1 ? 6  
HELX_P HELX_P3 AA3 PRO A 149 ? GLN A 152 ? PRO A 188 GLN A 191 5 ? 4  
HELX_P HELX_P4 AA4 ASN A 161 ? ASN A 172 ? ASN A 200 ASN A 211 1 ? 12 
# 
_struct_conf_type.id          HELX_P 
_struct_conf_type.criteria    ? 
_struct_conf_type.reference   ? 
# 
loop_
_struct_conn.id 
_struct_conn.conn_type_id 
_struct_conn.pdbx_leaving_atom_flag 
_struct_conn.pdbx_PDB_id 
_struct_conn.ptnr1_label_asym_id 
_struct_conn.ptnr1_label_comp_id 
_struct_conn.ptnr1_label_seq_id 
_struct_conn.ptnr1_label_atom_id 
_struct_conn.pdbx_ptnr1_label_alt_id 
_struct_conn.pdbx_ptnr1_PDB_ins_code 
_struct_conn.pdbx_ptnr1_standard_comp_id 
_struct_conn.ptnr1_symmetry 
_struct_conn.ptnr2_label_asym_id 
_struct_conn.ptnr2_label_comp_id 
_struct_conn.ptnr2_label_seq_id 
_struct_conn.ptnr2_label_atom_id 
_struct_conn.pdbx_ptnr2_label_alt_id 
_struct_conn.pdbx_ptnr2_PDB_ins_code 
_struct_conn.ptnr1_auth_asym_id 
_struct_conn.ptnr1_auth_comp_id 
_struct_conn.ptnr1_auth_seq_id 
_struct_conn.ptnr2_auth_asym_id 
_struct_conn.ptnr2_auth_comp_id 
_struct_conn.ptnr2_auth_seq_id 
_struct_conn.ptnr2_symmetry 
_struct_conn.pdbx_ptnr3_label_atom_id 
_struct_conn.pdbx_ptnr3_label_seq_id 
_struct_conn.pdbx_ptnr3_label_comp_id 
_struct_conn.pdbx_ptnr3_label_asym_id 
_struct_conn.pdbx_ptnr3_label_alt_id 
_struct_conn.pdbx_ptnr3_PDB_ins_code 
_struct_conn.details 
_struct_conn.pdbx_dist_value 
_struct_conn.pdbx_value_order 
_struct_conn.pdbx_role 
metalc1  metalc ? ? A HIS 61  NE2 ? ? ? 1_555 E CD  . CD ? ? A HIS 100 A CD  304 1_555 ? ? ? ? ? ? ? 2.191 ? ? 
metalc2  metalc ? ? A CYS 83  SG  ? ? ? 1_555 D CD  . CD ? ? A CYS 122 A CD  303 1_555 ? ? ? ? ? ? ? 2.589 ? ? 
metalc3  metalc ? ? A GLU 128 OE1 ? ? ? 1_555 B CD  . CD ? ? A GLU 167 A CD  301 1_555 ? ? ? ? ? ? ? 2.489 ? ? 
metalc4  metalc ? ? A GLU 128 OE1 ? ? ? 1_555 B CD  . CD ? ? A GLU 167 A CD  301 5_655 ? ? ? ? ? ? ? 2.488 ? ? 
metalc5  metalc ? ? A GLU 128 OE1 ? ? ? 1_555 C CD  . CD ? ? A GLU 167 A CD  302 1_555 ? ? ? ? ? ? ? 2.660 ? ? 
metalc6  metalc ? ? A GLU 128 OE2 ? ? ? 1_555 C CD  . CD ? ? A GLU 167 A CD  302 1_555 ? ? ? ? ? ? ? 2.315 ? ? 
metalc7  metalc ? ? A CYS 147 SG  A ? ? 1_555 B CD  . CD ? ? A CYS 186 A CD  301 1_555 ? ? ? ? ? ? ? 2.429 ? ? 
metalc8  metalc ? ? A CYS 147 SG  B ? ? 1_555 B CD  . CD ? ? A CYS 186 A CD  301 1_555 ? ? ? ? ? ? ? 2.475 ? ? 
metalc9  metalc ? ? A CYS 147 SG  A ? ? 1_555 B CD  . CD ? ? A CYS 186 A CD  301 5_655 ? ? ? ? ? ? ? 2.429 ? ? 
metalc10 metalc ? ? A CYS 147 SG  B ? ? 1_555 B CD  . CD ? ? A CYS 186 A CD  301 5_655 ? ? ? ? ? ? ? 2.475 ? ? 
metalc11 metalc ? ? A CYS 147 SG  A ? ? 1_555 C CD  . CD ? ? A CYS 186 A CD  302 5_655 ? ? ? ? ? ? ? 2.525 ? ? 
metalc12 metalc ? ? A CYS 147 SG  B ? ? 1_555 C CD  . CD ? ? A CYS 186 A CD  302 5_655 ? ? ? ? ? ? ? 2.481 ? ? 
metalc13 metalc ? ? B CD  .   CD  ? ? ? 1_555 H HOH . O  ? ? A CD  301 A HOH 455 1_555 ? ? ? ? ? ? ? 2.506 ? ? 
metalc14 metalc ? ? B CD  .   CD  ? ? ? 1_555 H HOH . O  ? ? A CD  301 A HOH 455 5_655 ? ? ? ? ? ? ? 2.505 ? ? 
metalc15 metalc ? ? C CD  .   CD  ? ? ? 1_555 H HOH . O  ? ? A CD  302 A HOH 451 5_655 ? ? ? ? ? ? ? 2.162 ? ? 
metalc16 metalc ? ? C CD  .   CD  ? ? ? 1_555 H HOH . O  ? ? A CD  302 A HOH 457 1_555 ? ? ? ? ? ? ? 2.417 ? ? 
metalc17 metalc ? ? D CD  .   CD  ? ? ? 1_555 F NYV . N2 ? ? A CD  303 A NYV 305 1_555 ? ? ? ? ? ? ? 2.407 ? ? 
metalc18 metalc ? ? D CD  .   CD  ? ? ? 1_555 H HOH . O  ? ? A CD  303 A HOH 462 1_555 ? ? ? ? ? ? ? 2.094 ? ? 
metalc19 metalc ? ? E CD  .   CD  ? ? ? 1_555 H HOH . O  ? ? A CD  304 A HOH 456 1_555 ? ? ? ? ? ? ? 2.345 ? ? 
metalc20 metalc ? ? E CD  .   CD  ? ? ? 1_555 H HOH . O  ? ? A CD  304 A HOH 458 1_555 ? ? ? ? ? ? ? 2.438 ? ? 
metalc21 metalc ? ? E CD  .   CD  ? ? ? 1_555 H HOH . O  ? ? A CD  304 A HOH 461 1_555 ? ? ? ? ? ? ? 2.295 ? ? 
# 
_struct_conn_type.id          metalc 
_struct_conn_type.criteria    ? 
_struct_conn_type.reference   ? 
# 
loop_
_pdbx_struct_conn_angle.id 
_pdbx_struct_conn_angle.ptnr1_label_atom_id 
_pdbx_struct_conn_angle.ptnr1_label_alt_id 
_pdbx_struct_conn_angle.ptnr1_label_asym_id 
_pdbx_struct_conn_angle.ptnr1_label_comp_id 
_pdbx_struct_conn_angle.ptnr1_label_seq_id 
_pdbx_struct_conn_angle.ptnr1_auth_atom_id 
_pdbx_struct_conn_angle.ptnr1_auth_asym_id 
_pdbx_struct_conn_angle.ptnr1_auth_comp_id 
_pdbx_struct_conn_angle.ptnr1_auth_seq_id 
_pdbx_struct_conn_angle.ptnr1_PDB_ins_code 
_pdbx_struct_conn_angle.ptnr1_symmetry 
_pdbx_struct_conn_angle.ptnr2_label_atom_id 
_pdbx_struct_conn_angle.ptnr2_label_alt_id 
_pdbx_struct_conn_angle.ptnr2_label_asym_id 
_pdbx_struct_conn_angle.ptnr2_label_comp_id 
_pdbx_struct_conn_angle.ptnr2_label_seq_id 
_pdbx_struct_conn_angle.ptnr2_auth_atom_id 
_pdbx_struct_conn_angle.ptnr2_auth_asym_id 
_pdbx_struct_conn_angle.ptnr2_auth_comp_id 
_pdbx_struct_conn_angle.ptnr2_auth_seq_id 
_pdbx_struct_conn_angle.ptnr2_PDB_ins_code 
_pdbx_struct_conn_angle.ptnr2_symmetry 
_pdbx_struct_conn_angle.ptnr3_label_atom_id 
_pdbx_struct_conn_angle.ptnr3_label_alt_id 
_pdbx_struct_conn_angle.ptnr3_label_asym_id 
_pdbx_struct_conn_angle.ptnr3_label_comp_id 
_pdbx_struct_conn_angle.ptnr3_label_seq_id 
_pdbx_struct_conn_angle.ptnr3_auth_atom_id 
_pdbx_struct_conn_angle.ptnr3_auth_asym_id 
_pdbx_struct_conn_angle.ptnr3_auth_comp_id 
_pdbx_struct_conn_angle.ptnr3_auth_seq_id 
_pdbx_struct_conn_angle.ptnr3_PDB_ins_code 
_pdbx_struct_conn_angle.ptnr3_symmetry 
_pdbx_struct_conn_angle.value 
_pdbx_struct_conn_angle.value_esd 
1  NE2 ? A HIS 61  ? A HIS 100 ? 1_555 CD ? E CD . ? A CD 304 ? 1_555 O   ? H HOH .   ? A HOH 456 ? 1_555 100.9 ? 
2  NE2 ? A HIS 61  ? A HIS 100 ? 1_555 CD ? E CD . ? A CD 304 ? 1_555 O   ? H HOH .   ? A HOH 458 ? 1_555 101.2 ? 
3  O   ? H HOH .   ? A HOH 456 ? 1_555 CD ? E CD . ? A CD 304 ? 1_555 O   ? H HOH .   ? A HOH 458 ? 1_555 120.3 ? 
4  NE2 ? A HIS 61  ? A HIS 100 ? 1_555 CD ? E CD . ? A CD 304 ? 1_555 O   ? H HOH .   ? A HOH 461 ? 1_555 114.6 ? 
5  O   ? H HOH .   ? A HOH 456 ? 1_555 CD ? E CD . ? A CD 304 ? 1_555 O   ? H HOH .   ? A HOH 461 ? 1_555 106.9 ? 
6  O   ? H HOH .   ? A HOH 458 ? 1_555 CD ? E CD . ? A CD 304 ? 1_555 O   ? H HOH .   ? A HOH 461 ? 1_555 112.5 ? 
7  SG  ? A CYS 83  ? A CYS 122 ? 1_555 CD ? D CD . ? A CD 303 ? 1_555 N2  ? F NYV .   ? A NYV 305 ? 1_555 97.4  ? 
8  SG  ? A CYS 83  ? A CYS 122 ? 1_555 CD ? D CD . ? A CD 303 ? 1_555 O   ? H HOH .   ? A HOH 462 ? 1_555 144.3 ? 
9  N2  ? F NYV .   ? A NYV 305 ? 1_555 CD ? D CD . ? A CD 303 ? 1_555 O   ? H HOH .   ? A HOH 462 ? 1_555 117.9 ? 
10 OE1 ? A GLU 128 ? A GLU 167 ? 1_555 CD ? B CD . ? A CD 301 ? 1_555 OE1 ? A GLU 128 ? A GLU 167 ? 1_555 0.0   ? 
11 OE1 ? A GLU 128 ? A GLU 167 ? 1_555 CD ? B CD . ? A CD 301 ? 1_555 SG  A A CYS 147 ? A CYS 186 ? 1_555 93.7  ? 
12 OE1 ? A GLU 128 ? A GLU 167 ? 1_555 CD ? B CD . ? A CD 301 ? 1_555 SG  A A CYS 147 ? A CYS 186 ? 1_555 93.7  ? 
13 OE1 ? A GLU 128 ? A GLU 167 ? 1_555 CD ? B CD . ? A CD 301 ? 1_555 SG  B A CYS 147 ? A CYS 186 ? 1_555 89.2  ? 
14 OE1 ? A GLU 128 ? A GLU 167 ? 1_555 CD ? B CD . ? A CD 301 ? 1_555 SG  B A CYS 147 ? A CYS 186 ? 1_555 89.2  ? 
15 SG  A A CYS 147 ? A CYS 186 ? 1_555 CD ? B CD . ? A CD 301 ? 1_555 SG  B A CYS 147 ? A CYS 186 ? 1_555 38.5  ? 
16 OE1 ? A GLU 128 ? A GLU 167 ? 1_555 CD ? B CD . ? A CD 301 ? 1_555 SG  A A CYS 147 ? A CYS 186 ? 1_555 93.7  ? 
17 OE1 ? A GLU 128 ? A GLU 167 ? 1_555 CD ? B CD . ? A CD 301 ? 1_555 SG  A A CYS 147 ? A CYS 186 ? 1_555 93.7  ? 
18 SG  A A CYS 147 ? A CYS 186 ? 1_555 CD ? B CD . ? A CD 301 ? 1_555 SG  A A CYS 147 ? A CYS 186 ? 1_555 0.0   ? 
19 SG  B A CYS 147 ? A CYS 186 ? 1_555 CD ? B CD . ? A CD 301 ? 1_555 SG  A A CYS 147 ? A CYS 186 ? 1_555 38.5  ? 
20 OE1 ? A GLU 128 ? A GLU 167 ? 1_555 CD ? B CD . ? A CD 301 ? 1_555 SG  B A CYS 147 ? A CYS 186 ? 1_555 89.2  ? 
21 OE1 ? A GLU 128 ? A GLU 167 ? 1_555 CD ? B CD . ? A CD 301 ? 1_555 SG  B A CYS 147 ? A CYS 186 ? 1_555 89.2  ? 
22 SG  A A CYS 147 ? A CYS 186 ? 1_555 CD ? B CD . ? A CD 301 ? 1_555 SG  B A CYS 147 ? A CYS 186 ? 1_555 38.5  ? 
23 SG  B A CYS 147 ? A CYS 186 ? 1_555 CD ? B CD . ? A CD 301 ? 1_555 SG  B A CYS 147 ? A CYS 186 ? 1_555 0.0   ? 
24 SG  A A CYS 147 ? A CYS 186 ? 1_555 CD ? B CD . ? A CD 301 ? 1_555 SG  B A CYS 147 ? A CYS 186 ? 1_555 38.5  ? 
25 OE1 ? A GLU 128 ? A GLU 167 ? 1_555 CD ? B CD . ? A CD 301 ? 1_555 O   ? H HOH .   ? A HOH 455 ? 1_555 88.6  ? 
26 OE1 ? A GLU 128 ? A GLU 167 ? 1_555 CD ? B CD . ? A CD 301 ? 1_555 O   ? H HOH .   ? A HOH 455 ? 1_555 88.6  ? 
27 SG  A A CYS 147 ? A CYS 186 ? 1_555 CD ? B CD . ? A CD 301 ? 1_555 O   ? H HOH .   ? A HOH 455 ? 1_555 76.6  ? 
28 SG  B A CYS 147 ? A CYS 186 ? 1_555 CD ? B CD . ? A CD 301 ? 1_555 O   ? H HOH .   ? A HOH 455 ? 1_555 114.8 ? 
29 SG  A A CYS 147 ? A CYS 186 ? 1_555 CD ? B CD . ? A CD 301 ? 1_555 O   ? H HOH .   ? A HOH 455 ? 1_555 76.6  ? 
30 SG  B A CYS 147 ? A CYS 186 ? 1_555 CD ? B CD . ? A CD 301 ? 1_555 O   ? H HOH .   ? A HOH 455 ? 1_555 114.8 ? 
31 OE1 ? A GLU 128 ? A GLU 167 ? 1_555 CD ? B CD . ? A CD 301 ? 1_555 O   ? H HOH .   ? A HOH 455 ? 5_655 94.8  ? 
32 OE1 ? A GLU 128 ? A GLU 167 ? 1_555 CD ? B CD . ? A CD 301 ? 1_555 O   ? H HOH .   ? A HOH 455 ? 5_655 94.8  ? 
33 SG  A A CYS 147 ? A CYS 186 ? 1_555 CD ? B CD . ? A CD 301 ? 1_555 O   ? H HOH .   ? A HOH 455 ? 5_655 116.7 ? 
34 SG  B A CYS 147 ? A CYS 186 ? 1_555 CD ? B CD . ? A CD 301 ? 1_555 O   ? H HOH .   ? A HOH 455 ? 5_655 155.2 ? 
35 SG  A A CYS 147 ? A CYS 186 ? 1_555 CD ? B CD . ? A CD 301 ? 1_555 O   ? H HOH .   ? A HOH 455 ? 5_655 116.7 ? 
36 SG  B A CYS 147 ? A CYS 186 ? 1_555 CD ? B CD . ? A CD 301 ? 1_555 O   ? H HOH .   ? A HOH 455 ? 5_655 155.2 ? 
37 O   ? H HOH .   ? A HOH 455 ? 1_555 CD ? B CD . ? A CD 301 ? 1_555 O   ? H HOH .   ? A HOH 455 ? 5_655 41.1  ? 
38 OE1 ? A GLU 128 ? A GLU 167 ? 1_555 CD ? C CD . ? A CD 302 ? 1_555 OE2 ? A GLU 128 ? A GLU 167 ? 1_555 52.4  ? 
39 OE1 ? A GLU 128 ? A GLU 167 ? 1_555 CD ? C CD . ? A CD 302 ? 1_555 SG  A A CYS 147 ? A CYS 186 ? 1_555 33.6  ? 
40 OE2 ? A GLU 128 ? A GLU 167 ? 1_555 CD ? C CD . ? A CD 302 ? 1_555 SG  A A CYS 147 ? A CYS 186 ? 1_555 75.6  ? 
41 OE1 ? A GLU 128 ? A GLU 167 ? 1_555 CD ? C CD . ? A CD 302 ? 1_555 SG  B A CYS 147 ? A CYS 186 ? 1_555 46.5  ? 
42 OE2 ? A GLU 128 ? A GLU 167 ? 1_555 CD ? C CD . ? A CD 302 ? 1_555 SG  B A CYS 147 ? A CYS 186 ? 1_555 77.4  ? 
43 SG  A A CYS 147 ? A CYS 186 ? 1_555 CD ? C CD . ? A CD 302 ? 1_555 SG  B A CYS 147 ? A CYS 186 ? 1_555 16.2  ? 
44 OE1 ? A GLU 128 ? A GLU 167 ? 1_555 CD ? C CD . ? A CD 302 ? 1_555 O   ? H HOH .   ? A HOH 451 ? 5_655 142.1 ? 
45 OE2 ? A GLU 128 ? A GLU 167 ? 1_555 CD ? C CD . ? A CD 302 ? 1_555 O   ? H HOH .   ? A HOH 451 ? 5_655 101.2 ? 
46 SG  A A CYS 147 ? A CYS 186 ? 1_555 CD ? C CD . ? A CD 302 ? 1_555 O   ? H HOH .   ? A HOH 451 ? 5_655 123.6 ? 
47 SG  B A CYS 147 ? A CYS 186 ? 1_555 CD ? C CD . ? A CD 302 ? 1_555 O   ? H HOH .   ? A HOH 451 ? 5_655 107.4 ? 
48 OE1 ? A GLU 128 ? A GLU 167 ? 1_555 CD ? C CD . ? A CD 302 ? 1_555 O   ? H HOH .   ? A HOH 457 ? 1_555 105.9 ? 
49 OE2 ? A GLU 128 ? A GLU 167 ? 1_555 CD ? C CD . ? A CD 302 ? 1_555 O   ? H HOH .   ? A HOH 457 ? 1_555 105.3 ? 
50 SG  A A CYS 147 ? A CYS 186 ? 1_555 CD ? C CD . ? A CD 302 ? 1_555 O   ? H HOH .   ? A HOH 457 ? 1_555 128.0 ? 
51 SG  B A CYS 147 ? A CYS 186 ? 1_555 CD ? C CD . ? A CD 302 ? 1_555 O   ? H HOH .   ? A HOH 457 ? 1_555 143.6 ? 
52 O   ? H HOH .   ? A HOH 451 ? 5_655 CD ? C CD . ? A CD 302 ? 1_555 O   ? H HOH .   ? A HOH 457 ? 1_555 107.6 ? 
# 
loop_
_struct_mon_prot_cis.pdbx_id 
_struct_mon_prot_cis.label_comp_id 
_struct_mon_prot_cis.label_seq_id 
_struct_mon_prot_cis.label_asym_id 
_struct_mon_prot_cis.label_alt_id 
_struct_mon_prot_cis.pdbx_PDB_ins_code 
_struct_mon_prot_cis.auth_comp_id 
_struct_mon_prot_cis.auth_seq_id 
_struct_mon_prot_cis.auth_asym_id 
_struct_mon_prot_cis.pdbx_label_comp_id_2 
_struct_mon_prot_cis.pdbx_label_seq_id_2 
_struct_mon_prot_cis.pdbx_label_asym_id_2 
_struct_mon_prot_cis.pdbx_PDB_ins_code_2 
_struct_mon_prot_cis.pdbx_auth_comp_id_2 
_struct_mon_prot_cis.pdbx_auth_seq_id_2 
_struct_mon_prot_cis.pdbx_auth_asym_id_2 
_struct_mon_prot_cis.pdbx_PDB_model_num 
_struct_mon_prot_cis.pdbx_omega_angle 
1 PHE 33 A . ? PHE 72  A PRO 34 A ? PRO 73  A 1 -7.81  
2 SER 90 A . ? SER 129 A PRO 91 A ? PRO 130 A 1 -15.95 
# 
loop_
_struct_sheet.id 
_struct_sheet.type 
_struct_sheet.number_strands 
_struct_sheet.details 
AA1 ? 3 ? 
AA2 ? 5 ? 
AA3 ? 4 ? 
AA4 ? 3 ? 
AA5 ? 2 ? 
# 
loop_
_struct_sheet_order.sheet_id 
_struct_sheet_order.range_id_1 
_struct_sheet_order.range_id_2 
_struct_sheet_order.offset 
_struct_sheet_order.sense 
AA1 1 2 ? anti-parallel 
AA1 2 3 ? anti-parallel 
AA2 1 2 ? parallel      
AA2 2 3 ? anti-parallel 
AA2 3 4 ? anti-parallel 
AA2 4 5 ? anti-parallel 
AA3 1 2 ? anti-parallel 
AA3 2 3 ? anti-parallel 
AA3 3 4 ? anti-parallel 
AA4 1 2 ? anti-parallel 
AA4 2 3 ? parallel      
AA5 1 2 ? anti-parallel 
# 
loop_
_struct_sheet_range.sheet_id 
_struct_sheet_range.id 
_struct_sheet_range.beg_label_comp_id 
_struct_sheet_range.beg_label_asym_id 
_struct_sheet_range.beg_label_seq_id 
_struct_sheet_range.pdbx_beg_PDB_ins_code 
_struct_sheet_range.end_label_comp_id 
_struct_sheet_range.end_label_asym_id 
_struct_sheet_range.end_label_seq_id 
_struct_sheet_range.pdbx_end_PDB_ins_code 
_struct_sheet_range.beg_auth_comp_id 
_struct_sheet_range.beg_auth_asym_id 
_struct_sheet_range.beg_auth_seq_id 
_struct_sheet_range.end_auth_comp_id 
_struct_sheet_range.end_auth_asym_id 
_struct_sheet_range.end_auth_seq_id 
AA1 1 ARG A 4   ? LEU A 7   ? ARG A 43  LEU A 46  
AA1 2 LYS A 37  ? SER A 41  ? LYS A 76  SER A 80  
AA1 3 VAL A 102 ? SER A 103 ? VAL A 141 SER A 142 
AA2 1 GLU A 22  ? ILE A 24  ? GLU A 61  ILE A 63  
AA2 2 PHE A 153 ? VAL A 156 ? PHE A 192 VAL A 195 
AA2 3 LYS A 126 ? VAL A 136 ? LYS A 165 VAL A 175 
AA2 4 MET A 48  ? ALA A 57  ? MET A 87  ALA A 96  
AA2 5 ASN A 92  ? PHE A 93  ? ASN A 131 PHE A 132 
AA3 1 TYR A 85  ? ILE A 86  ? TYR A 124 ILE A 125 
AA3 2 MET A 48  ? ALA A 57  ? MET A 87  ALA A 96  
AA3 3 LYS A 126 ? VAL A 136 ? LYS A 165 VAL A 175 
AA3 4 MET A 142 ? CYS A 147 ? MET A 181 CYS A 186 
AA4 1 ARG A 30  ? ARG A 31  ? ARG A 69  ARG A 70  
AA4 2 LYS A 108 ? THR A 110 ? LYS A 147 THR A 149 
AA4 3 ILE A 119 ? MET A 120 ? ILE A 158 MET A 159 
AA5 1 TRP A 63  ? VAL A 66  ? TRP A 102 VAL A 105 
AA5 2 GLU A 69  ? PRO A 72  ? GLU A 108 PRO A 111 
# 
loop_
_pdbx_struct_sheet_hbond.sheet_id 
_pdbx_struct_sheet_hbond.range_id_1 
_pdbx_struct_sheet_hbond.range_id_2 
_pdbx_struct_sheet_hbond.range_1_label_atom_id 
_pdbx_struct_sheet_hbond.range_1_label_comp_id 
_pdbx_struct_sheet_hbond.range_1_label_asym_id 
_pdbx_struct_sheet_hbond.range_1_label_seq_id 
_pdbx_struct_sheet_hbond.range_1_PDB_ins_code 
_pdbx_struct_sheet_hbond.range_1_auth_atom_id 
_pdbx_struct_sheet_hbond.range_1_auth_comp_id 
_pdbx_struct_sheet_hbond.range_1_auth_asym_id 
_pdbx_struct_sheet_hbond.range_1_auth_seq_id 
_pdbx_struct_sheet_hbond.range_2_label_atom_id 
_pdbx_struct_sheet_hbond.range_2_label_comp_id 
_pdbx_struct_sheet_hbond.range_2_label_asym_id 
_pdbx_struct_sheet_hbond.range_2_label_seq_id 
_pdbx_struct_sheet_hbond.range_2_PDB_ins_code 
_pdbx_struct_sheet_hbond.range_2_auth_atom_id 
_pdbx_struct_sheet_hbond.range_2_auth_comp_id 
_pdbx_struct_sheet_hbond.range_2_auth_asym_id 
_pdbx_struct_sheet_hbond.range_2_auth_seq_id 
AA1 1 2 N GLY A 6   ? N GLY A 45  O ASN A 39  ? O ASN A 78  
AA1 2 3 N VAL A 38  ? N VAL A 77  O VAL A 102 ? O VAL A 141 
AA2 1 2 N MET A 23  ? N MET A 62  O VAL A 156 ? O VAL A 195 
AA2 2 3 O PHE A 153 ? O PHE A 192 N TYR A 127 ? N TYR A 166 
AA2 3 4 O HIS A 132 ? O HIS A 171 N LEU A 52  ? N LEU A 91  
AA2 4 5 N TYR A 49  ? N TYR A 88  O ASN A 92  ? O ASN A 131 
AA3 1 2 O TYR A 85  ? O TYR A 124 N LEU A 53  ? N LEU A 92  
AA3 2 3 N LEU A 52  ? N LEU A 91  O HIS A 132 ? O HIS A 171 
AA3 3 4 N ILE A 133 ? N ILE A 172 O THR A 144 ? O THR A 183 
AA4 1 2 N ARG A 30  ? N ARG A 69  O LEU A 109 ? O LEU A 148 
AA4 2 3 N THR A 110 ? N THR A 149 O ILE A 119 ? O ILE A 158 
AA5 1 2 N VAL A 66  ? N VAL A 105 O GLU A 69  ? O GLU A 108 
# 
loop_
_struct_site.id 
_struct_site.pdbx_evidence_code 
_struct_site.pdbx_auth_asym_id 
_struct_site.pdbx_auth_comp_id 
_struct_site.pdbx_auth_seq_id 
_struct_site.pdbx_auth_ins_code 
_struct_site.pdbx_num_residues 
_struct_site.details 
AC1 Software A CD  301 ? 8 'binding site for residue CD A 301'  
AC2 Software A CD  302 ? 6 'binding site for residue CD A 302'  
AC3 Software A CD  303 ? 4 'binding site for residue CD A 303'  
AC4 Software A CD  304 ? 5 'binding site for residue CD A 304'  
AC5 Software A NYV 305 ? 6 'binding site for residue NYV A 305' 
AC6 Software A NYV 306 ? 6 'binding site for residue NYV A 306' 
# 
loop_
_struct_site_gen.id 
_struct_site_gen.site_id 
_struct_site_gen.pdbx_num_res 
_struct_site_gen.label_comp_id 
_struct_site_gen.label_asym_id 
_struct_site_gen.label_seq_id 
_struct_site_gen.pdbx_auth_ins_code 
_struct_site_gen.auth_comp_id 
_struct_site_gen.auth_asym_id 
_struct_site_gen.auth_seq_id 
_struct_site_gen.label_atom_id 
_struct_site_gen.label_alt_id 
_struct_site_gen.symmetry 
_struct_site_gen.details 
1  AC1 8 GLU A 128 ? GLU A 167 . ? 1_555 ? 
2  AC1 8 GLU A 128 ? GLU A 167 . ? 5_655 ? 
3  AC1 8 CYS A 147 ? CYS A 186 . ? 1_555 ? 
4  AC1 8 CYS A 147 ? CYS A 186 . ? 5_655 ? 
5  AC1 8 CD  C .   ? CD  A 302 . ? 1_555 ? 
6  AC1 8 CD  C .   ? CD  A 302 . ? 5_655 ? 
7  AC1 8 HOH H .   ? HOH A 455 . ? 5_655 ? 
8  AC1 8 HOH H .   ? HOH A 455 . ? 1_555 ? 
9  AC2 6 GLU A 128 ? GLU A 167 . ? 1_555 ? 
10 AC2 6 CYS A 147 ? CYS A 186 . ? 5_655 ? 
11 AC2 6 CD  B .   ? CD  A 301 . ? 5_655 ? 
12 AC2 6 CD  B .   ? CD  A 301 . ? 1_555 ? 
13 AC2 6 HOH H .   ? HOH A 451 . ? 5_655 ? 
14 AC2 6 HOH H .   ? HOH A 457 . ? 1_555 ? 
15 AC3 4 CYS A 83  ? CYS A 122 . ? 1_555 ? 
16 AC3 4 NYV F .   ? NYV A 305 . ? 1_555 ? 
17 AC3 4 HOH H .   ? HOH A 447 . ? 1_555 ? 
18 AC3 4 HOH H .   ? HOH A 462 . ? 1_555 ? 
19 AC4 5 LEU A 52  ? LEU A 91  . ? 5_655 ? 
20 AC4 5 HIS A 61  ? HIS A 100 . ? 1_555 ? 
21 AC4 5 HOH H .   ? HOH A 456 . ? 1_555 ? 
22 AC4 5 HOH H .   ? HOH A 458 . ? 1_555 ? 
23 AC4 5 HOH H .   ? HOH A 461 . ? 1_555 ? 
24 AC5 6 ALA A 80  ? ALA A 119 . ? 1_555 ? 
25 AC5 6 PRO A 81  ? PRO A 120 . ? 1_555 ? 
26 AC5 6 CYS A 83  ? CYS A 122 . ? 1_555 ? 
27 AC5 6 MET A 120 ? MET A 159 . ? 1_555 ? 
28 AC5 6 ASN A 122 ? ASN A 161 . ? 1_555 ? 
29 AC5 6 CD  D .   ? CD  A 303 . ? 1_555 ? 
30 AC6 6 SER A 123 ? SER A 162 . ? 1_555 ? 
31 AC6 6 LEU A 124 ? LEU A 163 . ? 1_555 ? 
32 AC6 6 VAL A 156 ? VAL A 195 . ? 1_555 ? 
33 AC6 6 THR A 157 ? THR A 196 . ? 1_555 ? 
34 AC6 6 ALA A 158 ? ALA A 197 . ? 1_555 ? 
35 AC6 6 GLN A 160 ? GLN A 199 . ? 1_555 ? 
# 
loop_
_pdbx_validate_torsion.id 
_pdbx_validate_torsion.PDB_model_num 
_pdbx_validate_torsion.auth_comp_id 
_pdbx_validate_torsion.auth_asym_id 
_pdbx_validate_torsion.auth_seq_id 
_pdbx_validate_torsion.PDB_ins_code 
_pdbx_validate_torsion.label_alt_id 
_pdbx_validate_torsion.phi 
_pdbx_validate_torsion.psi 
1 1 THR A 59  ? ? 67.19  106.43 
2 1 PHE A 143 ? ? -90.72 56.49  
# 
loop_
_pdbx_struct_special_symmetry.id 
_pdbx_struct_special_symmetry.PDB_model_num 
_pdbx_struct_special_symmetry.auth_asym_id 
_pdbx_struct_special_symmetry.auth_comp_id 
_pdbx_struct_special_symmetry.auth_seq_id 
_pdbx_struct_special_symmetry.PDB_ins_code 
_pdbx_struct_special_symmetry.label_asym_id 
_pdbx_struct_special_symmetry.label_comp_id 
_pdbx_struct_special_symmetry.label_seq_id 
1 1 A CD  301 ? B CD  . 
2 1 A HOH 415 ? H HOH . 
# 
_phasing.method   MR 
# 
_pdbx_entry_details.entry_id                 5QRW 
_pdbx_entry_details.has_ligand_of_interest   Y 
_pdbx_entry_details.compound_details         ? 
_pdbx_entry_details.source_details           ? 
_pdbx_entry_details.nonpolymer_details       ? 
_pdbx_entry_details.sequence_details         ? 
# 
_pdbx_unobs_or_zero_occ_residues.id               1 
_pdbx_unobs_or_zero_occ_residues.PDB_model_num    1 
_pdbx_unobs_or_zero_occ_residues.polymer_flag     Y 
_pdbx_unobs_or_zero_occ_residues.occupancy_flag   1 
_pdbx_unobs_or_zero_occ_residues.auth_asym_id     A 
_pdbx_unobs_or_zero_occ_residues.auth_comp_id     GLY 
_pdbx_unobs_or_zero_occ_residues.auth_seq_id      40 
_pdbx_unobs_or_zero_occ_residues.PDB_ins_code     ? 
_pdbx_unobs_or_zero_occ_residues.label_asym_id    A 
_pdbx_unobs_or_zero_occ_residues.label_comp_id    GLY 
_pdbx_unobs_or_zero_occ_residues.label_seq_id     1 
# 
loop_
_chem_comp_atom.comp_id 
_chem_comp_atom.atom_id 
_chem_comp_atom.type_symbol 
_chem_comp_atom.pdbx_aromatic_flag 
_chem_comp_atom.pdbx_stereo_config 
_chem_comp_atom.pdbx_ordinal 
ALA N    N  N N 1   
ALA CA   C  N S 2   
ALA C    C  N N 3   
ALA O    O  N N 4   
ALA CB   C  N N 5   
ALA OXT  O  N N 6   
ALA H    H  N N 7   
ALA H2   H  N N 8   
ALA HA   H  N N 9   
ALA HB1  H  N N 10  
ALA HB2  H  N N 11  
ALA HB3  H  N N 12  
ALA HXT  H  N N 13  
ARG N    N  N N 14  
ARG CA   C  N S 15  
ARG C    C  N N 16  
ARG O    O  N N 17  
ARG CB   C  N N 18  
ARG CG   C  N N 19  
ARG CD   C  N N 20  
ARG NE   N  N N 21  
ARG CZ   C  N N 22  
ARG NH1  N  N N 23  
ARG NH2  N  N N 24  
ARG OXT  O  N N 25  
ARG H    H  N N 26  
ARG H2   H  N N 27  
ARG HA   H  N N 28  
ARG HB2  H  N N 29  
ARG HB3  H  N N 30  
ARG HG2  H  N N 31  
ARG HG3  H  N N 32  
ARG HD2  H  N N 33  
ARG HD3  H  N N 34  
ARG HE   H  N N 35  
ARG HH11 H  N N 36  
ARG HH12 H  N N 37  
ARG HH21 H  N N 38  
ARG HH22 H  N N 39  
ARG HXT  H  N N 40  
ASN N    N  N N 41  
ASN CA   C  N S 42  
ASN C    C  N N 43  
ASN O    O  N N 44  
ASN CB   C  N N 45  
ASN CG   C  N N 46  
ASN OD1  O  N N 47  
ASN ND2  N  N N 48  
ASN OXT  O  N N 49  
ASN H    H  N N 50  
ASN H2   H  N N 51  
ASN HA   H  N N 52  
ASN HB2  H  N N 53  
ASN HB3  H  N N 54  
ASN HD21 H  N N 55  
ASN HD22 H  N N 56  
ASN HXT  H  N N 57  
ASP N    N  N N 58  
ASP CA   C  N S 59  
ASP C    C  N N 60  
ASP O    O  N N 61  
ASP CB   C  N N 62  
ASP CG   C  N N 63  
ASP OD1  O  N N 64  
ASP OD2  O  N N 65  
ASP OXT  O  N N 66  
ASP H    H  N N 67  
ASP H2   H  N N 68  
ASP HA   H  N N 69  
ASP HB2  H  N N 70  
ASP HB3  H  N N 71  
ASP HD2  H  N N 72  
ASP HXT  H  N N 73  
CD  CD   CD N N 74  
CYS N    N  N N 75  
CYS CA   C  N R 76  
CYS C    C  N N 77  
CYS O    O  N N 78  
CYS CB   C  N N 79  
CYS SG   S  N N 80  
CYS OXT  O  N N 81  
CYS H    H  N N 82  
CYS H2   H  N N 83  
CYS HA   H  N N 84  
CYS HB2  H  N N 85  
CYS HB3  H  N N 86  
CYS HG   H  N N 87  
CYS HXT  H  N N 88  
GLN N    N  N N 89  
GLN CA   C  N S 90  
GLN C    C  N N 91  
GLN O    O  N N 92  
GLN CB   C  N N 93  
GLN CG   C  N N 94  
GLN CD   C  N N 95  
GLN OE1  O  N N 96  
GLN NE2  N  N N 97  
GLN OXT  O  N N 98  
GLN H    H  N N 99  
GLN H2   H  N N 100 
GLN HA   H  N N 101 
GLN HB2  H  N N 102 
GLN HB3  H  N N 103 
GLN HG2  H  N N 104 
GLN HG3  H  N N 105 
GLN HE21 H  N N 106 
GLN HE22 H  N N 107 
GLN HXT  H  N N 108 
GLU N    N  N N 109 
GLU CA   C  N S 110 
GLU C    C  N N 111 
GLU O    O  N N 112 
GLU CB   C  N N 113 
GLU CG   C  N N 114 
GLU CD   C  N N 115 
GLU OE1  O  N N 116 
GLU OE2  O  N N 117 
GLU OXT  O  N N 118 
GLU H    H  N N 119 
GLU H2   H  N N 120 
GLU HA   H  N N 121 
GLU HB2  H  N N 122 
GLU HB3  H  N N 123 
GLU HG2  H  N N 124 
GLU HG3  H  N N 125 
GLU HE2  H  N N 126 
GLU HXT  H  N N 127 
GLY N    N  N N 128 
GLY CA   C  N N 129 
GLY C    C  N N 130 
GLY O    O  N N 131 
GLY OXT  O  N N 132 
GLY H    H  N N 133 
GLY H2   H  N N 134 
GLY HA2  H  N N 135 
GLY HA3  H  N N 136 
GLY HXT  H  N N 137 
HIS N    N  N N 138 
HIS CA   C  N S 139 
HIS C    C  N N 140 
HIS O    O  N N 141 
HIS CB   C  N N 142 
HIS CG   C  Y N 143 
HIS ND1  N  Y N 144 
HIS CD2  C  Y N 145 
HIS CE1  C  Y N 146 
HIS NE2  N  Y N 147 
HIS OXT  O  N N 148 
HIS H    H  N N 149 
HIS H2   H  N N 150 
HIS HA   H  N N 151 
HIS HB2  H  N N 152 
HIS HB3  H  N N 153 
HIS HD1  H  N N 154 
HIS HD2  H  N N 155 
HIS HE1  H  N N 156 
HIS HE2  H  N N 157 
HIS HXT  H  N N 158 
HOH O    O  N N 159 
HOH H1   H  N N 160 
HOH H2   H  N N 161 
ILE N    N  N N 162 
ILE CA   C  N S 163 
ILE C    C  N N 164 
ILE O    O  N N 165 
ILE CB   C  N S 166 
ILE CG1  C  N N 167 
ILE CG2  C  N N 168 
ILE CD1  C  N N 169 
ILE OXT  O  N N 170 
ILE H    H  N N 171 
ILE H2   H  N N 172 
ILE HA   H  N N 173 
ILE HB   H  N N 174 
ILE HG12 H  N N 175 
ILE HG13 H  N N 176 
ILE HG21 H  N N 177 
ILE HG22 H  N N 178 
ILE HG23 H  N N 179 
ILE HD11 H  N N 180 
ILE HD12 H  N N 181 
ILE HD13 H  N N 182 
ILE HXT  H  N N 183 
LEU N    N  N N 184 
LEU CA   C  N S 185 
LEU C    C  N N 186 
LEU O    O  N N 187 
LEU CB   C  N N 188 
LEU CG   C  N N 189 
LEU CD1  C  N N 190 
LEU CD2  C  N N 191 
LEU OXT  O  N N 192 
LEU H    H  N N 193 
LEU H2   H  N N 194 
LEU HA   H  N N 195 
LEU HB2  H  N N 196 
LEU HB3  H  N N 197 
LEU HG   H  N N 198 
LEU HD11 H  N N 199 
LEU HD12 H  N N 200 
LEU HD13 H  N N 201 
LEU HD21 H  N N 202 
LEU HD22 H  N N 203 
LEU HD23 H  N N 204 
LEU HXT  H  N N 205 
LYS N    N  N N 206 
LYS CA   C  N S 207 
LYS C    C  N N 208 
LYS O    O  N N 209 
LYS CB   C  N N 210 
LYS CG   C  N N 211 
LYS CD   C  N N 212 
LYS CE   C  N N 213 
LYS NZ   N  N N 214 
LYS OXT  O  N N 215 
LYS H    H  N N 216 
LYS H2   H  N N 217 
LYS HA   H  N N 218 
LYS HB2  H  N N 219 
LYS HB3  H  N N 220 
LYS HG2  H  N N 221 
LYS HG3  H  N N 222 
LYS HD2  H  N N 223 
LYS HD3  H  N N 224 
LYS HE2  H  N N 225 
LYS HE3  H  N N 226 
LYS HZ1  H  N N 227 
LYS HZ2  H  N N 228 
LYS HZ3  H  N N 229 
LYS HXT  H  N N 230 
MET N    N  N N 231 
MET CA   C  N S 232 
MET C    C  N N 233 
MET O    O  N N 234 
MET CB   C  N N 235 
MET CG   C  N N 236 
MET SD   S  N N 237 
MET CE   C  N N 238 
MET OXT  O  N N 239 
MET H    H  N N 240 
MET H2   H  N N 241 
MET HA   H  N N 242 
MET HB2  H  N N 243 
MET HB3  H  N N 244 
MET HG2  H  N N 245 
MET HG3  H  N N 246 
MET HE1  H  N N 247 
MET HE2  H  N N 248 
MET HE3  H  N N 249 
MET HXT  H  N N 250 
NYV N1   N  Y N 251 
NYV N3   N  N N 252 
NYV C4   C  Y N 253 
NYV C5   C  Y N 254 
NYV C6   C  Y N 255 
NYV C1   C  N N 256 
NYV C2   C  N N 257 
NYV C3   C  N N 258 
NYV N2   N  Y N 259 
NYV O1   O  N N 260 
NYV O2   O  N N 261 
NYV S1   S  N N 262 
NYV H1   H  N N 263 
NYV H2   H  N N 264 
NYV H3   H  N N 265 
NYV H4   H  N N 266 
NYV H5   H  N N 267 
NYV H6   H  N N 268 
NYV H7   H  N N 269 
NYV H8   H  N N 270 
NYV H9   H  N N 271 
NYV H10  H  N N 272 
NYV H11  H  N N 273 
PHE N    N  N N 274 
PHE CA   C  N S 275 
PHE C    C  N N 276 
PHE O    O  N N 277 
PHE CB   C  N N 278 
PHE CG   C  Y N 279 
PHE CD1  C  Y N 280 
PHE CD2  C  Y N 281 
PHE CE1  C  Y N 282 
PHE CE2  C  Y N 283 
PHE CZ   C  Y N 284 
PHE OXT  O  N N 285 
PHE H    H  N N 286 
PHE H2   H  N N 287 
PHE HA   H  N N 288 
PHE HB2  H  N N 289 
PHE HB3  H  N N 290 
PHE HD1  H  N N 291 
PHE HD2  H  N N 292 
PHE HE1  H  N N 293 
PHE HE2  H  N N 294 
PHE HZ   H  N N 295 
PHE HXT  H  N N 296 
PRO N    N  N N 297 
PRO CA   C  N S 298 
PRO C    C  N N 299 
PRO O    O  N N 300 
PRO CB   C  N N 301 
PRO CG   C  N N 302 
PRO CD   C  N N 303 
PRO OXT  O  N N 304 
PRO H    H  N N 305 
PRO HA   H  N N 306 
PRO HB2  H  N N 307 
PRO HB3  H  N N 308 
PRO HG2  H  N N 309 
PRO HG3  H  N N 310 
PRO HD2  H  N N 311 
PRO HD3  H  N N 312 
PRO HXT  H  N N 313 
SER N    N  N N 314 
SER CA   C  N S 315 
SER C    C  N N 316 
SER O    O  N N 317 
SER CB   C  N N 318 
SER OG   O  N N 319 
SER OXT  O  N N 320 
SER H    H  N N 321 
SER H2   H  N N 322 
SER HA   H  N N 323 
SER HB2  H  N N 324 
SER HB3  H  N N 325 
SER HG   H  N N 326 
SER HXT  H  N N 327 
THR N    N  N N 328 
THR CA   C  N S 329 
THR C    C  N N 330 
THR O    O  N N 331 
THR CB   C  N R 332 
THR OG1  O  N N 333 
THR CG2  C  N N 334 
THR OXT  O  N N 335 
THR H    H  N N 336 
THR H2   H  N N 337 
THR HA   H  N N 338 
THR HB   H  N N 339 
THR HG1  H  N N 340 
THR HG21 H  N N 341 
THR HG22 H  N N 342 
THR HG23 H  N N 343 
THR HXT  H  N N 344 
TRP N    N  N N 345 
TRP CA   C  N S 346 
TRP C    C  N N 347 
TRP O    O  N N 348 
TRP CB   C  N N 349 
TRP CG   C  Y N 350 
TRP CD1  C  Y N 351 
TRP CD2  C  Y N 352 
TRP NE1  N  Y N 353 
TRP CE2  C  Y N 354 
TRP CE3  C  Y N 355 
TRP CZ2  C  Y N 356 
TRP CZ3  C  Y N 357 
TRP CH2  C  Y N 358 
TRP OXT  O  N N 359 
TRP H    H  N N 360 
TRP H2   H  N N 361 
TRP HA   H  N N 362 
TRP HB2  H  N N 363 
TRP HB3  H  N N 364 
TRP HD1  H  N N 365 
TRP HE1  H  N N 366 
TRP HE3  H  N N 367 
TRP HZ2  H  N N 368 
TRP HZ3  H  N N 369 
TRP HH2  H  N N 370 
TRP HXT  H  N N 371 
TYR N    N  N N 372 
TYR CA   C  N S 373 
TYR C    C  N N 374 
TYR O    O  N N 375 
TYR CB   C  N N 376 
TYR CG   C  Y N 377 
TYR CD1  C  Y N 378 
TYR CD2  C  Y N 379 
TYR CE1  C  Y N 380 
TYR CE2  C  Y N 381 
TYR CZ   C  Y N 382 
TYR OH   O  N N 383 
TYR OXT  O  N N 384 
TYR H    H  N N 385 
TYR H2   H  N N 386 
TYR HA   H  N N 387 
TYR HB2  H  N N 388 
TYR HB3  H  N N 389 
TYR HD1  H  N N 390 
TYR HD2  H  N N 391 
TYR HE1  H  N N 392 
TYR HE2  H  N N 393 
TYR HH   H  N N 394 
TYR HXT  H  N N 395 
VAL N    N  N N 396 
VAL CA   C  N S 397 
VAL C    C  N N 398 
VAL O    O  N N 399 
VAL CB   C  N N 400 
VAL CG1  C  N N 401 
VAL CG2  C  N N 402 
VAL OXT  O  N N 403 
VAL H    H  N N 404 
VAL H2   H  N N 405 
VAL HA   H  N N 406 
VAL HB   H  N N 407 
VAL HG11 H  N N 408 
VAL HG12 H  N N 409 
VAL HG13 H  N N 410 
VAL HG21 H  N N 411 
VAL HG22 H  N N 412 
VAL HG23 H  N N 413 
VAL HXT  H  N N 414 
# 
loop_
_chem_comp_bond.comp_id 
_chem_comp_bond.atom_id_1 
_chem_comp_bond.atom_id_2 
_chem_comp_bond.value_order 
_chem_comp_bond.pdbx_aromatic_flag 
_chem_comp_bond.pdbx_stereo_config 
_chem_comp_bond.pdbx_ordinal 
ALA N   CA   sing N N 1   
ALA N   H    sing N N 2   
ALA N   H2   sing N N 3   
ALA CA  C    sing N N 4   
ALA CA  CB   sing N N 5   
ALA CA  HA   sing N N 6   
ALA C   O    doub N N 7   
ALA C   OXT  sing N N 8   
ALA CB  HB1  sing N N 9   
ALA CB  HB2  sing N N 10  
ALA CB  HB3  sing N N 11  
ALA OXT HXT  sing N N 12  
ARG N   CA   sing N N 13  
ARG N   H    sing N N 14  
ARG N   H2   sing N N 15  
ARG CA  C    sing N N 16  
ARG CA  CB   sing N N 17  
ARG CA  HA   sing N N 18  
ARG C   O    doub N N 19  
ARG C   OXT  sing N N 20  
ARG CB  CG   sing N N 21  
ARG CB  HB2  sing N N 22  
ARG CB  HB3  sing N N 23  
ARG CG  CD   sing N N 24  
ARG CG  HG2  sing N N 25  
ARG CG  HG3  sing N N 26  
ARG CD  NE   sing N N 27  
ARG CD  HD2  sing N N 28  
ARG CD  HD3  sing N N 29  
ARG NE  CZ   sing N N 30  
ARG NE  HE   sing N N 31  
ARG CZ  NH1  sing N N 32  
ARG CZ  NH2  doub N N 33  
ARG NH1 HH11 sing N N 34  
ARG NH1 HH12 sing N N 35  
ARG NH2 HH21 sing N N 36  
ARG NH2 HH22 sing N N 37  
ARG OXT HXT  sing N N 38  
ASN N   CA   sing N N 39  
ASN N   H    sing N N 40  
ASN N   H2   sing N N 41  
ASN CA  C    sing N N 42  
ASN CA  CB   sing N N 43  
ASN CA  HA   sing N N 44  
ASN C   O    doub N N 45  
ASN C   OXT  sing N N 46  
ASN CB  CG   sing N N 47  
ASN CB  HB2  sing N N 48  
ASN CB  HB3  sing N N 49  
ASN CG  OD1  doub N N 50  
ASN CG  ND2  sing N N 51  
ASN ND2 HD21 sing N N 52  
ASN ND2 HD22 sing N N 53  
ASN OXT HXT  sing N N 54  
ASP N   CA   sing N N 55  
ASP N   H    sing N N 56  
ASP N   H2   sing N N 57  
ASP CA  C    sing N N 58  
ASP CA  CB   sing N N 59  
ASP CA  HA   sing N N 60  
ASP C   O    doub N N 61  
ASP C   OXT  sing N N 62  
ASP CB  CG   sing N N 63  
ASP CB  HB2  sing N N 64  
ASP CB  HB3  sing N N 65  
ASP CG  OD1  doub N N 66  
ASP CG  OD2  sing N N 67  
ASP OD2 HD2  sing N N 68  
ASP OXT HXT  sing N N 69  
CYS N   CA   sing N N 70  
CYS N   H    sing N N 71  
CYS N   H2   sing N N 72  
CYS CA  C    sing N N 73  
CYS CA  CB   sing N N 74  
CYS CA  HA   sing N N 75  
CYS C   O    doub N N 76  
CYS C   OXT  sing N N 77  
CYS CB  SG   sing N N 78  
CYS CB  HB2  sing N N 79  
CYS CB  HB3  sing N N 80  
CYS SG  HG   sing N N 81  
CYS OXT HXT  sing N N 82  
GLN N   CA   sing N N 83  
GLN N   H    sing N N 84  
GLN N   H2   sing N N 85  
GLN CA  C    sing N N 86  
GLN CA  CB   sing N N 87  
GLN CA  HA   sing N N 88  
GLN C   O    doub N N 89  
GLN C   OXT  sing N N 90  
GLN CB  CG   sing N N 91  
GLN CB  HB2  sing N N 92  
GLN CB  HB3  sing N N 93  
GLN CG  CD   sing N N 94  
GLN CG  HG2  sing N N 95  
GLN CG  HG3  sing N N 96  
GLN CD  OE1  doub N N 97  
GLN CD  NE2  sing N N 98  
GLN NE2 HE21 sing N N 99  
GLN NE2 HE22 sing N N 100 
GLN OXT HXT  sing N N 101 
GLU N   CA   sing N N 102 
GLU N   H    sing N N 103 
GLU N   H2   sing N N 104 
GLU CA  C    sing N N 105 
GLU CA  CB   sing N N 106 
GLU CA  HA   sing N N 107 
GLU C   O    doub N N 108 
GLU C   OXT  sing N N 109 
GLU CB  CG   sing N N 110 
GLU CB  HB2  sing N N 111 
GLU CB  HB3  sing N N 112 
GLU CG  CD   sing N N 113 
GLU CG  HG2  sing N N 114 
GLU CG  HG3  sing N N 115 
GLU CD  OE1  doub N N 116 
GLU CD  OE2  sing N N 117 
GLU OE2 HE2  sing N N 118 
GLU OXT HXT  sing N N 119 
GLY N   CA   sing N N 120 
GLY N   H    sing N N 121 
GLY N   H2   sing N N 122 
GLY CA  C    sing N N 123 
GLY CA  HA2  sing N N 124 
GLY CA  HA3  sing N N 125 
GLY C   O    doub N N 126 
GLY C   OXT  sing N N 127 
GLY OXT HXT  sing N N 128 
HIS N   CA   sing N N 129 
HIS N   H    sing N N 130 
HIS N   H2   sing N N 131 
HIS CA  C    sing N N 132 
HIS CA  CB   sing N N 133 
HIS CA  HA   sing N N 134 
HIS C   O    doub N N 135 
HIS C   OXT  sing N N 136 
HIS CB  CG   sing N N 137 
HIS CB  HB2  sing N N 138 
HIS CB  HB3  sing N N 139 
HIS CG  ND1  sing Y N 140 
HIS CG  CD2  doub Y N 141 
HIS ND1 CE1  doub Y N 142 
HIS ND1 HD1  sing N N 143 
HIS CD2 NE2  sing Y N 144 
HIS CD2 HD2  sing N N 145 
HIS CE1 NE2  sing Y N 146 
HIS CE1 HE1  sing N N 147 
HIS NE2 HE2  sing N N 148 
HIS OXT HXT  sing N N 149 
HOH O   H1   sing N N 150 
HOH O   H2   sing N N 151 
ILE N   CA   sing N N 152 
ILE N   H    sing N N 153 
ILE N   H2   sing N N 154 
ILE CA  C    sing N N 155 
ILE CA  CB   sing N N 156 
ILE CA  HA   sing N N 157 
ILE C   O    doub N N 158 
ILE C   OXT  sing N N 159 
ILE CB  CG1  sing N N 160 
ILE CB  CG2  sing N N 161 
ILE CB  HB   sing N N 162 
ILE CG1 CD1  sing N N 163 
ILE CG1 HG12 sing N N 164 
ILE CG1 HG13 sing N N 165 
ILE CG2 HG21 sing N N 166 
ILE CG2 HG22 sing N N 167 
ILE CG2 HG23 sing N N 168 
ILE CD1 HD11 sing N N 169 
ILE CD1 HD12 sing N N 170 
ILE CD1 HD13 sing N N 171 
ILE OXT HXT  sing N N 172 
LEU N   CA   sing N N 173 
LEU N   H    sing N N 174 
LEU N   H2   sing N N 175 
LEU CA  C    sing N N 176 
LEU CA  CB   sing N N 177 
LEU CA  HA   sing N N 178 
LEU C   O    doub N N 179 
LEU C   OXT  sing N N 180 
LEU CB  CG   sing N N 181 
LEU CB  HB2  sing N N 182 
LEU CB  HB3  sing N N 183 
LEU CG  CD1  sing N N 184 
LEU CG  CD2  sing N N 185 
LEU CG  HG   sing N N 186 
LEU CD1 HD11 sing N N 187 
LEU CD1 HD12 sing N N 188 
LEU CD1 HD13 sing N N 189 
LEU CD2 HD21 sing N N 190 
LEU CD2 HD22 sing N N 191 
LEU CD2 HD23 sing N N 192 
LEU OXT HXT  sing N N 193 
LYS N   CA   sing N N 194 
LYS N   H    sing N N 195 
LYS N   H2   sing N N 196 
LYS CA  C    sing N N 197 
LYS CA  CB   sing N N 198 
LYS CA  HA   sing N N 199 
LYS C   O    doub N N 200 
LYS C   OXT  sing N N 201 
LYS CB  CG   sing N N 202 
LYS CB  HB2  sing N N 203 
LYS CB  HB3  sing N N 204 
LYS CG  CD   sing N N 205 
LYS CG  HG2  sing N N 206 
LYS CG  HG3  sing N N 207 
LYS CD  CE   sing N N 208 
LYS CD  HD2  sing N N 209 
LYS CD  HD3  sing N N 210 
LYS CE  NZ   sing N N 211 
LYS CE  HE2  sing N N 212 
LYS CE  HE3  sing N N 213 
LYS NZ  HZ1  sing N N 214 
LYS NZ  HZ2  sing N N 215 
LYS NZ  HZ3  sing N N 216 
LYS OXT HXT  sing N N 217 
MET N   CA   sing N N 218 
MET N   H    sing N N 219 
MET N   H2   sing N N 220 
MET CA  C    sing N N 221 
MET CA  CB   sing N N 222 
MET CA  HA   sing N N 223 
MET C   O    doub N N 224 
MET C   OXT  sing N N 225 
MET CB  CG   sing N N 226 
MET CB  HB2  sing N N 227 
MET CB  HB3  sing N N 228 
MET CG  SD   sing N N 229 
MET CG  HG2  sing N N 230 
MET CG  HG3  sing N N 231 
MET SD  CE   sing N N 232 
MET CE  HE1  sing N N 233 
MET CE  HE2  sing N N 234 
MET CE  HE3  sing N N 235 
MET OXT HXT  sing N N 236 
NYV C3  C2   sing N N 237 
NYV C1  C2   sing N N 238 
NYV C2  N1   sing N N 239 
NYV C6  N1   sing Y N 240 
NYV C6  C5   doub Y N 241 
NYV N1  C4   sing Y N 242 
NYV O2  S1   doub N N 243 
NYV C5  S1   sing N N 244 
NYV C5  N2   sing Y N 245 
NYV C4  N2   doub Y N 246 
NYV S1  N3   sing N N 247 
NYV S1  O1   doub N N 248 
NYV N3  H1   sing N N 249 
NYV N3  H2   sing N N 250 
NYV C4  H3   sing N N 251 
NYV C6  H4   sing N N 252 
NYV C1  H5   sing N N 253 
NYV C1  H6   sing N N 254 
NYV C1  H7   sing N N 255 
NYV C2  H8   sing N N 256 
NYV C3  H9   sing N N 257 
NYV C3  H10  sing N N 258 
NYV C3  H11  sing N N 259 
PHE N   CA   sing N N 260 
PHE N   H    sing N N 261 
PHE N   H2   sing N N 262 
PHE CA  C    sing N N 263 
PHE CA  CB   sing N N 264 
PHE CA  HA   sing N N 265 
PHE C   O    doub N N 266 
PHE C   OXT  sing N N 267 
PHE CB  CG   sing N N 268 
PHE CB  HB2  sing N N 269 
PHE CB  HB3  sing N N 270 
PHE CG  CD1  doub Y N 271 
PHE CG  CD2  sing Y N 272 
PHE CD1 CE1  sing Y N 273 
PHE CD1 HD1  sing N N 274 
PHE CD2 CE2  doub Y N 275 
PHE CD2 HD2  sing N N 276 
PHE CE1 CZ   doub Y N 277 
PHE CE1 HE1  sing N N 278 
PHE CE2 CZ   sing Y N 279 
PHE CE2 HE2  sing N N 280 
PHE CZ  HZ   sing N N 281 
PHE OXT HXT  sing N N 282 
PRO N   CA   sing N N 283 
PRO N   CD   sing N N 284 
PRO N   H    sing N N 285 
PRO CA  C    sing N N 286 
PRO CA  CB   sing N N 287 
PRO CA  HA   sing N N 288 
PRO C   O    doub N N 289 
PRO C   OXT  sing N N 290 
PRO CB  CG   sing N N 291 
PRO CB  HB2  sing N N 292 
PRO CB  HB3  sing N N 293 
PRO CG  CD   sing N N 294 
PRO CG  HG2  sing N N 295 
PRO CG  HG3  sing N N 296 
PRO CD  HD2  sing N N 297 
PRO CD  HD3  sing N N 298 
PRO OXT HXT  sing N N 299 
SER N   CA   sing N N 300 
SER N   H    sing N N 301 
SER N   H2   sing N N 302 
SER CA  C    sing N N 303 
SER CA  CB   sing N N 304 
SER CA  HA   sing N N 305 
SER C   O    doub N N 306 
SER C   OXT  sing N N 307 
SER CB  OG   sing N N 308 
SER CB  HB2  sing N N 309 
SER CB  HB3  sing N N 310 
SER OG  HG   sing N N 311 
SER OXT HXT  sing N N 312 
THR N   CA   sing N N 313 
THR N   H    sing N N 314 
THR N   H2   sing N N 315 
THR CA  C    sing N N 316 
THR CA  CB   sing N N 317 
THR CA  HA   sing N N 318 
THR C   O    doub N N 319 
THR C   OXT  sing N N 320 
THR CB  OG1  sing N N 321 
THR CB  CG2  sing N N 322 
THR CB  HB   sing N N 323 
THR OG1 HG1  sing N N 324 
THR CG2 HG21 sing N N 325 
THR CG2 HG22 sing N N 326 
THR CG2 HG23 sing N N 327 
THR OXT HXT  sing N N 328 
TRP N   CA   sing N N 329 
TRP N   H    sing N N 330 
TRP N   H2   sing N N 331 
TRP CA  C    sing N N 332 
TRP CA  CB   sing N N 333 
TRP CA  HA   sing N N 334 
TRP C   O    doub N N 335 
TRP C   OXT  sing N N 336 
TRP CB  CG   sing N N 337 
TRP CB  HB2  sing N N 338 
TRP CB  HB3  sing N N 339 
TRP CG  CD1  doub Y N 340 
TRP CG  CD2  sing Y N 341 
TRP CD1 NE1  sing Y N 342 
TRP CD1 HD1  sing N N 343 
TRP CD2 CE2  doub Y N 344 
TRP CD2 CE3  sing Y N 345 
TRP NE1 CE2  sing Y N 346 
TRP NE1 HE1  sing N N 347 
TRP CE2 CZ2  sing Y N 348 
TRP CE3 CZ3  doub Y N 349 
TRP CE3 HE3  sing N N 350 
TRP CZ2 CH2  doub Y N 351 
TRP CZ2 HZ2  sing N N 352 
TRP CZ3 CH2  sing Y N 353 
TRP CZ3 HZ3  sing N N 354 
TRP CH2 HH2  sing N N 355 
TRP OXT HXT  sing N N 356 
TYR N   CA   sing N N 357 
TYR N   H    sing N N 358 
TYR N   H2   sing N N 359 
TYR CA  C    sing N N 360 
TYR CA  CB   sing N N 361 
TYR CA  HA   sing N N 362 
TYR C   O    doub N N 363 
TYR C   OXT  sing N N 364 
TYR CB  CG   sing N N 365 
TYR CB  HB2  sing N N 366 
TYR CB  HB3  sing N N 367 
TYR CG  CD1  doub Y N 368 
TYR CG  CD2  sing Y N 369 
TYR CD1 CE1  sing Y N 370 
TYR CD1 HD1  sing N N 371 
TYR CD2 CE2  doub Y N 372 
TYR CD2 HD2  sing N N 373 
TYR CE1 CZ   doub Y N 374 
TYR CE1 HE1  sing N N 375 
TYR CE2 CZ   sing Y N 376 
TYR CE2 HE2  sing N N 377 
TYR CZ  OH   sing N N 378 
TYR OH  HH   sing N N 379 
TYR OXT HXT  sing N N 380 
VAL N   CA   sing N N 381 
VAL N   H    sing N N 382 
VAL N   H2   sing N N 383 
VAL CA  C    sing N N 384 
VAL CA  CB   sing N N 385 
VAL CA  HA   sing N N 386 
VAL C   O    doub N N 387 
VAL C   OXT  sing N N 388 
VAL CB  CG1  sing N N 389 
VAL CB  CG2  sing N N 390 
VAL CB  HB   sing N N 391 
VAL CG1 HG11 sing N N 392 
VAL CG1 HG12 sing N N 393 
VAL CG1 HG13 sing N N 394 
VAL CG2 HG21 sing N N 395 
VAL CG2 HG22 sing N N 396 
VAL CG2 HG23 sing N N 397 
VAL OXT HXT  sing N N 398 
# 
_pdbx_deposit_group.group_id            G_1002080 
_pdbx_deposit_group.group_description   
;Human Brachyury screened against the DSI-poised Fragment Library by X-ray Crystallography at the XChem facility of Diamond Light Source beamline I04-1
;
_pdbx_deposit_group.group_title         'PanDDA analysis group deposition' 
_pdbx_deposit_group.group_type          'changed state' 
# 
_pdbx_entity_instance_feature.ordinal        1 
_pdbx_entity_instance_feature.comp_id        NYV 
_pdbx_entity_instance_feature.asym_id        ? 
_pdbx_entity_instance_feature.seq_num        ? 
_pdbx_entity_instance_feature.auth_comp_id   NYV 
_pdbx_entity_instance_feature.auth_asym_id   ? 
_pdbx_entity_instance_feature.auth_seq_num   ? 
_pdbx_entity_instance_feature.feature_type   'SUBJECT OF INVESTIGATION' 
_pdbx_entity_instance_feature.details        ? 
# 
_atom_sites.entry_id                    5QRW 
_atom_sites.fract_transf_matrix[1][1]   -0.00691363 
_atom_sites.fract_transf_matrix[1][2]   -0.01108589 
_atom_sites.fract_transf_matrix[1][3]   -0.01028567 
_atom_sites.fract_transf_matrix[2][1]   -0.00859154 
_atom_sites.fract_transf_matrix[2][2]   0.01218650 
_atom_sites.fract_transf_matrix[2][3]   -0.00735970 
_atom_sites.fract_transf_matrix[3][1]   0.00680402 
_atom_sites.fract_transf_matrix[3][2]   0.00123259 
_atom_sites.fract_transf_matrix[3][3]   -0.00590189 
_atom_sites.fract_transf_vector[1]      0.344727 
_atom_sites.fract_transf_vector[2]      -0.020901 
_atom_sites.fract_transf_vector[3]      0.060386 
# 
loop_
_atom_type.symbol 
C  
CD 
N  
O  
S  
# 
loop_
_atom_site.group_PDB 
_atom_site.id 
_atom_site.type_symbol 
_atom_site.label_atom_id 
_atom_site.label_alt_id 
_atom_site.label_comp_id 
_atom_site.label_asym_id 
_atom_site.label_entity_id 
_atom_site.label_seq_id 
_atom_site.pdbx_PDB_ins_code 
_atom_site.Cartn_x 
_atom_site.Cartn_y 
_atom_site.Cartn_z 
_atom_site.occupancy 
_atom_site.B_iso_or_equiv 
_atom_site.pdbx_formal_charge 
_atom_site.auth_seq_id 
_atom_site.auth_comp_id 
_atom_site.auth_asym_id 
_atom_site.auth_atom_id 
_atom_site.pdbx_PDB_model_num 
ATOM   1    N  N   . GLU A 1 2   ? 5.989   -21.532 -10.017 1.00 79.58  ? 41  GLU A N   1 
ATOM   2    C  CA  . GLU A 1 2   ? 4.785   -20.723 -9.661  1.00 76.25  ? 41  GLU A CA  1 
ATOM   3    C  C   . GLU A 1 2   ? 5.249   -19.332 -9.196  1.00 65.77  ? 41  GLU A C   1 
ATOM   4    O  O   . GLU A 1 2   ? 6.218   -19.242 -8.410  1.00 57.00  ? 41  GLU A O   1 
ATOM   5    C  CB  . GLU A 1 2   ? 3.946   -21.447 -8.596  1.00 83.16  ? 41  GLU A CB  1 
ATOM   6    C  CG  . GLU A 1 2   ? 2.435   -21.331 -8.790  1.00 88.76  ? 41  GLU A CG  1 
ATOM   7    C  CD  . GLU A 1 2   ? 1.793   -22.398 -9.671  1.00 95.97  ? 41  GLU A CD  1 
ATOM   8    O  OE1 . GLU A 1 2   ? 0.902   -23.129 -9.177  1.00 98.94  ? 41  GLU A OE1 1 
ATOM   9    O  OE2 . GLU A 1 2   ? 2.171   -22.489 -10.857 1.00 97.05  ? 41  GLU A OE2 1 
ATOM   10   N  N   . LEU A 1 3   ? 4.588   -18.287 -9.690  1.00 57.73  ? 42  LEU A N   1 
ATOM   11   C  CA  . LEU A 1 3   ? 4.779   -16.880 -9.253  1.00 57.19  ? 42  LEU A CA  1 
ATOM   12   C  C   . LEU A 1 3   ? 4.416   -16.743 -7.768  1.00 52.24  ? 42  LEU A C   1 
ATOM   13   O  O   . LEU A 1 3   ? 3.239   -16.858 -7.472  1.00 54.89  ? 42  LEU A O   1 
ATOM   14   C  CB  . LEU A 1 3   ? 3.879   -16.009 -10.129 1.00 55.74  ? 42  LEU A CB  1 
ATOM   15   C  CG  . LEU A 1 3   ? 3.929   -14.510 -9.867  1.00 58.23  ? 42  LEU A CG  1 
ATOM   16   C  CD1 . LEU A 1 3   ? 5.264   -14.078 -9.281  1.00 59.10  ? 42  LEU A CD1 1 
ATOM   17   C  CD2 . LEU A 1 3   ? 3.638   -13.754 -11.160 1.00 60.73  ? 42  LEU A CD2 1 
ATOM   18   N  N   . ARG A 1 4   ? 5.403   -16.551 -6.888  1.00 46.99  ? 43  ARG A N   1 
ATOM   19   C  CA  . ARG A 1 4   ? 5.227   -16.391 -5.425  1.00 44.60  ? 43  ARG A CA  1 
ATOM   20   C  C   . ARG A 1 4   ? 5.443   -14.916 -5.059  1.00 46.89  ? 43  ARG A C   1 
ATOM   21   O  O   . ARG A 1 4   ? 6.501   -14.350 -5.426  1.00 42.40  ? 43  ARG A O   1 
ATOM   22   C  CB  . ARG A 1 4   ? 6.218   -17.273 -4.665  1.00 41.46  ? 43  ARG A CB  1 
ATOM   23   N  N   . VAL A 1 5   ? 4.481   -14.308 -4.365  1.00 46.64  ? 44  VAL A N   1 
ATOM   24   C  CA  . VAL A 1 5   ? 4.621   -12.929 -3.812  1.00 44.20  ? 44  VAL A CA  1 
ATOM   25   C  C   . VAL A 1 5   ? 4.599   -13.035 -2.290  1.00 46.90  ? 44  VAL A C   1 
ATOM   26   O  O   . VAL A 1 5   ? 3.647   -13.643 -1.785  1.00 46.16  ? 44  VAL A O   1 
ATOM   27   C  CB  . VAL A 1 5   ? 3.512   -11.994 -4.326  1.00 46.35  ? 44  VAL A CB  1 
ATOM   28   C  CG1 . VAL A 1 5   ? 3.606   -10.615 -3.684  1.00 42.73  ? 44  VAL A CG1 1 
ATOM   29   C  CG2 . VAL A 1 5   ? 3.532   -11.882 -5.844  1.00 46.28  ? 44  VAL A CG2 1 
ATOM   30   N  N   . GLY A 1 6   ? 5.588   -12.444 -1.607  1.00 46.00  ? 45  GLY A N   1 
ATOM   31   C  CA  . GLY A 1 6   ? 5.710   -12.424 -0.138  1.00 45.33  ? 45  GLY A CA  1 
ATOM   32   C  C   . GLY A 1 6   ? 5.992   -11.027 0.393   1.00 44.37  ? 45  GLY A C   1 
ATOM   33   O  O   . GLY A 1 6   ? 6.661   -10.234 -0.286  1.00 42.53  ? 45  GLY A O   1 
ATOM   34   N  N   . LEU A 1 7   ? 5.500   -10.735 1.590   1.00 41.44  ? 46  LEU A N   1 
ATOM   35   C  CA  . LEU A 1 7   ? 5.747   -9.457  2.281   1.00 40.02  ? 46  LEU A CA  1 
ATOM   36   C  C   . LEU A 1 7   ? 7.075   -9.548  3.036   1.00 43.34  ? 46  LEU A C   1 
ATOM   37   O  O   . LEU A 1 7   ? 7.228   -10.478 3.841   1.00 44.93  ? 46  LEU A O   1 
ATOM   38   C  CB  . LEU A 1 7   ? 4.570   -9.215  3.225   1.00 39.40  ? 46  LEU A CB  1 
ATOM   39   C  CG  . LEU A 1 7   ? 4.652   -7.945  4.057   1.00 35.39  ? 46  LEU A CG  1 
ATOM   40   C  CD1 . LEU A 1 7   ? 4.743   -6.726  3.168   1.00 34.63  ? 46  LEU A CD1 1 
ATOM   41   C  CD2 . LEU A 1 7   ? 3.462   -7.839  4.978   1.00 33.77  ? 46  LEU A CD2 1 
ATOM   42   N  N   . GLU A 1 8   ? 8.008   -8.631  2.765   1.00 36.53  ? 47  GLU A N   1 
ATOM   43   C  CA  . GLU A 1 8   ? 9.278   -8.492  3.519   1.00 39.64  ? 47  GLU A CA  1 
ATOM   44   C  C   . GLU A 1 8   ? 8.926   -7.714  4.798   1.00 40.49  ? 47  GLU A C   1 
ATOM   45   O  O   . GLU A 1 8   ? 7.998   -6.867  4.735   1.00 36.79  ? 47  GLU A O   1 
ATOM   46   C  CB  . GLU A 1 8   ? 10.340  -7.836  2.619   1.00 45.20  ? 47  GLU A CB  1 
ATOM   47   C  CG  . GLU A 1 8   ? 11.671  -7.521  3.301   1.00 54.40  ? 47  GLU A CG  1 
ATOM   48   C  CD  . GLU A 1 8   ? 12.707  -8.641  3.372   1.00 61.93  ? 47  GLU A CD  1 
ATOM   49   O  OE1 . GLU A 1 8   ? 12.347  -9.807  3.085   1.00 60.08  ? 47  GLU A OE1 1 
ATOM   50   O  OE2 . GLU A 1 8   ? 13.886  -8.346  3.724   1.00 66.88  ? 47  GLU A OE2 1 
ATOM   51   N  N   . GLU A 1 9   ? 9.583   -8.045  5.915   1.00 36.98  ? 48  GLU A N   1 
ATOM   52   C  CA  . GLU A 1 9   ? 9.387   -7.427  7.256   1.00 41.43  ? 48  GLU A CA  1 
ATOM   53   C  C   . GLU A 1 9   ? 7.935   -7.606  7.725   1.00 39.64  ? 48  GLU A C   1 
ATOM   54   O  O   . GLU A 1 9   ? 7.406   -6.675  8.331   1.00 41.23  ? 48  GLU A O   1 
ATOM   55   C  CB  . GLU A 1 9   ? 9.734   -5.931  7.237   1.00 47.76  ? 48  GLU A CB  1 
ATOM   56   C  CG  . GLU A 1 9   ? 11.085  -5.593  6.615   1.00 52.45  ? 48  GLU A CG  1 
ATOM   57   C  CD  . GLU A 1 9   ? 11.555  -4.150  6.787   1.00 57.93  ? 48  GLU A CD  1 
ATOM   58   O  OE1 . GLU A 1 9   ? 11.230  -3.526  7.825   1.00 67.22  ? 48  GLU A OE1 1 
ATOM   59   O  OE2 . GLU A 1 9   ? 12.251  -3.647  5.888   1.00 60.33  ? 48  GLU A OE2 1 
ATOM   60   N  N   . SER A 1 10  ? 7.311   -8.774  7.533   1.00 38.02  ? 49  SER A N   1 
ATOM   61   C  CA  . SER A 1 10  ? 5.939   -9.027  8.065   1.00 39.04  ? 49  SER A CA  1 
ATOM   62   C  C   . SER A 1 10  ? 5.914   -8.873  9.596   1.00 34.56  ? 49  SER A C   1 
ATOM   63   O  O   . SER A 1 10  ? 4.938   -8.281  10.085  1.00 38.37  ? 49  SER A O   1 
ATOM   64   C  CB  . SER A 1 10  ? 5.367   -10.363 7.597   1.00 42.70  ? 49  SER A CB  1 
ATOM   65   O  OG  . SER A 1 10  ? 6.273   -11.415 7.892   1.00 48.03  ? 49  SER A OG  1 
ATOM   66   N  N   . GLU A 1 11  ? 6.920   -9.370  10.324  1.00 36.76  ? 50  GLU A N   1 
ATOM   67   C  CA  . GLU A 1 11  ? 7.085   -9.200  11.809  1.00 45.61  ? 50  GLU A CA  1 
ATOM   68   C  C   . GLU A 1 11  ? 6.746   -7.754  12.213  1.00 40.55  ? 50  GLU A C   1 
ATOM   69   O  O   . GLU A 1 11  ? 5.943   -7.564  13.153  1.00 44.96  ? 50  GLU A O   1 
ATOM   70   C  CB  . GLU A 1 11  ? 8.508   -9.564  12.265  1.00 46.92  ? 50  GLU A CB  1 
ATOM   71   C  CG  . GLU A 1 11  ? 9.257   -8.467  13.035  1.00 59.49  ? 50  GLU A CG  1 
ATOM   72   C  CD  . GLU A 1 11  ? 9.070   -8.416  14.547  1.00 60.17  ? 50  GLU A CD  1 
ATOM   73   O  OE1 . GLU A 1 11  ? 9.511   -7.421  15.148  1.00 79.73  ? 50  GLU A OE1 1 
ATOM   74   O  OE2 . GLU A 1 11  ? 8.523   -9.376  15.131  1.00 70.88  ? 50  GLU A OE2 1 
ATOM   75   N  N   . LEU A 1 12  ? 7.312   -6.783  11.507  1.00 38.04  ? 51  LEU A N   1 
ATOM   76   C  CA  . LEU A 1 12  ? 7.199   -5.333  11.845  1.00 42.32  ? 51  LEU A CA  1 
ATOM   77   C  C   . LEU A 1 12  ? 5.802   -4.833  11.477  1.00 38.34  ? 51  LEU A C   1 
ATOM   78   O  O   . LEU A 1 12  ? 5.163   -4.137  12.298  1.00 35.62  ? 51  LEU A O   1 
ATOM   79   C  CB  . LEU A 1 12  ? 8.245   -4.514  11.081  1.00 43.32  ? 51  LEU A CB  1 
ATOM   80   C  CG  . LEU A 1 12  ? 8.197   -3.015  11.396  1.00 49.26  ? 51  LEU A CG  1 
ATOM   81   C  CD1 . LEU A 1 12  ? 8.252   -2.789  12.899  1.00 48.02  ? 51  LEU A CD1 1 
ATOM   82   C  CD2 . LEU A 1 12  ? 9.303   -2.255  10.702  1.00 49.70  ? 51  LEU A CD2 1 
ATOM   83   N  N   . TRP A 1 13  ? 5.349   -5.142  10.261  1.00 35.62  ? 52  TRP A N   1 
ATOM   84   C  CA  . TRP A 1 13  ? 3.969   -4.801  9.847   1.00 31.76  ? 52  TRP A CA  1 
ATOM   85   C  C   . TRP A 1 13  ? 2.976   -5.319  10.888  1.00 33.71  ? 52  TRP A C   1 
ATOM   86   O  O   . TRP A 1 13  ? 2.075   -4.556  11.247  1.00 33.00  ? 52  TRP A O   1 
ATOM   87   C  CB  . TRP A 1 13  ? 3.641   -5.340  8.465   1.00 28.14  ? 52  TRP A CB  1 
ATOM   88   C  CG  . TRP A 1 13  ? 4.177   -4.497  7.363   1.00 27.00  ? 52  TRP A CG  1 
ATOM   89   C  CD1 . TRP A 1 13  ? 5.250   -4.778  6.576   1.00 26.40  ? 52  TRP A CD1 1 
ATOM   90   C  CD2 . TRP A 1 13  ? 3.639   -3.253  6.883   1.00 25.58  ? 52  TRP A CD2 1 
ATOM   91   N  NE1 . TRP A 1 13  ? 5.442   -3.783  5.661   1.00 26.95  ? 52  TRP A NE1 1 
ATOM   92   C  CE2 . TRP A 1 13  ? 4.467   -2.837  5.823   1.00 24.95  ? 52  TRP A CE2 1 
ATOM   93   C  CE3 . TRP A 1 13  ? 2.583   -2.418  7.279   1.00 25.98  ? 52  TRP A CE3 1 
ATOM   94   C  CZ2 . TRP A 1 13  ? 4.220   -1.673  5.106   1.00 24.56  ? 52  TRP A CZ2 1 
ATOM   95   C  CZ3 . TRP A 1 13  ? 2.343   -1.262  6.574   1.00 27.72  ? 52  TRP A CZ3 1 
ATOM   96   C  CH2 . TRP A 1 13  ? 3.161   -0.890  5.500   1.00 27.31  ? 52  TRP A CH2 1 
ATOM   97   N  N   . LEU A 1 14  ? 3.147   -6.549  11.380  1.00 34.89  ? 53  LEU A N   1 
ATOM   98   C  CA  . LEU A 1 14  ? 2.156   -7.162  12.313  1.00 38.71  ? 53  LEU A CA  1 
ATOM   99   C  C   . LEU A 1 14  ? 2.091   -6.381  13.638  1.00 38.44  ? 53  LEU A C   1 
ATOM   100  O  O   . LEU A 1 14  ? 0.982   -6.326  14.234  1.00 37.94  ? 53  LEU A O   1 
ATOM   101  C  CB  . LEU A 1 14  ? 2.499   -8.643  12.518  1.00 45.52  ? 53  LEU A CB  1 
ATOM   102  C  CG  . LEU A 1 14  ? 1.822   -9.633  11.554  1.00 50.36  ? 53  LEU A CG  1 
ATOM   103  C  CD1 . LEU A 1 14  ? 1.602   -9.048  10.164  1.00 56.80  ? 53  LEU A CD1 1 
ATOM   104  C  CD2 . LEU A 1 14  ? 2.615   -10.928 11.449  1.00 52.52  ? 53  LEU A CD2 1 
ATOM   105  N  N   . ARG A 1 15  ? 3.210   -5.796  14.089  1.00 39.90  ? 54  ARG A N   1 
ATOM   106  C  CA  . ARG A 1 15  ? 3.228   -4.929  15.296  1.00 45.40  ? 54  ARG A CA  1 
ATOM   107  C  C   . ARG A 1 15  ? 2.308   -3.730  15.049  1.00 38.66  ? 54  ARG A C   1 
ATOM   108  O  O   . ARG A 1 15  ? 1.589   -3.336  15.992  1.00 42.40  ? 54  ARG A O   1 
ATOM   109  C  CB  . ARG A 1 15  ? 4.636   -4.426  15.638  1.00 52.76  ? 54  ARG A CB  1 
ATOM   110  C  CG  . ARG A 1 15  ? 5.697   -5.514  15.764  1.00 63.78  ? 54  ARG A CG  1 
ATOM   111  C  CD  . ARG A 1 15  ? 5.954   -5.986  17.181  1.00 66.97  ? 54  ARG A CD  1 
ATOM   112  N  NE  . ARG A 1 15  ? 6.594   -4.975  18.012  1.00 67.22  ? 54  ARG A NE  1 
ATOM   113  C  CZ  . ARG A 1 15  ? 7.885   -4.663  17.985  1.00 67.42  ? 54  ARG A CZ  1 
ATOM   114  N  NH1 . ARG A 1 15  ? 8.716   -5.262  17.144  1.00 67.72  ? 54  ARG A NH1 1 
ATOM   115  N  NH2 . ARG A 1 15  ? 8.337   -3.729  18.797  1.00 69.78  ? 54  ARG A NH2 1 
ATOM   116  N  N   . PHE A 1 16  ? 2.378   -3.123  13.864  1.00 29.36  ? 55  PHE A N   1 
ATOM   117  C  CA  . PHE A 1 16  ? 1.536   -1.945  13.503  1.00 30.32  ? 55  PHE A CA  1 
ATOM   118  C  C   . PHE A 1 16  ? 0.092   -2.388  13.415  1.00 32.44  ? 55  PHE A C   1 
ATOM   119  O  O   . PHE A 1 16  ? -0.832  -1.712  13.958  1.00 29.90  ? 55  PHE A O   1 
ATOM   120  C  CB  . PHE A 1 16  ? 1.985   -1.290  12.200  1.00 29.92  ? 55  PHE A CB  1 
ATOM   121  C  CG  . PHE A 1 16  ? 3.198   -0.415  12.365  1.00 32.10  ? 55  PHE A CG  1 
ATOM   122  C  CD1 . PHE A 1 16  ? 3.061   0.899   12.795  1.00 30.39  ? 55  PHE A CD1 1 
ATOM   123  C  CD2 . PHE A 1 16  ? 4.472   -0.918  12.170  1.00 30.78  ? 55  PHE A CD2 1 
ATOM   124  C  CE1 . PHE A 1 16  ? 4.180   1.699   12.970  1.00 32.43  ? 55  PHE A CE1 1 
ATOM   125  C  CE2 . PHE A 1 16  ? 5.592   -0.117  12.339  1.00 30.36  ? 55  PHE A CE2 1 
ATOM   126  C  CZ  . PHE A 1 16  ? 5.443   1.171   12.776  1.00 33.43  ? 55  PHE A CZ  1 
ATOM   127  N  N   . LYS A 1 17  ? -0.116  -3.520  12.716  1.00 31.29  ? 56  LYS A N   1 
ATOM   128  C  CA  . LYS A 1 17  ? -1.490  -4.020  12.482  1.00 34.09  ? 56  LYS A CA  1 
ATOM   129  C  C   . LYS A 1 17  ? -2.145  -4.318  13.827  1.00 31.81  ? 56  LYS A C   1 
ATOM   130  O  O   . LYS A 1 17  ? -3.321  -3.954  13.947  1.00 32.71  ? 56  LYS A O   1 
ATOM   131  C  CB  . LYS A 1 17  ? -1.547  -5.252  11.568  1.00 33.78  ? 56  LYS A CB  1 
ATOM   132  C  CG  . LYS A 1 17  ? -2.964  -5.765  11.431  1.00 35.95  ? 56  LYS A CG  1 
ATOM   133  C  CD  . LYS A 1 17  ? -3.293  -6.412  10.149  1.00 41.04  ? 56  LYS A CD  1 
ATOM   134  C  CE  . LYS A 1 17  ? -4.711  -6.919  10.143  1.00 39.15  ? 56  LYS A CE  1 
ATOM   135  N  NZ  . LYS A 1 17  ? -4.867  -7.819  8.986   1.00 42.78  ? 56  LYS A NZ  1 
ATOM   136  N  N   . GLU A 1 18  ? -1.451  -4.943  14.789  1.00 34.59  ? 57  GLU A N   1 
ATOM   137  C  CA  . GLU A 1 18  ? -2.120  -5.328  16.076  1.00 39.38  ? 57  GLU A CA  1 
ATOM   138  C  C   . GLU A 1 18  ? -2.583  -4.065  16.830  1.00 38.57  ? 57  GLU A C   1 
ATOM   139  O  O   . GLU A 1 18  ? -3.534  -4.182  17.619  1.00 40.68  ? 57  GLU A O   1 
ATOM   140  C  CB  . GLU A 1 18  ? -1.321  -6.326  16.921  1.00 47.28  ? 57  GLU A CB  1 
ATOM   141  C  CG  . GLU A 1 18  ? 0.106   -5.961  17.274  1.00 57.89  ? 57  GLU A CG  1 
ATOM   142  C  CD  . GLU A 1 18  ? 0.917   -7.113  17.881  1.00 69.88  ? 57  GLU A CD  1 
ATOM   143  O  OE1 . GLU A 1 18  ? 0.561   -8.302  17.638  1.00 72.53  ? 57  GLU A OE1 1 
ATOM   144  O  OE2 . GLU A 1 18  ? 1.916   -6.832  18.603  1.00 58.28  ? 57  GLU A OE2 1 
ATOM   145  N  N   . LEU A 1 19  ? -2.060  -2.876  16.516  1.00 37.96  ? 58  LEU A N   1 
ATOM   146  C  CA  . LEU A 1 19  ? -2.489  -1.590  17.166  1.00 39.60  ? 58  LEU A CA  1 
ATOM   147  C  C   . LEU A 1 19  ? -3.521  -0.839  16.341  1.00 36.65  ? 58  LEU A C   1 
ATOM   148  O  O   . LEU A 1 19  ? -3.900  0.257   16.769  1.00 35.17  ? 58  LEU A O   1 
ATOM   149  C  CB  . LEU A 1 19  ? -1.268  -0.685  17.350  1.00 38.13  ? 58  LEU A CB  1 
ATOM   150  C  CG  . LEU A 1 19  ? -0.093  -1.307  18.096  1.00 40.60  ? 58  LEU A CG  1 
ATOM   151  C  CD1 . LEU A 1 19  ? 1.137   -0.404  18.005  1.00 44.52  ? 58  LEU A CD1 1 
ATOM   152  C  CD2 . LEU A 1 19  ? -0.457  -1.586  19.540  1.00 42.22  ? 58  LEU A CD2 1 
ATOM   153  N  N   . THR A 1 20  ? -3.892  -1.349  15.159  1.00 32.78  ? 59  THR A N   1 
ATOM   154  C  CA  . THR A 1 20  ? -4.541  -0.582  14.064  1.00 30.28  ? 59  THR A CA  1 
ATOM   155  C  C   . THR A 1 20  ? -3.581  0.458   13.465  1.00 33.55  ? 59  THR A C   1 
ATOM   156  O  O   . THR A 1 20  ? -3.332  1.548   14.076  1.00 31.96  ? 59  THR A O   1 
ATOM   157  C  CB  . THR A 1 20  ? -5.840  0.088   14.506  1.00 32.02  ? 59  THR A CB  1 
ATOM   158  O  OG1 . THR A 1 20  ? -6.607  -0.890  15.196  1.00 33.87  ? 59  THR A OG1 1 
ATOM   159  C  CG2 . THR A 1 20  ? -6.634  0.664   13.363  1.00 33.97  ? 59  THR A CG2 1 
ATOM   160  N  N   . ASN A 1 21  ? -3.086  0.188   12.266  1.00 30.15  ? 60  ASN A N   1 
ATOM   161  C  CA  . ASN A 1 21  ? -2.053  1.024   11.615  1.00 29.14  ? 60  ASN A CA  1 
ATOM   162  C  C   . ASN A 1 21  ? -2.722  2.310   11.099  1.00 29.79  ? 60  ASN A C   1 
ATOM   163  O  O   . ASN A 1 21  ? -3.914  2.301   10.758  1.00 30.27  ? 60  ASN A O   1 
ATOM   164  C  CB  . ASN A 1 21  ? -1.306  0.224   10.541  1.00 27.30  ? 60  ASN A CB  1 
ATOM   165  C  CG  . ASN A 1 21  ? 0.034   0.820   10.161  1.00 34.10  ? 60  ASN A CG  1 
ATOM   166  O  OD1 . ASN A 1 21  ? 0.437   1.881   10.687  1.00 33.11  ? 60  ASN A OD1 1 
ATOM   167  N  ND2 . ASN A 1 21  ? 0.756   0.114   9.291   1.00 29.07  ? 60  ASN A ND2 1 
ATOM   168  N  N   . GLU A 1 22  ? -1.965  3.395   11.046  1.00 27.47  ? 61  GLU A N   1 
ATOM   169  C  CA  . GLU A 1 22  ? -2.418  4.694   10.505  1.00 27.40  ? 61  GLU A CA  1 
ATOM   170  C  C   . GLU A 1 22  ? -1.342  5.183   9.562   1.00 29.05  ? 61  GLU A C   1 
ATOM   171  O  O   . GLU A 1 22  ? -0.145  4.949   9.887   1.00 33.40  ? 61  GLU A O   1 
ATOM   172  C  CB  . GLU A 1 22  ? -2.634  5.724   11.626  1.00 31.37  ? 61  GLU A CB  1 
ATOM   173  C  CG  . GLU A 1 22  ? -3.428  5.222   12.811  1.00 32.87  ? 61  GLU A CG  1 
ATOM   174  C  CD  . GLU A 1 22  ? -3.622  6.218   13.956  1.00 31.69  ? 61  GLU A CD  1 
ATOM   175  O  OE1 . GLU A 1 22  ? -3.909  5.778   15.079  1.00 30.89  ? 61  GLU A OE1 1 
ATOM   176  O  OE2 . GLU A 1 22  ? -3.521  7.411   13.702  1.00 36.23  ? 61  GLU A OE2 1 
ATOM   177  N  N   . MET A 1 23  ? -1.727  5.819   8.466   1.00 26.93  ? 62  MET A N   1 
ATOM   178  C  CA  . MET A 1 23  ? -0.794  6.426   7.507   1.00 30.30  ? 62  MET A CA  1 
ATOM   179  C  C   . MET A 1 23  ? -1.218  7.866   7.314   1.00 30.57  ? 62  MET A C   1 
ATOM   180  O  O   . MET A 1 23  ? -2.407  8.122   7.078   1.00 29.97  ? 62  MET A O   1 
ATOM   181  C  CB  . MET A 1 23  ? -0.761  5.742   6.130   1.00 31.30  ? 62  MET A CB  1 
ATOM   182  C  CG  . MET A 1 23  ? -0.154  4.373   6.172   1.00 33.98  ? 62  MET A CG  1 
ATOM   183  S  SD  . MET A 1 23  ? 1.654   4.341   6.423   1.00 31.50  ? 62  MET A SD  1 
ATOM   184  C  CE  . MET A 1 23  ? 1.864   2.579   6.648   1.00 31.21  ? 62  MET A CE  1 
ATOM   185  N  N   . ILE A 1 24  ? -0.261  8.793   7.401   1.00 30.62  ? 63  ILE A N   1 
ATOM   186  C  CA  . ILE A 1 24  ? -0.603  10.231  7.191   1.00 32.54  ? 63  ILE A CA  1 
ATOM   187  C  C   . ILE A 1 24  ? -0.821  10.533  5.716   1.00 30.54  ? 63  ILE A C   1 
ATOM   188  O  O   . ILE A 1 24  ? 0.021   10.135  4.896   1.00 34.12  ? 63  ILE A O   1 
ATOM   189  C  CB  . ILE A 1 24  ? 0.500   11.158  7.709   1.00 37.11  ? 63  ILE A CB  1 
ATOM   190  C  CG1 . ILE A 1 24  ? 0.892   10.807  9.138   1.00 39.05  ? 63  ILE A CG1 1 
ATOM   191  C  CG2 . ILE A 1 24  ? 0.020   12.599  7.547   1.00 38.50  ? 63  ILE A CG2 1 
ATOM   192  C  CD1 . ILE A 1 24  ? -0.111  11.234  10.130  1.00 38.90  ? 63  ILE A CD1 1 
ATOM   193  N  N   . VAL A 1 25  ? -1.856  11.314  5.421   1.00 32.04  ? 64  VAL A N   1 
ATOM   194  C  CA  . VAL A 1 25  ? -2.125  11.918  4.091   1.00 35.97  ? 64  VAL A CA  1 
ATOM   195  C  C   . VAL A 1 25  ? -2.044  13.454  4.211   1.00 38.34  ? 64  VAL A C   1 
ATOM   196  O  O   . VAL A 1 25  ? -2.441  13.978  5.245   1.00 41.17  ? 64  VAL A O   1 
ATOM   197  C  CB  . VAL A 1 25  ? -3.483  11.416  3.604   1.00 37.70  ? 64  VAL A CB  1 
ATOM   198  C  CG1 . VAL A 1 25  ? -3.453  9.898   3.516   1.00 39.54  ? 64  VAL A CG1 1 
ATOM   199  C  CG2 . VAL A 1 25  ? -4.618  11.865  4.507   1.00 39.54  ? 64  VAL A CG2 1 
ATOM   200  N  N   . THR A 1 26  ? -1.468  14.124  3.216   1.00 40.55  ? 65  THR A N   1 
ATOM   201  C  CA  . THR A 1 26  ? -1.200  15.593  3.220   1.00 45.74  ? 65  THR A CA  1 
ATOM   202  C  C   . THR A 1 26  ? -1.612  16.101  1.844   1.00 50.20  ? 65  THR A C   1 
ATOM   203  O  O   . THR A 1 26  ? -1.752  15.260  0.935   1.00 40.62  ? 65  THR A O   1 
ATOM   204  C  CB  . THR A 1 26  ? 0.270   15.961  3.492   1.00 37.66  ? 65  THR A CB  1 
ATOM   205  O  OG1 . THR A 1 26  ? 1.048   15.580  2.358   1.00 39.98  ? 65  THR A OG1 1 
ATOM   206  C  CG2 . THR A 1 26  ? 0.829   15.355  4.758   1.00 40.43  ? 65  THR A CG2 1 
ATOM   207  N  N   . LYS A 1 27  ? -1.769  17.411  1.670   1.00 49.97  ? 66  LYS A N   1 
ATOM   208  C  CA  . LYS A 1 27  ? -2.191  17.968  0.360   1.00 51.39  ? 66  LYS A CA  1 
ATOM   209  C  C   . LYS A 1 27  ? -1.095  17.683  -0.671  1.00 46.86  ? 66  LYS A C   1 
ATOM   210  O  O   . LYS A 1 27  ? -1.434  17.447  -1.841  1.00 49.94  ? 66  LYS A O   1 
ATOM   211  C  CB  . LYS A 1 27  ? -2.483  19.471  0.467   1.00 58.71  ? 66  LYS A CB  1 
ATOM   212  C  CG  . LYS A 1 27  ? -2.569  20.208  -0.863  1.00 59.26  ? 66  LYS A CG  1 
ATOM   213  C  CD  . LYS A 1 27  ? -3.272  21.551  -0.776  1.00 71.07  ? 66  LYS A CD  1 
ATOM   214  C  CE  . LYS A 1 27  ? -3.605  22.132  -2.139  1.00 75.68  ? 66  LYS A CE  1 
ATOM   215  N  NZ  . LYS A 1 27  ? -2.382  22.565  -2.858  1.00 80.44  ? 66  LYS A NZ  1 
ATOM   216  N  N   . ASN A 1 28  ? 0.172   17.711  -0.249  1.00 48.93  ? 67  ASN A N   1 
ATOM   217  C  CA  . ASN A 1 28  ? 1.351   17.547  -1.138  1.00 54.97  ? 67  ASN A CA  1 
ATOM   218  C  C   . ASN A 1 28  ? 1.740   16.063  -1.228  1.00 51.24  ? 67  ASN A C   1 
ATOM   219  O  O   . ASN A 1 28  ? 2.383   15.678  -2.218  1.00 43.73  ? 67  ASN A O   1 
ATOM   220  C  CB  . ASN A 1 28  ? 2.518   18.418  -0.665  1.00 60.98  ? 67  ASN A CB  1 
ATOM   221  C  CG  . ASN A 1 28  ? 2.474   19.844  -1.186  1.00 67.73  ? 67  ASN A CG  1 
ATOM   222  O  OD1 . ASN A 1 28  ? 1.491   20.297  -1.777  1.00 59.90  ? 67  ASN A OD1 1 
ATOM   223  N  ND2 . ASN A 1 28  ? 3.563   20.565  -0.974  1.00 76.88  ? 67  ASN A ND2 1 
ATOM   224  N  N   . GLY A 1 29  ? 1.360   15.255  -0.235  1.00 51.28  ? 68  GLY A N   1 
ATOM   225  C  CA  . GLY A 1 29  ? 1.584   13.795  -0.257  1.00 41.82  ? 68  GLY A CA  1 
ATOM   226  C  C   . GLY A 1 29  ? 2.685   13.431  0.695   1.00 42.29  ? 68  GLY A C   1 
ATOM   227  O  O   . GLY A 1 29  ? 3.685   14.183  0.756   1.00 51.65  ? 68  GLY A O   1 
ATOM   228  N  N   . ARG A 1 30  ? 2.497   12.345  1.434   1.00 34.22  ? 69  ARG A N   1 
ATOM   229  C  CA  . ARG A 1 30  ? 3.418   11.872  2.487   1.00 37.13  ? 69  ARG A CA  1 
ATOM   230  C  C   . ARG A 1 30  ? 3.812   10.449  2.150   1.00 36.66  ? 69  ARG A C   1 
ATOM   231  O  O   . ARG A 1 30  ? 2.909   9.655   1.811   1.00 32.58  ? 69  ARG A O   1 
ATOM   232  C  CB  . ARG A 1 30  ? 2.767   11.922  3.869   1.00 38.50  ? 69  ARG A CB  1 
ATOM   233  C  CG  . ARG A 1 30  ? 3.675   11.496  5.008   1.00 42.82  ? 69  ARG A CG  1 
ATOM   234  C  CD  . ARG A 1 30  ? 4.813   12.493  5.221   1.00 44.18  ? 69  ARG A CD  1 
ATOM   235  N  NE  . ARG A 1 30  ? 4.297   13.812  5.562   1.00 49.35  ? 69  ARG A NE  1 
ATOM   236  C  CZ  . ARG A 1 30  ? 3.925   14.187  6.790   1.00 52.95  ? 69  ARG A CZ  1 
ATOM   237  N  NH1 . ARG A 1 30  ? 3.480   15.415  6.999   1.00 57.14  ? 69  ARG A NH1 1 
ATOM   238  N  NH2 . ARG A 1 30  ? 4.005   13.342  7.806   1.00 49.52  ? 69  ARG A NH2 1 
ATOM   239  N  N   . ARG A 1 31  ? 5.101   10.154  2.242   1.00 35.19  ? 70  ARG A N   1 
ATOM   240  C  CA  . ARG A 1 31  ? 5.621   8.777   2.075   1.00 37.77  ? 70  ARG A CA  1 
ATOM   241  C  C   . ARG A 1 31  ? 5.161   7.917   3.257   1.00 33.64  ? 70  ARG A C   1 
ATOM   242  O  O   . ARG A 1 31  ? 4.872   8.445   4.337   1.00 35.12  ? 70  ARG A O   1 
ATOM   243  C  CB  . ARG A 1 31  ? 7.144   8.766   1.898   1.00 40.05  ? 70  ARG A CB  1 
ATOM   244  C  CG  . ARG A 1 31  ? 7.575   8.820   0.440   1.00 48.15  ? 70  ARG A CG  1 
ATOM   245  C  CD  . ARG A 1 31  ? 8.647   9.835   0.107   1.00 57.68  ? 70  ARG A CD  1 
ATOM   246  N  NE  . ARG A 1 31  ? 10.016  9.336   0.160   1.00 67.77  ? 70  ARG A NE  1 
ATOM   247  C  CZ  . ARG A 1 31  ? 11.106  10.106  0.312   1.00 74.95  ? 70  ARG A CZ  1 
ATOM   248  N  NH1 . ARG A 1 31  ? 10.994  11.422  0.456   1.00 78.89  ? 70  ARG A NH1 1 
ATOM   249  N  NH2 . ARG A 1 31  ? 12.307  9.551   0.332   1.00 70.80  ? 70  ARG A NH2 1 
ATOM   250  N  N   . MET A 1 32  ? 5.078   6.617   3.000   1.00 33.10  ? 71  MET A N   1 
ATOM   251  C  CA  . MET A 1 32  ? 4.628   5.565   3.924   1.00 33.21  ? 71  MET A CA  1 
ATOM   252  C  C   . MET A 1 32  ? 5.797   5.103   4.792   1.00 31.25  ? 71  MET A C   1 
ATOM   253  O  O   . MET A 1 32  ? 6.946   4.914   4.266   1.00 31.49  ? 71  MET A O   1 
ATOM   254  C  CB  . MET A 1 32  ? 4.113   4.351   3.125   1.00 34.00  ? 71  MET A CB  1 
ATOM   255  C  CG  . MET A 1 32  ? 2.824   4.621   2.351   1.00 34.94  ? 71  MET A CG  1 
ATOM   256  S  SD  . MET A 1 32  ? 2.316   3.164   1.385   1.00 30.82  ? 71  MET A SD  1 
ATOM   257  C  CE  . MET A 1 32  ? 1.851   2.022   2.682   1.00 34.49  ? 71  MET A CE  1 
ATOM   258  N  N   . PHE A 1 33  ? 5.500   4.854   6.058   1.00 31.53  ? 72  PHE A N   1 
ATOM   259  C  CA  . PHE A 1 33  ? 6.332   4.039   6.978   1.00 32.39  ? 72  PHE A CA  1 
ATOM   260  C  C   . PHE A 1 33  ? 5.388   3.171   7.785   1.00 33.12  ? 72  PHE A C   1 
ATOM   261  O  O   . PHE A 1 33  ? 4.457   3.692   8.407   1.00 35.51  ? 72  PHE A O   1 
ATOM   262  C  CB  . PHE A 1 33  ? 7.184   4.871   7.955   1.00 33.77  ? 72  PHE A CB  1 
ATOM   263  C  CG  . PHE A 1 33  ? 8.123   3.986   8.746   1.00 34.57  ? 72  PHE A CG  1 
ATOM   264  C  CD1 . PHE A 1 33  ? 9.282   3.487   8.160   1.00 35.37  ? 72  PHE A CD1 1 
ATOM   265  C  CD2 . PHE A 1 33  ? 7.770   3.503   9.993   1.00 34.85  ? 72  PHE A CD2 1 
ATOM   266  C  CE1 . PHE A 1 33  ? 10.103  2.595   8.841   1.00 34.03  ? 72  PHE A CE1 1 
ATOM   267  C  CE2 . PHE A 1 33  ? 8.592   2.612   10.682  1.00 37.49  ? 72  PHE A CE2 1 
ATOM   268  C  CZ  . PHE A 1 33  ? 9.773   2.176   10.109  1.00 36.53  ? 72  PHE A CZ  1 
ATOM   269  N  N   . PRO A 1 34  ? 5.621   1.851   7.859   1.00 30.77  ? 73  PRO A N   1 
ATOM   270  C  CA  . PRO A 1 34  ? 6.649   1.183   7.062   1.00 34.63  ? 73  PRO A CA  1 
ATOM   271  C  C   . PRO A 1 34  ? 6.381   1.257   5.550   1.00 29.70  ? 73  PRO A C   1 
ATOM   272  O  O   . PRO A 1 34  ? 5.295   1.585   5.124   1.00 30.94  ? 73  PRO A O   1 
ATOM   273  C  CB  . PRO A 1 34  ? 6.643   -0.266  7.548   1.00 36.86  ? 73  PRO A CB  1 
ATOM   274  C  CG  . PRO A 1 34  ? 5.889   -0.225  8.859   1.00 34.92  ? 73  PRO A CG  1 
ATOM   275  C  CD  . PRO A 1 34  ? 4.934   0.933   8.767   1.00 34.56  ? 73  PRO A CD  1 
ATOM   276  N  N   . VAL A 1 35  ? 7.438   1.039   4.784   1.00 31.82  ? 74  VAL A N   1 
ATOM   277  C  CA  . VAL A 1 35  ? 7.407   0.943   3.307   1.00 31.24  ? 74  VAL A CA  1 
ATOM   278  C  C   . VAL A 1 35  ? 6.975   -0.485  2.948   1.00 28.54  ? 74  VAL A C   1 
ATOM   279  O  O   . VAL A 1 35  ? 7.489   -1.455  3.555   1.00 29.36  ? 74  VAL A O   1 
ATOM   280  C  CB  . VAL A 1 35  ? 8.790   1.272   2.713   1.00 36.62  ? 74  VAL A CB  1 
ATOM   281  C  CG1 . VAL A 1 35  ? 8.873   0.904   1.252   1.00 37.73  ? 74  VAL A CG1 1 
ATOM   282  C  CG2 . VAL A 1 35  ? 9.157   2.733   2.911   1.00 39.34  ? 74  VAL A CG2 1 
ATOM   283  N  N   . LEU A 1 36  ? 6.113   -0.601  1.962   1.00 31.20  ? 75  LEU A N   1 
ATOM   284  C  CA  . LEU A 1 36  ? 5.754   -1.918  1.376   1.00 30.84  ? 75  LEU A CA  1 
ATOM   285  C  C   . LEU A 1 36  ? 6.964   -2.431  0.586   1.00 32.35  ? 75  LEU A C   1 
ATOM   286  O  O   . LEU A 1 36  ? 7.362   -1.788  -0.424  1.00 29.48  ? 75  LEU A O   1 
ATOM   287  C  CB  . LEU A 1 36  ? 4.521   -1.783  0.495   1.00 33.17  ? 75  LEU A CB  1 
ATOM   288  C  CG  . LEU A 1 36  ? 4.028   -3.080  -0.148  1.00 37.72  ? 75  LEU A CG  1 
ATOM   289  C  CD1 . LEU A 1 36  ? 3.492   -4.036  0.890   1.00 41.90  ? 75  LEU A CD1 1 
ATOM   290  C  CD2 . LEU A 1 36  ? 2.949   -2.797  -1.173  1.00 40.90  ? 75  LEU A CD2 1 
ATOM   291  N  N   . LYS A 1 37  ? 7.538   -3.545  1.035   1.00 32.99  ? 76  LYS A N   1 
ATOM   292  C  CA  . LYS A 1 37  ? 8.626   -4.252  0.300   1.00 36.15  ? 76  LYS A CA  1 
ATOM   293  C  C   . LYS A 1 37  ? 8.158   -5.681  0.029   1.00 34.36  ? 76  LYS A C   1 
ATOM   294  O  O   . LYS A 1 37  ? 7.692   -6.347  0.997   1.00 34.64  ? 76  LYS A O   1 
ATOM   295  C  CB  . LYS A 1 37  ? 9.903   -4.231  1.135   1.00 39.60  ? 76  LYS A CB  1 
ATOM   296  C  CG  . LYS A 1 37  ? 10.392  -2.824  1.427   1.00 42.05  ? 76  LYS A CG  1 
ATOM   297  C  CD  . LYS A 1 37  ? 11.492  -2.748  2.441   1.00 46.46  ? 76  LYS A CD  1 
ATOM   298  C  CE  . LYS A 1 37  ? 11.872  -1.309  2.724   1.00 50.32  ? 76  LYS A CE  1 
ATOM   299  N  NZ  . LYS A 1 37  ? 13.205  -1.229  3.372   1.00 55.69  ? 76  LYS A NZ  1 
ATOM   300  N  N   . VAL A 1 38  ? 8.249   -6.125  -1.221  1.00 37.47  ? 77  VAL A N   1 
ATOM   301  C  CA  . VAL A 1 38  ? 7.655   -7.422  -1.637  1.00 40.65  ? 77  VAL A CA  1 
ATOM   302  C  C   . VAL A 1 38  ? 8.768   -8.327  -2.160  1.00 40.95  ? 77  VAL A C   1 
ATOM   303  O  O   . VAL A 1 38  ? 9.596   -7.871  -2.953  1.00 35.88  ? 77  VAL A O   1 
ATOM   304  C  CB  . VAL A 1 38  ? 6.523   -7.238  -2.662  1.00 43.65  ? 77  VAL A CB  1 
ATOM   305  C  CG1 . VAL A 1 38  ? 5.548   -6.155  -2.224  1.00 47.09  ? 77  VAL A CG1 1 
ATOM   306  C  CG2 . VAL A 1 38  ? 7.051   -6.923  -4.036  1.00 52.91  ? 77  VAL A CG2 1 
ATOM   307  N  N   . ASN A 1 39  ? 8.732   -9.580  -1.730  1.00 38.48  ? 78  ASN A N   1 
ATOM   308  C  CA  . ASN A 1 39  ? 9.615   -10.662 -2.203  1.00 43.50  ? 78  ASN A CA  1 
ATOM   309  C  C   . ASN A 1 39  ? 8.880   -11.332 -3.355  1.00 40.37  ? 78  ASN A C   1 
ATOM   310  O  O   . ASN A 1 39  ? 7.697   -11.695 -3.194  1.00 38.62  ? 78  ASN A O   1 
ATOM   311  C  CB  . ASN A 1 39  ? 9.974   -11.588 -1.040  1.00 48.61  ? 78  ASN A CB  1 
ATOM   312  C  CG  . ASN A 1 39  ? 10.794  -10.864 0.003   1.00 54.07  ? 78  ASN A CG  1 
ATOM   313  O  OD1 . ASN A 1 39  ? 11.806  -10.236 -0.312  1.00 57.39  ? 78  ASN A OD1 1 
ATOM   314  N  ND2 . ASN A 1 39  ? 10.351  -10.925 1.246   1.00 60.82  ? 78  ASN A ND2 1 
ATOM   315  N  N   . VAL A 1 40  ? 9.524   -11.412 -4.510  1.00 39.57  ? 79  VAL A N   1 
ATOM   316  C  CA  . VAL A 1 40  ? 8.914   -12.012 -5.719  1.00 40.84  ? 79  VAL A CA  1 
ATOM   317  C  C   . VAL A 1 40  ? 9.880   -13.062 -6.260  1.00 46.04  ? 79  VAL A C   1 
ATOM   318  O  O   . VAL A 1 40  ? 11.071  -12.727 -6.422  1.00 48.08  ? 79  VAL A O   1 
ATOM   319  C  CB  . VAL A 1 40  ? 8.615   -10.945 -6.773  1.00 42.31  ? 79  VAL A CB  1 
ATOM   320  C  CG1 . VAL A 1 40  ? 8.074   -11.563 -8.034  1.00 43.03  ? 79  VAL A CG1 1 
ATOM   321  C  CG2 . VAL A 1 40  ? 7.643   -9.915  -6.216  1.00 43.49  ? 79  VAL A CG2 1 
ATOM   322  N  N   . SER A 1 41  ? 9.369   -14.270 -6.489  1.00 43.70  ? 80  SER A N   1 
ATOM   323  C  CA  . SER A 1 41  ? 10.086  -15.380 -7.167  1.00 44.00  ? 80  SER A CA  1 
ATOM   324  C  C   . SER A 1 41  ? 9.168   -15.982 -8.224  1.00 38.61  ? 80  SER A C   1 
ATOM   325  O  O   . SER A 1 41  ? 7.952   -15.758 -8.164  1.00 45.69  ? 80  SER A O   1 
ATOM   326  C  CB  . SER A 1 41  ? 10.569  -16.399 -6.170  1.00 47.08  ? 80  SER A CB  1 
ATOM   327  O  OG  . SER A 1 41  ? 9.491   -17.044 -5.520  1.00 45.32  ? 80  SER A OG  1 
ATOM   328  N  N   . GLY A 1 42  ? 9.730   -16.687 -9.200  1.00 46.68  ? 81  GLY A N   1 
ATOM   329  C  CA  . GLY A 1 42  ? 8.945   -17.453 -10.184 1.00 39.49  ? 81  GLY A CA  1 
ATOM   330  C  C   . GLY A 1 42  ? 8.532   -16.629 -11.378 1.00 42.84  ? 81  GLY A C   1 
ATOM   331  O  O   . GLY A 1 42  ? 7.673   -17.094 -12.115 1.00 45.22  ? 81  GLY A O   1 
ATOM   332  N  N   . LEU A 1 43  ? 9.085   -15.425 -11.563 1.00 40.50  ? 82  LEU A N   1 
ATOM   333  C  CA  . LEU A 1 43  ? 8.963   -14.693 -12.851 1.00 43.54  ? 82  LEU A CA  1 
ATOM   334  C  C   . LEU A 1 43  ? 9.904   -15.350 -13.876 1.00 42.35  ? 82  LEU A C   1 
ATOM   335  O  O   . LEU A 1 43  ? 10.897  -15.991 -13.465 1.00 46.18  ? 82  LEU A O   1 
ATOM   336  C  CB  . LEU A 1 43  ? 9.343   -13.219 -12.664 1.00 44.85  ? 82  LEU A CB  1 
ATOM   337  C  CG  . LEU A 1 43  ? 8.437   -12.393 -11.748 1.00 47.09  ? 82  LEU A CG  1 
ATOM   338  C  CD1 . LEU A 1 43  ? 8.874   -10.937 -11.737 1.00 49.92  ? 82  LEU A CD1 1 
ATOM   339  C  CD2 . LEU A 1 43  ? 6.985   -12.506 -12.176 1.00 45.70  ? 82  LEU A CD2 1 
ATOM   340  N  N   . ASP A 1 44  ? 9.618   -15.166 -15.161 1.00 45.55  ? 83  ASP A N   1 
ATOM   341  C  CA  . ASP A 1 44  ? 10.598  -15.418 -16.251 1.00 45.98  ? 83  ASP A CA  1 
ATOM   342  C  C   . ASP A 1 44  ? 11.673  -14.332 -16.171 1.00 46.57  ? 83  ASP A C   1 
ATOM   343  O  O   . ASP A 1 44  ? 11.381  -13.159 -16.380 1.00 46.26  ? 83  ASP A O   1 
ATOM   344  C  CB  . ASP A 1 44  ? 9.867   -15.487 -17.587 1.00 50.74  ? 83  ASP A CB  1 
ATOM   345  C  CG  . ASP A 1 44  ? 10.759  -15.868 -18.753 1.00 49.80  ? 83  ASP A CG  1 
ATOM   346  O  OD1 . ASP A 1 44  ? 11.986  -15.718 -18.637 1.00 53.36  ? 83  ASP A OD1 1 
ATOM   347  O  OD2 . ASP A 1 44  ? 10.203  -16.270 -19.762 1.00 49.09  ? 83  ASP A OD2 1 
ATOM   348  N  N   . PRO A 1 45  ? 12.933  -14.665 -15.803 1.00 44.28  ? 84  PRO A N   1 
ATOM   349  C  CA  . PRO A 1 45  ? 13.980  -13.663 -15.659 1.00 44.86  ? 84  PRO A CA  1 
ATOM   350  C  C   . PRO A 1 45  ? 14.090  -12.776 -16.901 1.00 45.73  ? 84  PRO A C   1 
ATOM   351  O  O   . PRO A 1 45  ? 14.497  -11.640 -16.772 1.00 43.79  ? 84  PRO A O   1 
ATOM   352  C  CB  . PRO A 1 45  ? 15.276  -14.469 -15.463 1.00 47.59  ? 84  PRO A CB  1 
ATOM   353  C  CG  . PRO A 1 45  ? 14.830  -15.833 -14.983 1.00 47.45  ? 84  PRO A CG  1 
ATOM   354  C  CD  . PRO A 1 45  ? 13.412  -16.020 -15.473 1.00 48.51  ? 84  PRO A CD  1 
ATOM   355  N  N   . ASN A 1 46  ? 13.690  -13.301 -18.057 1.00 50.64  ? 85  ASN A N   1 
ATOM   356  C  CA  . ASN A 1 46  ? 13.900  -12.665 -19.383 1.00 48.96  ? 85  ASN A CA  1 
ATOM   357  C  C   . ASN A 1 46  ? 12.636  -11.950 -19.842 1.00 47.23  ? 85  ASN A C   1 
ATOM   358  O  O   . ASN A 1 46  ? 12.731  -11.189 -20.827 1.00 50.09  ? 85  ASN A O   1 
ATOM   359  C  CB  . ASN A 1 46  ? 14.402  -13.703 -20.393 1.00 51.13  ? 85  ASN A CB  1 
ATOM   360  C  CG  . ASN A 1 46  ? 15.824  -14.092 -20.058 1.00 50.83  ? 85  ASN A CG  1 
ATOM   361  O  OD1 . ASN A 1 46  ? 16.711  -13.242 -20.103 1.00 54.88  ? 85  ASN A OD1 1 
ATOM   362  N  ND2 . ASN A 1 46  ? 16.042  -15.337 -19.667 1.00 55.35  ? 85  ASN A ND2 1 
ATOM   363  N  N   . ALA A 1 47  ? 11.501  -12.170 -19.169 1.00 45.55  ? 86  ALA A N   1 
ATOM   364  C  CA  . ALA A 1 47  ? 10.228  -11.518 -19.530 1.00 40.65  ? 86  ALA A CA  1 
ATOM   365  C  C   . ALA A 1 47  ? 10.212  -10.112 -18.928 1.00 35.36  ? 86  ALA A C   1 
ATOM   366  O  O   . ALA A 1 47  ? 11.054  -9.788  -18.075 1.00 41.01  ? 86  ALA A O   1 
ATOM   367  C  CB  . ALA A 1 47  ? 9.032   -12.337 -19.113 1.00 43.05  ? 86  ALA A CB  1 
ATOM   368  N  N   . MET A 1 48  ? 9.311   -9.285  -19.432 1.00 43.72  ? 87  MET A N   1 
ATOM   369  C  CA  . MET A 1 48  ? 9.212   -7.840  -19.090 1.00 39.17  ? 87  MET A CA  1 
ATOM   370  C  C   . MET A 1 48  ? 7.949   -7.646  -18.230 1.00 36.16  ? 87  MET A C   1 
ATOM   371  O  O   . MET A 1 48  ? 6.938   -8.261  -18.559 1.00 38.29  ? 87  MET A O   1 
ATOM   372  C  CB  . MET A 1 48  ? 9.129   -7.026  -20.380 1.00 45.60  ? 87  MET A CB  1 
ATOM   373  C  CG  . MET A 1 48  ? 10.295  -7.289  -21.353 1.00 52.89  ? 87  MET A CG  1 
ATOM   374  S  SD  . MET A 1 48  ? 11.422  -5.897  -21.498 1.00 56.00  ? 87  MET A SD  1 
ATOM   375  C  CE  . MET A 1 48  ? 11.343  -5.346  -19.794 1.00 45.21  ? 87  MET A CE  1 
ATOM   376  N  N   . TYR A 1 49  ? 8.058   -6.890  -17.137 1.00 34.95  ? 88  TYR A N   1 
ATOM   377  C  CA  . TYR A 1 49  ? 6.978   -6.706  -16.135 1.00 34.69  ? 88  TYR A CA  1 
ATOM   378  C  C   . TYR A 1 49  ? 6.998   -5.261  -15.629 1.00 34.22  ? 88  TYR A C   1 
ATOM   379  O  O   . TYR A 1 49  ? 8.073   -4.660  -15.502 1.00 34.88  ? 88  TYR A O   1 
ATOM   380  C  CB  . TYR A 1 49  ? 7.152   -7.622  -14.926 1.00 30.54  ? 88  TYR A CB  1 
ATOM   381  C  CG  . TYR A 1 49  ? 7.216   -9.103  -15.215 1.00 37.97  ? 88  TYR A CG  1 
ATOM   382  C  CD1 . TYR A 1 49  ? 6.077   -9.895  -15.240 1.00 38.04  ? 88  TYR A CD1 1 
ATOM   383  C  CD2 . TYR A 1 49  ? 8.430   -9.725  -15.461 1.00 37.79  ? 88  TYR A CD2 1 
ATOM   384  C  CE1 . TYR A 1 49  ? 6.136   -11.253 -15.516 1.00 40.88  ? 88  TYR A CE1 1 
ATOM   385  C  CE2 . TYR A 1 49  ? 8.507   -11.083 -15.750 1.00 41.66  ? 88  TYR A CE2 1 
ATOM   386  C  CZ  . TYR A 1 49  ? 7.360   -11.855 -15.777 1.00 41.33  ? 88  TYR A CZ  1 
ATOM   387  O  OH  . TYR A 1 49  ? 7.453   -13.199 -16.029 1.00 39.61  ? 88  TYR A OH  1 
ATOM   388  N  N   . SER A 1 50  ? 5.816   -4.732  -15.319 1.00 31.10  ? 89  SER A N   1 
ATOM   389  C  CA  . SER A 1 50  ? 5.650   -3.496  -14.528 1.00 29.04  ? 89  SER A CA  1 
ATOM   390  C  C   . SER A 1 50  ? 5.008   -3.860  -13.185 1.00 33.90  ? 89  SER A C   1 
ATOM   391  O  O   . SER A 1 50  ? 4.196   -4.804  -13.185 1.00 31.46  ? 89  SER A O   1 
ATOM   392  C  CB  . SER A 1 50  ? 4.850   -2.501  -15.283 1.00 30.36  ? 89  SER A CB  1 
ATOM   393  O  OG  . SER A 1 50  ? 5.528   -2.193  -16.483 1.00 33.04  ? 89  SER A OG  1 
ATOM   394  N  N   . PHE A 1 51  ? 5.467   -3.246  -12.089 1.00 29.42  ? 90  PHE A N   1 
ATOM   395  C  CA  . PHE A 1 51  ? 4.853   -3.418  -10.747 1.00 29.08  ? 90  PHE A CA  1 
ATOM   396  C  C   . PHE A 1 51  ? 3.996   -2.209  -10.417 1.00 33.66  ? 90  PHE A C   1 
ATOM   397  O  O   . PHE A 1 51  ? 4.455   -1.005  -10.466 1.00 29.74  ? 90  PHE A O   1 
ATOM   398  C  CB  . PHE A 1 51  ? 5.885   -3.649  -9.663  1.00 29.29  ? 90  PHE A CB  1 
ATOM   399  C  CG  . PHE A 1 51  ? 6.348   -5.070  -9.547  1.00 29.72  ? 90  PHE A CG  1 
ATOM   400  C  CD1 . PHE A 1 51  ? 6.191   -5.765  -8.366  1.00 33.24  ? 90  PHE A CD1 1 
ATOM   401  C  CD2 . PHE A 1 51  ? 6.924   -5.719  -10.625 1.00 31.58  ? 90  PHE A CD2 1 
ATOM   402  C  CE1 . PHE A 1 51  ? 6.681   -7.053  -8.249  1.00 33.55  ? 90  PHE A CE1 1 
ATOM   403  C  CE2 . PHE A 1 51  ? 7.397   -7.011  -10.512 1.00 34.99  ? 90  PHE A CE2 1 
ATOM   404  C  CZ  . PHE A 1 51  ? 7.244   -7.686  -9.331  1.00 32.98  ? 90  PHE A CZ  1 
ATOM   405  N  N   . LEU A 1 52  ? 2.731   -2.510  -10.112 1.00 32.64  ? 91  LEU A N   1 
ATOM   406  C  CA  . LEU A 1 52  ? 1.690   -1.481  -9.873  1.00 28.74  ? 91  LEU A CA  1 
ATOM   407  C  C   . LEU A 1 52  ? 1.240   -1.626  -8.419  1.00 30.20  ? 91  LEU A C   1 
ATOM   408  O  O   . LEU A 1 52  ? 1.250   -2.773  -7.903  1.00 28.15  ? 91  LEU A O   1 
ATOM   409  C  CB  . LEU A 1 52  ? 0.523   -1.712  -10.824 1.00 31.22  ? 91  LEU A CB  1 
ATOM   410  C  CG  . LEU A 1 52  ? 0.574   -1.017  -12.181 1.00 35.17  ? 91  LEU A CG  1 
ATOM   411  C  CD1 . LEU A 1 52  ? 1.899   -1.219  -12.870 1.00 39.94  ? 91  LEU A CD1 1 
ATOM   412  C  CD2 . LEU A 1 52  ? -0.570  -1.521  -13.043 1.00 35.02  ? 91  LEU A CD2 1 
ATOM   413  N  N   . LEU A 1 53  ? 0.918   -0.512  -7.771  1.00 25.60  ? 92  LEU A N   1 
ATOM   414  C  CA  . LEU A 1 53  ? 0.418   -0.510  -6.391  1.00 25.64  ? 92  LEU A CA  1 
ATOM   415  C  C   . LEU A 1 53  ? -0.900  0.252   -6.383  1.00 23.94  ? 92  LEU A C   1 
ATOM   416  O  O   . LEU A 1 53  ? -0.985  1.341   -6.955  1.00 27.61  ? 92  LEU A O   1 
ATOM   417  C  CB  . LEU A 1 53  ? 1.472   0.134   -5.490  1.00 26.94  ? 92  LEU A CB  1 
ATOM   418  C  CG  . LEU A 1 53  ? 1.023   0.454   -4.073  1.00 27.68  ? 92  LEU A CG  1 
ATOM   419  C  CD1 . LEU A 1 53  ? 0.738   -0.810  -3.292  1.00 27.25  ? 92  LEU A CD1 1 
ATOM   420  C  CD2 . LEU A 1 53  ? 2.090   1.278   -3.350  1.00 27.73  ? 92  LEU A CD2 1 
ATOM   421  N  N   . ASP A 1 54  ? -1.909  -0.284  -5.710  1.00 27.55  ? 93  ASP A N   1 
ATOM   422  C  CA  . ASP A 1 54  ? -3.138  0.500   -5.445  1.00 23.63  ? 93  ASP A CA  1 
ATOM   423  C  C   . ASP A 1 54  ? -3.620  0.153   -4.036  1.00 22.09  ? 93  ASP A C   1 
ATOM   424  O  O   . ASP A 1 54  ? -2.974  -0.613  -3.325  1.00 24.59  ? 93  ASP A O   1 
ATOM   425  C  CB  . ASP A 1 54  ? -4.200  0.306   -6.536  1.00 25.81  ? 93  ASP A CB  1 
ATOM   426  C  CG  . ASP A 1 54  ? -4.698  -1.124  -6.739  1.00 24.20  ? 93  ASP A CG  1 
ATOM   427  O  OD1 . ASP A 1 54  ? -4.473  -2.004  -5.841  1.00 26.68  ? 93  ASP A OD1 1 
ATOM   428  O  OD2 . ASP A 1 54  ? -5.324  -1.340  -7.797  1.00 29.48  ? 93  ASP A OD2 1 
ATOM   429  N  N   . PHE A 1 55  ? -4.647  0.849   -3.605  1.00 25.29  ? 94  PHE A N   1 
ATOM   430  C  CA  . PHE A 1 55  ? -5.180  0.749   -2.231  1.00 24.73  ? 94  PHE A CA  1 
ATOM   431  C  C   . PHE A 1 55  ? -6.675  0.460   -2.351  1.00 24.88  ? 94  PHE A C   1 
ATOM   432  O  O   . PHE A 1 55  ? -7.422  1.264   -2.885  1.00 29.15  ? 94  PHE A O   1 
ATOM   433  C  CB  . PHE A 1 55  ? -4.867  2.027   -1.457  1.00 24.87  ? 94  PHE A CB  1 
ATOM   434  C  CG  . PHE A 1 55  ? -3.392  2.308   -1.342  1.00 24.47  ? 94  PHE A CG  1 
ATOM   435  C  CD1 . PHE A 1 55  ? -2.663  1.850   -0.260  1.00 27.55  ? 94  PHE A CD1 1 
ATOM   436  C  CD2 . PHE A 1 55  ? -2.718  2.917   -2.378  1.00 26.77  ? 94  PHE A CD2 1 
ATOM   437  C  CE1 . PHE A 1 55  ? -1.295  2.066   -0.176  1.00 26.54  ? 94  PHE A CE1 1 
ATOM   438  C  CE2 . PHE A 1 55  ? -1.353  3.129   -2.295  1.00 26.21  ? 94  PHE A CE2 1 
ATOM   439  C  CZ  . PHE A 1 55  ? -0.639  2.678   -1.216  1.00 25.98  ? 94  PHE A CZ  1 
ATOM   440  N  N   . VAL A 1 56  ? -7.098  -0.702  -1.861  0.40 26.74  ? 95  VAL A N   1 
ATOM   441  C  CA  . VAL A 1 56  ? -8.530  -1.118  -1.878  0.40 26.72  ? 95  VAL A CA  1 
ATOM   442  C  C   . VAL A 1 56  ? -9.169  -0.653  -0.570  0.40 25.13  ? 95  VAL A C   1 
ATOM   443  O  O   . VAL A 1 56  ? -8.660  -1.042  0.501   0.40 25.52  ? 95  VAL A O   1 
ATOM   444  C  CB  . VAL A 1 56  ? -8.676  -2.638  -2.076  0.40 26.88  ? 95  VAL A CB  1 
ATOM   445  C  CG1 . VAL A 1 56  ? -10.116 -3.093  -1.893  0.40 26.70  ? 95  VAL A CG1 1 
ATOM   446  C  CG2 . VAL A 1 56  ? -8.144  -3.069  -3.435  0.40 27.61  ? 95  VAL A CG2 1 
ATOM   447  N  N   . ALA A 1 57  ? -10.262 0.109   -0.665  1.00 24.83  ? 96  ALA A N   1 
ATOM   448  C  CA  . ALA A 1 57  ? -11.092 0.488   0.494   1.00 25.70  ? 96  ALA A CA  1 
ATOM   449  C  C   . ALA A 1 57  ? -11.609 -0.804  1.113   1.00 25.84  ? 96  ALA A C   1 
ATOM   450  O  O   . ALA A 1 57  ? -12.338 -1.544  0.411   1.00 25.29  ? 96  ALA A O   1 
ATOM   451  C  CB  . ALA A 1 57  ? -12.191 1.456   0.086   1.00 27.72  ? 96  ALA A CB  1 
ATOM   452  N  N   . ALA A 1 58  ? -11.130 -1.165  2.313   1.00 25.68  ? 97  ALA A N   1 
ATOM   453  C  CA  . ALA A 1 58  ? -11.383 -2.456  2.996   1.00 26.12  ? 97  ALA A CA  1 
ATOM   454  C  C   . ALA A 1 58  ? -12.862 -2.591  3.416   1.00 28.67  ? 97  ALA A C   1 
ATOM   455  O  O   . ALA A 1 58  ? -13.377 -3.744  3.530   1.00 26.84  ? 97  ALA A O   1 
ATOM   456  C  CB  . ALA A 1 58  ? -10.487 -2.620  4.187   1.00 28.57  ? 97  ALA A CB  1 
ATOM   457  N  N   . ASP A 1 59  ? -13.523 -1.465  3.639   1.00 30.22  ? 98  ASP A N   1 
ATOM   458  C  CA  . ASP A 1 59  ? -14.967 -1.420  3.968   1.00 31.70  ? 98  ASP A CA  1 
ATOM   459  C  C   . ASP A 1 59  ? -15.456 -0.089  3.432   1.00 33.59  ? 98  ASP A C   1 
ATOM   460  O  O   . ASP A 1 59  ? -14.619 0.688   2.943   1.00 32.88  ? 98  ASP A O   1 
ATOM   461  C  CB  . ASP A 1 59  ? -15.167 -1.703  5.453   1.00 30.97  ? 98  ASP A CB  1 
ATOM   462  C  CG  . ASP A 1 59  ? -14.439 -0.669  6.329   1.00 34.04  ? 98  ASP A CG  1 
ATOM   463  O  OD1 . ASP A 1 59  ? -14.791 0.499   6.206   1.00 38.78  ? 98  ASP A OD1 1 
ATOM   464  O  OD2 . ASP A 1 59  ? -13.490 -1.056  7.028   1.00 36.08  ? 98  ASP A OD2 1 
ATOM   465  N  N   . ASN A 1 60  ? -16.761 0.122   3.485   1.00 32.97  ? 99  ASN A N   1 
ATOM   466  C  CA  . ASN A 1 60  ? -17.428 1.294   2.897   1.00 33.98  ? 99  ASN A CA  1 
ATOM   467  C  C   . ASN A 1 60  ? -17.667 2.375   3.961   1.00 35.70  ? 99  ASN A C   1 
ATOM   468  O  O   . ASN A 1 60  ? -18.408 3.321   3.652   1.00 38.00  ? 99  ASN A O   1 
ATOM   469  C  CB  . ASN A 1 60  ? -18.744 0.866   2.249   1.00 37.25  ? 99  ASN A CB  1 
ATOM   470  C  CG  . ASN A 1 60  ? -18.547 -0.004  1.030   1.00 39.68  ? 99  ASN A CG  1 
ATOM   471  O  OD1 . ASN A 1 60  ? -19.387 -0.846  0.759   1.00 45.82  ? 99  ASN A OD1 1 
ATOM   472  N  ND2 . ASN A 1 60  ? -17.475 0.206   0.292   1.00 35.99  ? 99  ASN A ND2 1 
ATOM   473  N  N   . HIS A 1 61  ? -17.012 2.297   5.117   1.00 34.04  ? 100 HIS A N   1 
ATOM   474  C  CA  . HIS A 1 61  ? -17.340 3.148   6.288   1.00 34.79  ? 100 HIS A CA  1 
ATOM   475  C  C   . HIS A 1 61  ? -16.270 4.216   6.555   1.00 41.34  ? 100 HIS A C   1 
ATOM   476  O  O   . HIS A 1 61  ? -15.070 4.039   6.191   1.00 35.39  ? 100 HIS A O   1 
ATOM   477  C  CB  . HIS A 1 61  ? -17.545 2.263   7.507   1.00 34.51  ? 100 HIS A CB  1 
ATOM   478  C  CG  . HIS A 1 61  ? -18.741 1.382   7.428   1.00 40.50  ? 100 HIS A CG  1 
ATOM   479  N  ND1 . HIS A 1 61  ? -19.878 1.625   8.192   1.00 39.63  ? 100 HIS A ND1 1 
ATOM   480  C  CD2 . HIS A 1 61  ? -18.966 0.232   6.747   1.00 37.52  ? 100 HIS A CD2 1 
ATOM   481  C  CE1 . HIS A 1 61  ? -20.760 0.660   7.978   1.00 47.79  ? 100 HIS A CE1 1 
ATOM   482  N  NE2 . HIS A 1 61  ? -20.234 -0.203  7.076   1.00 42.86  ? 100 HIS A NE2 1 
ATOM   483  N  N   . ARG A 1 62  ? -16.702 5.275   7.235   1.00 40.84  ? 101 ARG A N   1 
ATOM   484  C  CA  . ARG A 1 62  ? -15.818 6.298   7.837   1.00 41.31  ? 101 ARG A CA  1 
ATOM   485  C  C   . ARG A 1 62  ? -15.470 5.814   9.253   1.00 40.79  ? 101 ARG A C   1 
ATOM   486  O  O   . ARG A 1 62  ? -16.367 5.302   9.974   1.00 41.66  ? 101 ARG A O   1 
ATOM   487  C  CB  . ARG A 1 62  ? -16.552 7.642   7.772   1.00 52.33  ? 101 ARG A CB  1 
ATOM   488  C  CG  . ARG A 1 62  ? -15.972 8.747   8.652   1.00 62.56  ? 101 ARG A CG  1 
ATOM   489  C  CD  . ARG A 1 62  ? -16.500 10.134  8.301   1.00 68.39  ? 101 ARG A CD  1 
ATOM   490  N  NE  . ARG A 1 62  ? -16.102 10.512  6.949   1.00 80.76  ? 101 ARG A NE  1 
ATOM   491  C  CZ  . ARG A 1 62  ? -14.946 11.087  6.603   1.00 89.94  ? 101 ARG A CZ  1 
ATOM   492  N  NH1 . ARG A 1 62  ? -14.034 11.395  7.514   1.00 91.05  ? 101 ARG A NH1 1 
ATOM   493  N  NH2 . ARG A 1 62  ? -14.710 11.357  5.330   1.00 93.21  ? 101 ARG A NH2 1 
ATOM   494  N  N   . TRP A 1 63  ? -14.210 5.945   9.653   1.00 35.72  ? 102 TRP A N   1 
ATOM   495  C  CA  . TRP A 1 63  ? -13.723 5.497   10.972  1.00 35.35  ? 102 TRP A CA  1 
ATOM   496  C  C   . TRP A 1 63  ? -13.381 6.744   11.803  1.00 41.43  ? 102 TRP A C   1 
ATOM   497  O  O   . TRP A 1 63  ? -12.991 7.742   11.212  1.00 45.25  ? 102 TRP A O   1 
ATOM   498  C  CB  . TRP A 1 63  ? -12.521 4.568   10.788  1.00 36.28  ? 102 TRP A CB  1 
ATOM   499  C  CG  . TRP A 1 63  ? -12.876 3.242   10.183  1.00 34.00  ? 102 TRP A CG  1 
ATOM   500  C  CD1 . TRP A 1 63  ? -13.156 2.976   8.867   1.00 32.80  ? 102 TRP A CD1 1 
ATOM   501  C  CD2 . TRP A 1 63  ? -12.935 1.988   10.866  1.00 32.06  ? 102 TRP A CD2 1 
ATOM   502  N  NE1 . TRP A 1 63  ? -13.377 1.632   8.696   1.00 32.75  ? 102 TRP A NE1 1 
ATOM   503  C  CE2 . TRP A 1 63  ? -13.292 1.009   9.906   1.00 31.25  ? 102 TRP A CE2 1 
ATOM   504  C  CE3 . TRP A 1 63  ? -12.763 1.600   12.195  1.00 31.26  ? 102 TRP A CE3 1 
ATOM   505  C  CZ2 . TRP A 1 63  ? -13.441 -0.325  10.245  1.00 31.64  ? 102 TRP A CZ2 1 
ATOM   506  C  CZ3 . TRP A 1 63  ? -12.903 0.277   12.529  1.00 33.26  ? 102 TRP A CZ3 1 
ATOM   507  C  CH2 . TRP A 1 63  ? -13.220 -0.677  11.555  1.00 33.00  ? 102 TRP A CH2 1 
ATOM   508  N  N   . LYS A 1 64  ? -13.557 6.674   13.117  1.00 41.33  ? 103 LYS A N   1 
ATOM   509  C  CA  . LYS A 1 64  ? -13.297 7.795   14.057  1.00 46.92  ? 103 LYS A CA  1 
ATOM   510  C  C   . LYS A 1 64  ? -12.637 7.204   15.301  1.00 43.19  ? 103 LYS A C   1 
ATOM   511  O  O   . LYS A 1 64  ? -12.943 6.054   15.663  1.00 39.10  ? 103 LYS A O   1 
ATOM   512  C  CB  . LYS A 1 64  ? -14.599 8.559   14.332  1.00 57.80  ? 103 LYS A CB  1 
ATOM   513  C  CG  . LYS A 1 64  ? -15.868 7.723   14.201  1.00 71.22  ? 103 LYS A CG  1 
ATOM   514  C  CD  . LYS A 1 64  ? -17.079 8.254   14.958  1.00 79.21  ? 103 LYS A CD  1 
ATOM   515  C  CE  . LYS A 1 64  ? -18.236 7.274   14.959  1.00 80.34  ? 103 LYS A CE  1 
ATOM   516  N  NZ  . LYS A 1 64  ? -19.111 7.441   16.142  1.00 82.05  ? 103 LYS A NZ  1 
ATOM   517  N  N   . TYR A 1 65  ? -11.698 7.932   15.898  1.00 45.17  ? 104 TYR A N   1 
ATOM   518  C  CA  . TYR A 1 65  ? -10.954 7.464   17.089  1.00 45.32  ? 104 TYR A CA  1 
ATOM   519  C  C   . TYR A 1 65  ? -11.741 7.991   18.287  1.00 45.82  ? 104 TYR A C   1 
ATOM   520  O  O   . TYR A 1 65  ? -11.606 9.152   18.601  1.00 49.52  ? 104 TYR A O   1 
ATOM   521  C  CB  . TYR A 1 65  ? -9.492  7.920   17.053  1.00 42.85  ? 104 TYR A CB  1 
ATOM   522  C  CG  . TYR A 1 65  ? -8.574  7.214   18.027  1.00 43.70  ? 104 TYR A CG  1 
ATOM   523  C  CD1 . TYR A 1 65  ? -8.253  5.880   17.873  1.00 41.37  ? 104 TYR A CD1 1 
ATOM   524  C  CD2 . TYR A 1 65  ? -7.982  7.888   19.097  1.00 44.45  ? 104 TYR A CD2 1 
ATOM   525  C  CE1 . TYR A 1 65  ? -7.389  5.228   18.742  1.00 44.44  ? 104 TYR A CE1 1 
ATOM   526  C  CE2 . TYR A 1 65  ? -7.107  7.245   19.969  1.00 41.55  ? 104 TYR A CE2 1 
ATOM   527  C  CZ  . TYR A 1 65  ? -6.805  5.916   19.796  1.00 42.03  ? 104 TYR A CZ  1 
ATOM   528  O  OH  . TYR A 1 65  ? -5.956  5.262   20.650  1.00 44.18  ? 104 TYR A OH  1 
ATOM   529  N  N   . VAL A 1 66  ? -12.624 7.160   18.820  1.00 47.99  ? 105 VAL A N   1 
ATOM   530  C  CA  . VAL A 1 66  ? -13.578 7.513   19.907  1.00 52.70  ? 105 VAL A CA  1 
ATOM   531  C  C   . VAL A 1 66  ? -13.054 6.851   21.176  1.00 49.55  ? 105 VAL A C   1 
ATOM   532  O  O   . VAL A 1 66  ? -12.987 5.600   21.207  1.00 49.27  ? 105 VAL A O   1 
ATOM   533  C  CB  . VAL A 1 66  ? -15.010 7.061   19.558  1.00 51.89  ? 105 VAL A CB  1 
ATOM   534  C  CG1 . VAL A 1 66  ? -15.947 7.090   20.759  1.00 55.75  ? 105 VAL A CG1 1 
ATOM   535  C  CG2 . VAL A 1 66  ? -15.578 7.908   18.431  1.00 50.91  ? 105 VAL A CG2 1 
ATOM   536  N  N   . ASN A 1 67  ? -12.675 7.668   22.161  1.00 54.56  ? 106 ASN A N   1 
ATOM   537  C  CA  . ASN A 1 67  ? -12.288 7.212   23.517  1.00 55.63  ? 106 ASN A CA  1 
ATOM   538  C  C   . ASN A 1 67  ? -11.206 6.144   23.391  1.00 53.61  ? 106 ASN A C   1 
ATOM   539  O  O   . ASN A 1 67  ? -11.401 5.068   23.957  1.00 42.45  ? 106 ASN A O   1 
ATOM   540  C  CB  . ASN A 1 67  ? -13.495 6.675   24.294  1.00 64.29  ? 106 ASN A CB  1 
ATOM   541  C  CG  . ASN A 1 67  ? -14.466 7.770   24.685  1.00 66.09  ? 106 ASN A CG  1 
ATOM   542  O  OD1 . ASN A 1 67  ? -14.050 8.843   25.112  1.00 67.13  ? 106 ASN A OD1 1 
ATOM   543  N  ND2 . ASN A 1 67  ? -15.753 7.511   24.535  1.00 60.08  ? 106 ASN A ND2 1 
ATOM   544  N  N   . GLY A 1 68  ? -10.134 6.440   22.648  1.00 53.30  ? 107 GLY A N   1 
ATOM   545  C  CA  . GLY A 1 68  ? -8.940  5.581   22.544  1.00 52.16  ? 107 GLY A CA  1 
ATOM   546  C  C   . GLY A 1 68  ? -9.167  4.344   21.688  1.00 47.55  ? 107 GLY A C   1 
ATOM   547  O  O   . GLY A 1 68  ? -8.353  3.412   21.774  1.00 47.20  ? 107 GLY A O   1 
ATOM   548  N  N   . GLU A 1 69  ? -10.211 4.321   20.868  1.00 45.51  ? 108 GLU A N   1 
ATOM   549  C  CA  . GLU A 1 69  ? -10.516 3.116   20.054  1.00 52.83  ? 108 GLU A CA  1 
ATOM   550  C  C   . GLU A 1 69  ? -11.103 3.567   18.711  1.00 45.64  ? 108 GLU A C   1 
ATOM   551  O  O   . GLU A 1 69  ? -11.873 4.539   18.687  1.00 47.63  ? 108 GLU A O   1 
ATOM   552  C  CB  . GLU A 1 69  ? -11.346 2.114   20.872  1.00 57.70  ? 108 GLU A CB  1 
ATOM   553  C  CG  . GLU A 1 69  ? -12.866 2.250   20.762  1.00 73.32  ? 108 GLU A CG  1 
ATOM   554  C  CD  . GLU A 1 69  ? -13.671 0.981   21.070  1.00 84.49  ? 108 GLU A CD  1 
ATOM   555  O  OE1 . GLU A 1 69  ? -13.093 0.014   21.619  1.00 83.76  ? 108 GLU A OE1 1 
ATOM   556  O  OE2 . GLU A 1 69  ? -14.886 0.950   20.746  1.00 94.65  ? 108 GLU A OE2 1 
ATOM   557  N  N   . TRP A 1 70  ? -10.668 2.924   17.620  1.00 43.58  ? 109 TRP A N   1 
ATOM   558  C  CA  . TRP A 1 70  ? -11.175 3.156   16.244  1.00 37.07  ? 109 TRP A CA  1 
ATOM   559  C  C   . TRP A 1 70  ? -12.546 2.479   16.097  1.00 39.85  ? 109 TRP A C   1 
ATOM   560  O  O   . TRP A 1 70  ? -12.644 1.306   16.449  1.00 39.62  ? 109 TRP A O   1 
ATOM   561  C  CB  . TRP A 1 70  ? -10.189 2.610   15.195  1.00 37.61  ? 109 TRP A CB  1 
ATOM   562  C  CG  . TRP A 1 70  ? -9.026  3.513   14.949  1.00 34.55  ? 109 TRP A CG  1 
ATOM   563  C  CD1 . TRP A 1 70  ? -7.730  3.315   15.343  1.00 33.53  ? 109 TRP A CD1 1 
ATOM   564  C  CD2 . TRP A 1 70  ? -9.051  4.763   14.246  1.00 30.73  ? 109 TRP A CD2 1 
ATOM   565  N  NE1 . TRP A 1 70  ? -6.963  4.382   14.967  1.00 37.36  ? 109 TRP A NE1 1 
ATOM   566  C  CE2 . TRP A 1 70  ? -7.740  5.283   14.291  1.00 33.11  ? 109 TRP A CE2 1 
ATOM   567  C  CE3 . TRP A 1 70  ? -10.040 5.505   13.596  1.00 31.66  ? 109 TRP A CE3 1 
ATOM   568  C  CZ2 . TRP A 1 70  ? -7.406  6.487   13.682  1.00 37.30  ? 109 TRP A CZ2 1 
ATOM   569  C  CZ3 . TRP A 1 70  ? -9.720  6.716   13.031  1.00 36.18  ? 109 TRP A CZ3 1 
ATOM   570  C  CH2 . TRP A 1 70  ? -8.409  7.197   13.062  1.00 38.48  ? 109 TRP A CH2 1 
ATOM   571  N  N   . VAL A 1 71  ? -13.551 3.186   15.582  1.00 39.82  ? 110 VAL A N   1 
ATOM   572  C  CA  . VAL A 1 71  ? -14.946 2.646   15.445  1.00 42.94  ? 110 VAL A CA  1 
ATOM   573  C  C   . VAL A 1 71  ? -15.536 3.159   14.148  1.00 38.84  ? 110 VAL A C   1 
ATOM   574  O  O   . VAL A 1 71  ? -15.375 4.318   13.778  1.00 38.14  ? 110 VAL A O   1 
ATOM   575  C  CB  . VAL A 1 71  ? -15.867 2.977   16.641  1.00 45.85  ? 110 VAL A CB  1 
ATOM   576  C  CG1 . VAL A 1 71  ? -15.391 2.318   17.923  1.00 46.27  ? 110 VAL A CG1 1 
ATOM   577  C  CG2 . VAL A 1 71  ? -16.049 4.464   16.830  1.00 47.92  ? 110 VAL A CG2 1 
ATOM   578  N  N   . PRO A 1 72  ? -16.161 2.263   13.356  1.00 40.61  ? 111 PRO A N   1 
ATOM   579  C  CA  . PRO A 1 72  ? -16.729 2.652   12.083  1.00 41.88  ? 111 PRO A CA  1 
ATOM   580  C  C   . PRO A 1 72  ? -18.052 3.393   12.248  1.00 42.74  ? 111 PRO A C   1 
ATOM   581  O  O   . PRO A 1 72  ? -18.772 3.062   13.144  1.00 45.96  ? 111 PRO A O   1 
ATOM   582  C  CB  . PRO A 1 72  ? -16.955 1.323   11.359  1.00 41.74  ? 111 PRO A CB  1 
ATOM   583  C  CG  . PRO A 1 72  ? -17.094 0.298   12.448  1.00 40.98  ? 111 PRO A CG  1 
ATOM   584  C  CD  . PRO A 1 72  ? -16.302 0.827   13.626  1.00 44.74  ? 111 PRO A CD  1 
ATOM   585  N  N   . GLY A 1 73  ? -18.308 4.342   11.350  1.00 46.39  ? 112 GLY A N   1 
ATOM   586  C  CA  . GLY A 1 73  ? -19.606 5.019   11.200  1.00 48.14  ? 112 GLY A CA  1 
ATOM   587  C  C   . GLY A 1 73  ? -20.707 4.017   10.880  1.00 52.16  ? 112 GLY A C   1 
ATOM   588  O  O   . GLY A 1 73  ? -20.410 2.815   10.665  1.00 51.16  ? 112 GLY A O   1 
ATOM   589  N  N   . GLY A 1 74  ? -21.953 4.479   10.883  1.00 51.68  ? 113 GLY A N   1 
ATOM   590  C  CA  . GLY A 1 74  ? -23.114 3.655   10.523  1.00 56.73  ? 113 GLY A CA  1 
ATOM   591  C  C   . GLY A 1 74  ? -23.683 4.081   9.187   1.00 59.91  ? 113 GLY A C   1 
ATOM   592  O  O   . GLY A 1 74  ? -24.813 3.641   8.900   1.00 74.49  ? 113 GLY A O   1 
ATOM   593  N  N   . LYS A 1 75  ? -22.955 4.896   8.401   1.00 54.92  ? 114 LYS A N   1 
ATOM   594  C  CA  . LYS A 1 75  ? -23.468 5.452   7.114   1.00 57.65  ? 114 LYS A CA  1 
ATOM   595  C  C   . LYS A 1 75  ? -22.537 5.093   5.957   1.00 51.79  ? 114 LYS A C   1 
ATOM   596  O  O   . LYS A 1 75  ? -22.045 5.964   5.249   1.00 48.20  ? 114 LYS A O   1 
ATOM   597  C  CB  . LYS A 1 75  ? -23.699 6.963   7.206   1.00 64.89  ? 114 LYS A CB  1 
ATOM   598  C  CG  . LYS A 1 75  ? -24.877 7.464   6.374   1.00 72.77  ? 114 LYS A CG  1 
ATOM   599  C  CD  . LYS A 1 75  ? -26.141 6.608   6.521   1.00 74.06  ? 114 LYS A CD  1 
ATOM   600  C  CE  . LYS A 1 75  ? -27.446 7.351   6.307   1.00 79.48  ? 114 LYS A CE  1 
ATOM   601  N  NZ  . LYS A 1 75  ? -27.548 7.921   4.943   1.00 83.97  ? 114 LYS A NZ  1 
ATOM   602  N  N   . PRO A 1 76  ? -22.367 3.792   5.655   1.00 54.26  ? 115 PRO A N   1 
ATOM   603  C  CA  . PRO A 1 76  ? -21.517 3.370   4.542   1.00 54.28  ? 115 PRO A CA  1 
ATOM   604  C  C   . PRO A 1 76  ? -21.901 4.004   3.191   1.00 56.95  ? 115 PRO A C   1 
ATOM   605  O  O   . PRO A 1 76  ? -23.079 4.247   2.946   1.00 53.86  ? 115 PRO A O   1 
ATOM   606  C  CB  . PRO A 1 76  ? -21.683 1.841   4.488   1.00 56.39  ? 115 PRO A CB  1 
ATOM   607  C  CG  . PRO A 1 76  ? -22.961 1.563   5.265   1.00 59.86  ? 115 PRO A CG  1 
ATOM   608  C  CD  . PRO A 1 76  ? -23.024 2.655   6.317   1.00 57.78  ? 115 PRO A CD  1 
ATOM   609  N  N   . GLU A 1 77  ? -20.885 4.280   2.367   1.00 51.60  ? 116 GLU A N   1 
ATOM   610  C  CA  . GLU A 1 77  ? -21.018 4.779   0.975   1.00 59.63  ? 116 GLU A CA  1 
ATOM   611  C  C   . GLU A 1 77  ? -20.061 3.996   0.080   1.00 59.32  ? 116 GLU A C   1 
ATOM   612  O  O   . GLU A 1 77  ? -19.018 3.544   0.535   1.00 64.21  ? 116 GLU A O   1 
ATOM   613  C  CB  . GLU A 1 77  ? -20.696 6.272   0.911   1.00 63.20  ? 116 GLU A CB  1 
ATOM   614  C  CG  . GLU A 1 77  ? -21.567 7.122   1.825   1.00 72.37  ? 116 GLU A CG  1 
ATOM   615  C  CD  . GLU A 1 77  ? -21.154 8.586   1.895   1.00 81.90  ? 116 GLU A CD  1 
ATOM   616  O  OE1 . GLU A 1 77  ? -20.505 9.065   0.939   1.00 86.24  ? 116 GLU A OE1 1 
ATOM   617  O  OE2 . GLU A 1 77  ? -21.467 9.247   2.909   1.00 90.44  ? 116 GLU A OE2 1 
ATOM   618  N  N   . PRO A 1 78  ? -20.356 3.835   -1.223  1.00 60.00  ? 117 PRO A N   1 
ATOM   619  C  CA  . PRO A 1 78  ? -19.476 3.102   -2.133  1.00 64.28  ? 117 PRO A CA  1 
ATOM   620  C  C   . PRO A 1 78  ? -18.110 3.792   -2.190  1.00 61.93  ? 117 PRO A C   1 
ATOM   621  O  O   . PRO A 1 78  ? -18.049 5.014   -2.199  1.00 53.94  ? 117 PRO A O   1 
ATOM   622  C  CB  . PRO A 1 78  ? -20.197 3.138   -3.483  1.00 62.69  ? 117 PRO A CB  1 
ATOM   623  C  CG  . PRO A 1 78  ? -21.634 3.416   -3.104  1.00 65.79  ? 117 PRO A CG  1 
ATOM   624  C  CD  . PRO A 1 78  ? -21.544 4.354   -1.913  1.00 64.67  ? 117 PRO A CD  1 
ATOM   625  N  N   . GLN A 1 79  ? -17.041 3.004   -2.163  0.40 60.46  ? 118 GLN A N   1 
ATOM   626  C  CA  . GLN A 1 79  ? -15.707 3.645   -2.157  0.40 62.67  ? 118 GLN A CA  1 
ATOM   627  C  C   . GLN A 1 79  ? -15.125 3.593   -3.565  0.40 64.68  ? 118 GLN A C   1 
ATOM   628  O  O   . GLN A 1 79  ? -14.875 2.485   -4.058  0.40 62.63  ? 118 GLN A O   1 
ATOM   629  C  CB  . GLN A 1 79  ? -14.806 2.971   -1.125  0.40 60.53  ? 118 GLN A CB  1 
ATOM   630  C  CG  . GLN A 1 79  ? -15.252 3.211   0.308   0.40 60.54  ? 118 GLN A CG  1 
ATOM   631  C  CD  . GLN A 1 79  ? -15.390 4.680   0.614   0.40 60.48  ? 118 GLN A CD  1 
ATOM   632  O  OE1 . GLN A 1 79  ? -14.498 5.479   0.347   0.40 61.06  ? 118 GLN A OE1 1 
ATOM   633  N  NE2 . GLN A 1 79  ? -16.522 5.050   1.183   0.40 59.86  ? 118 GLN A NE2 1 
ATOM   634  N  N   . ALA A 1 80  ? -14.901 4.766   -4.159  0.40 65.82  ? 119 ALA A N   1 
ATOM   635  C  CA  . ALA A 1 80  ? -14.308 4.815   -5.511  0.40 65.52  ? 119 ALA A CA  1 
ATOM   636  C  C   . ALA A 1 80  ? -12.920 4.185   -5.410  0.40 64.15  ? 119 ALA A C   1 
ATOM   637  O  O   . ALA A 1 80  ? -12.185 4.527   -4.474  0.40 70.24  ? 119 ALA A O   1 
ATOM   638  C  CB  . ALA A 1 80  ? -14.237 6.243   -5.992  0.40 65.96  ? 119 ALA A CB  1 
ATOM   639  N  N   . PRO A 1 81  ? -12.506 3.325   -6.361  0.40 57.72  ? 120 PRO A N   1 
ATOM   640  C  CA  . PRO A 1 81  ? -11.202 2.665   -6.299  0.40 51.93  ? 120 PRO A CA  1 
ATOM   641  C  C   . PRO A 1 81  ? -10.052 3.675   -6.398  0.40 48.20  ? 120 PRO A C   1 
ATOM   642  O  O   . PRO A 1 81  ? -10.209 4.686   -7.051  0.40 47.39  ? 120 PRO A O   1 
ATOM   643  C  CB  . PRO A 1 81  ? -11.213 1.838   -7.589  1.00 30.00  ? 120 PRO A CB  1 
ATOM   644  C  CG  . PRO A 1 81  ? -12.102 2.632   -8.499  1.00 30.00  ? 120 PRO A CG  1 
ATOM   645  C  CD  . PRO A 1 81  ? -13.239 2.991   -7.577  1.00 30.00  ? 120 PRO A CD  1 
ATOM   646  N  N   . SER A 1 82  ? -8.927  3.385   -5.742  0.40 43.10  ? 121 SER A N   1 
ATOM   647  C  CA  . SER A 1 82  ? -7.767  4.313   -5.804  0.40 39.46  ? 121 SER A CA  1 
ATOM   648  C  C   . SER A 1 82  ? -7.079  4.221   -7.161  0.40 37.80  ? 121 SER A C   1 
ATOM   649  O  O   . SER A 1 82  ? -7.235  3.216   -7.858  0.40 40.44  ? 121 SER A O   1 
ATOM   650  C  CB  . SER A 1 82  ? -6.771  4.107   -4.695  1.00 30.00  ? 121 SER A CB  1 
ATOM   651  O  OG  . SER A 1 82  ? -5.599  3.422   -5.127  1.00 30.00  ? 121 SER A OG  1 
ATOM   652  N  N   . CYS A 1 83  ? -6.301  5.253   -7.482  0.40 36.31  ? 122 CYS A N   1 
ATOM   653  C  CA  . CYS A 1 83  ? -5.492  5.273   -8.723  0.40 36.07  ? 122 CYS A CA  1 
ATOM   654  C  C   . CYS A 1 83  ? -4.270  4.359   -8.551  0.40 34.36  ? 122 CYS A C   1 
ATOM   655  O  O   . CYS A 1 83  ? -3.922  3.983   -7.423  0.40 32.26  ? 122 CYS A O   1 
ATOM   656  C  CB  . CYS A 1 83  ? -5.126  6.695   -9.127  0.40 36.93  ? 122 CYS A CB  1 
ATOM   657  S  SG  . CYS A 1 83  ? -6.532  7.581   -9.850  0.40 37.19  ? 122 CYS A SG  1 
ATOM   658  N  N   . VAL A 1 84  ? -3.635  4.003   -9.655  0.40 33.76  ? 123 VAL A N   1 
ATOM   659  C  CA  . VAL A 1 84  ? -2.489  3.061   -9.562  0.40 33.65  ? 123 VAL A CA  1 
ATOM   660  C  C   . VAL A 1 84  ? -1.159  3.821   -9.578  0.40 32.26  ? 123 VAL A C   1 
ATOM   661  O  O   . VAL A 1 84  ? -1.039  4.785   -10.328 0.40 32.40  ? 123 VAL A O   1 
ATOM   662  C  CB  . VAL A 1 84  ? -2.566  2.037   -10.706 0.40 35.21  ? 123 VAL A CB  1 
ATOM   663  C  CG1 . VAL A 1 84  ? -2.257  2.677   -12.044 0.40 35.25  ? 123 VAL A CG1 1 
ATOM   664  C  CG2 . VAL A 1 84  ? -1.672  0.841   -10.459 0.40 35.78  ? 123 VAL A CG2 1 
ATOM   665  N  N   . TYR A 1 85  ? -0.243  3.420   -8.699  0.40 31.42  ? 124 TYR A N   1 
ATOM   666  C  CA  . TYR A 1 85  ? 1.149   3.936   -8.674  0.40 30.31  ? 124 TYR A CA  1 
ATOM   667  C  C   . TYR A 1 85  ? 2.048   2.910   -9.366  0.40 29.35  ? 124 TYR A C   1 
ATOM   668  O  O   . TYR A 1 85  ? 2.060   1.738   -8.930  0.40 28.22  ? 124 TYR A O   1 
ATOM   669  C  CB  . TYR A 1 85  ? 1.626   4.190   -7.242  0.40 31.32  ? 124 TYR A CB  1 
ATOM   670  C  CG  . TYR A 1 85  ? 3.097   4.509   -7.125  0.40 32.15  ? 124 TYR A CG  1 
ATOM   671  C  CD1 . TYR A 1 85  ? 3.593   5.751   -7.492  0.40 32.30  ? 124 TYR A CD1 1 
ATOM   672  C  CD2 . TYR A 1 85  ? 3.997   3.564   -6.658  0.40 32.06  ? 124 TYR A CD2 1 
ATOM   673  C  CE1 . TYR A 1 85  ? 4.942   6.048   -7.393  0.40 31.46  ? 124 TYR A CE1 1 
ATOM   674  C  CE2 . TYR A 1 85  ? 5.350   3.844   -6.550  0.40 32.10  ? 124 TYR A CE2 1 
ATOM   675  C  CZ  . TYR A 1 85  ? 5.824   5.091   -6.923  0.40 32.15  ? 124 TYR A CZ  1 
ATOM   676  O  OH  . TYR A 1 85  ? 7.152   5.372   -6.812  0.40 31.30  ? 124 TYR A OH  1 
ATOM   677  N  N   . ILE A 1 86  ? 2.779   3.350   -10.393 1.00 27.13  ? 125 ILE A N   1 
ATOM   678  C  CA  . ILE A 1 86  ? 3.731   2.506   -11.159 1.00 30.41  ? 125 ILE A CA  1 
ATOM   679  C  C   . ILE A 1 86  ? 5.085   2.543   -10.435 1.00 32.72  ? 125 ILE A C   1 
ATOM   680  O  O   . ILE A 1 86  ? 5.638   3.645   -10.236 1.00 28.70  ? 125 ILE A O   1 
ATOM   681  C  CB  . ILE A 1 86  ? 3.817   3.015   -12.604 1.00 35.83  ? 125 ILE A CB  1 
ATOM   682  C  CG1 . ILE A 1 86  ? 2.429   3.203   -13.218 1.00 39.93  ? 125 ILE A CG1 1 
ATOM   683  C  CG2 . ILE A 1 86  ? 4.673   2.095   -13.464 1.00 34.63  ? 125 ILE A CG2 1 
ATOM   684  C  CD1 . ILE A 1 86  ? 2.462   3.910   -14.569 1.00 45.27  ? 125 ILE A CD1 1 
ATOM   685  N  N   . HIS A 1 87  ? 5.615   1.394   -10.015 1.00 29.74  ? 126 HIS A N   1 
ATOM   686  C  CA  . HIS A 1 87  ? 6.977   1.329   -9.448  1.00 28.86  ? 126 HIS A CA  1 
ATOM   687  C  C   . HIS A 1 87  ? 7.907   2.004   -10.455 1.00 28.36  ? 126 HIS A C   1 
ATOM   688  O  O   . HIS A 1 87  ? 7.871   1.702   -11.637 1.00 24.91  ? 126 HIS A O   1 
ATOM   689  C  CB  . HIS A 1 87  ? 7.436   -0.089  -9.102  1.00 25.16  ? 126 HIS A CB  1 
ATOM   690  C  CG  . HIS A 1 87  ? 8.637   -0.066  -8.228  1.00 33.14  ? 126 HIS A CG  1 
ATOM   691  N  ND1 . HIS A 1 87  ? 9.918   0.165   -8.743  1.00 32.78  ? 126 HIS A ND1 1 
ATOM   692  C  CD2 . HIS A 1 87  ? 8.772   -0.109  -6.885  1.00 33.77  ? 126 HIS A CD2 1 
ATOM   693  C  CE1 . HIS A 1 87  ? 10.785  0.179   -7.746  1.00 34.76  ? 126 HIS A CE1 1 
ATOM   694  N  NE2 . HIS A 1 87  ? 10.111  0.022   -6.595  1.00 36.06  ? 126 HIS A NE2 1 
ATOM   695  N  N   . PRO A 1 88  ? 8.755   2.952   -10.023 1.00 32.02  ? 127 PRO A N   1 
ATOM   696  C  CA  . PRO A 1 88  ? 9.601   3.696   -10.974 1.00 33.37  ? 127 PRO A CA  1 
ATOM   697  C  C   . PRO A 1 88  ? 10.642  2.829   -11.700 1.00 35.40  ? 127 PRO A C   1 
ATOM   698  O  O   . PRO A 1 88  ? 11.058  3.201   -12.786 1.00 31.24  ? 127 PRO A O   1 
ATOM   699  C  CB  . PRO A 1 88  ? 10.205  4.788   -10.075 1.00 32.46  ? 127 PRO A CB  1 
ATOM   700  C  CG  . PRO A 1 88  ? 10.249  4.160   -8.712  1.00 35.20  ? 127 PRO A CG  1 
ATOM   701  C  CD  . PRO A 1 88  ? 8.951   3.366   -8.636  1.00 29.26  ? 127 PRO A CD  1 
ATOM   702  N  N   . ASP A 1 89  ? 11.008  1.657   -11.166 1.00 33.57  ? 128 ASP A N   1 
ATOM   703  C  CA  . ASP A 1 89  ? 11.874  0.719   -11.927 1.00 36.21  ? 128 ASP A CA  1 
ATOM   704  C  C   . ASP A 1 89  ? 11.123  0.145   -13.130 1.00 34.41  ? 128 ASP A C   1 
ATOM   705  O  O   . ASP A 1 89  ? 11.800  -0.461  -13.933 1.00 33.46  ? 128 ASP A O   1 
ATOM   706  C  CB  . ASP A 1 89  ? 12.439  -0.441  -11.106 1.00 36.64  ? 128 ASP A CB  1 
ATOM   707  C  CG  . ASP A 1 89  ? 13.288  -0.060  -9.917  1.00 35.65  ? 128 ASP A CG  1 
ATOM   708  O  OD1 . ASP A 1 89  ? 13.399  1.133   -9.627  1.00 37.08  ? 128 ASP A OD1 1 
ATOM   709  O  OD2 . ASP A 1 89  ? 13.729  -0.985  -9.203  1.00 34.83  ? 128 ASP A OD2 1 
ATOM   710  N  N   . SER A 1 90  ? 9.784   0.277   -13.249 1.00 32.86  ? 129 SER A N   1 
ATOM   711  C  CA  . SER A 1 90  ? 8.973   -0.315  -14.349 1.00 30.72  ? 129 SER A CA  1 
ATOM   712  C  C   . SER A 1 90  ? 9.248   0.407   -15.664 1.00 33.98  ? 129 SER A C   1 
ATOM   713  O  O   . SER A 1 90  ? 9.514   1.587   -15.652 1.00 32.60  ? 129 SER A O   1 
ATOM   714  C  CB  . SER A 1 90  ? 7.485   -0.254  -14.076 1.00 31.35  ? 129 SER A CB  1 
ATOM   715  O  OG  . SER A 1 90  ? 7.213   -0.654  -12.746 1.00 28.83  ? 129 SER A OG  1 
ATOM   716  N  N   . PRO A 1 91  ? 9.151   -0.232  -16.844 1.00 31.80  ? 130 PRO A N   1 
ATOM   717  C  CA  . PRO A 1 91  ? 9.117   -1.682  -16.990 1.00 32.34  ? 130 PRO A CA  1 
ATOM   718  C  C   . PRO A 1 91  ? 10.505  -2.281  -16.804 1.00 34.40  ? 130 PRO A C   1 
ATOM   719  O  O   . PRO A 1 91  ? 11.493  -1.588  -17.074 1.00 36.92  ? 130 PRO A O   1 
ATOM   720  C  CB  . PRO A 1 91  ? 8.640   -1.881  -18.422 1.00 36.25  ? 130 PRO A CB  1 
ATOM   721  C  CG  . PRO A 1 91  ? 9.116   -0.649  -19.142 1.00 37.21  ? 130 PRO A CG  1 
ATOM   722  C  CD  . PRO A 1 91  ? 9.074   0.458   -18.128 1.00 35.86  ? 130 PRO A CD  1 
ATOM   723  N  N   . ASN A 1 92  ? 10.580  -3.538  -16.389 1.00 32.34  ? 131 ASN A N   1 
ATOM   724  C  CA  . ASN A 1 92  ? 11.893  -4.163  -16.129 1.00 35.33  ? 131 ASN A CA  1 
ATOM   725  C  C   . ASN A 1 92  ? 11.825  -5.685  -16.266 1.00 38.21  ? 131 ASN A C   1 
ATOM   726  O  O   . ASN A 1 92  ? 10.728  -6.257  -16.378 1.00 34.31  ? 131 ASN A O   1 
ATOM   727  C  CB  . ASN A 1 92  ? 12.510  -3.707  -14.811 1.00 35.87  ? 131 ASN A CB  1 
ATOM   728  C  CG  . ASN A 1 92  ? 13.948  -3.278  -15.027 1.00 36.33  ? 131 ASN A CG  1 
ATOM   729  O  OD1 . ASN A 1 92  ? 14.728  -4.015  -15.636 1.00 38.16  ? 131 ASN A OD1 1 
ATOM   730  N  ND2 . ASN A 1 92  ? 14.284  -2.094  -14.556 1.00 30.70  ? 131 ASN A ND2 1 
ATOM   731  N  N   . PHE A 1 93  ? 13.000  -6.302  -16.401 1.00 38.79  ? 132 PHE A N   1 
ATOM   732  C  CA  . PHE A 1 93  ? 13.121  -7.761  -16.626 1.00 41.00  ? 132 PHE A CA  1 
ATOM   733  C  C   . PHE A 1 93  ? 12.751  -8.472  -15.319 1.00 38.41  ? 132 PHE A C   1 
ATOM   734  O  O   . PHE A 1 93  ? 13.010  -7.932  -14.214 1.00 37.96  ? 132 PHE A O   1 
ATOM   735  C  CB  . PHE A 1 93  ? 14.523  -8.099  -17.152 1.00 46.10  ? 132 PHE A CB  1 
ATOM   736  C  CG  . PHE A 1 93  ? 14.785  -7.586  -18.549 1.00 41.67  ? 132 PHE A CG  1 
ATOM   737  C  CD1 . PHE A 1 93  ? 14.159  -8.164  -19.641 1.00 46.64  ? 132 PHE A CD1 1 
ATOM   738  C  CD2 . PHE A 1 93  ? 15.631  -6.512  -18.778 1.00 46.11  ? 132 PHE A CD2 1 
ATOM   739  C  CE1 . PHE A 1 93  ? 14.364  -7.690  -20.927 1.00 46.23  ? 132 PHE A CE1 1 
ATOM   740  C  CE2 . PHE A 1 93  ? 15.853  -6.045  -20.071 1.00 40.30  ? 132 PHE A CE2 1 
ATOM   741  C  CZ  . PHE A 1 93  ? 15.212  -6.624  -21.140 1.00 43.32  ? 132 PHE A CZ  1 
ATOM   742  N  N   . GLY A 1 94  ? 12.201  -9.677  -15.420 1.00 41.58  ? 133 GLY A N   1 
ATOM   743  C  CA  . GLY A 1 94  ? 11.987  -10.531 -14.235 1.00 40.68  ? 133 GLY A CA  1 
ATOM   744  C  C   . GLY A 1 94  ? 13.203  -10.597 -13.320 1.00 41.32  ? 133 GLY A C   1 
ATOM   745  O  O   . GLY A 1 94  ? 13.023  -10.579 -12.101 1.00 35.85  ? 133 GLY A O   1 
ATOM   746  N  N   . ALA A 1 95  ? 14.426  -10.679 -13.864 1.00 42.15  ? 134 ALA A N   1 
ATOM   747  C  CA  . ALA A 1 95  ? 15.680  -10.756 -13.070 1.00 38.71  ? 134 ALA A CA  1 
ATOM   748  C  C   . ALA A 1 95  ? 15.820  -9.557  -12.132 1.00 39.12  ? 134 ALA A C   1 
ATOM   749  O  O   . ALA A 1 95  ? 16.338  -9.692  -10.998 1.00 40.34  ? 134 ALA A O   1 
ATOM   750  C  CB  . ALA A 1 95  ? 16.854  -10.791 -14.014 1.00 42.05  ? 134 ALA A CB  1 
ATOM   751  N  N   . HIS A 1 96  ? 15.466  -8.382  -12.638 1.00 37.03  ? 135 HIS A N   1 
ATOM   752  C  CA  . HIS A 1 96  ? 15.593  -7.107  -11.901 1.00 40.37  ? 135 HIS A CA  1 
ATOM   753  C  C   . HIS A 1 96  ? 14.733  -7.206  -10.649 1.00 36.73  ? 135 HIS A C   1 
ATOM   754  O  O   . HIS A 1 96  ? 15.152  -6.794  -9.550  1.00 38.19  ? 135 HIS A O   1 
ATOM   755  C  CB  . HIS A 1 96  ? 15.120  -5.934  -12.768 1.00 40.69  ? 135 HIS A CB  1 
ATOM   756  C  CG  . HIS A 1 96  ? 15.185  -4.655  -12.022 1.00 39.95  ? 135 HIS A CG  1 
ATOM   757  N  ND1 . HIS A 1 96  ? 16.364  -3.947  -11.888 1.00 42.24  ? 135 HIS A ND1 1 
ATOM   758  C  CD2 . HIS A 1 96  ? 14.244  -3.976  -11.337 1.00 36.48  ? 135 HIS A CD2 1 
ATOM   759  C  CE1 . HIS A 1 96  ? 16.151  -2.878  -11.153 1.00 44.61  ? 135 HIS A CE1 1 
ATOM   760  N  NE2 . HIS A 1 96  ? 14.852  -2.878  -10.795 1.00 44.14  ? 135 HIS A NE2 1 
ATOM   761  N  N   . TRP A 1 97  ? 13.526  -7.660  -10.861 1.00 39.44  ? 136 TRP A N   1 
ATOM   762  C  CA  . TRP A 1 97  ? 12.473  -7.663  -9.821  1.00 37.21  ? 136 TRP A CA  1 
ATOM   763  C  C   . TRP A 1 97  ? 12.795  -8.692  -8.740  1.00 41.39  ? 136 TRP A C   1 
ATOM   764  O  O   . TRP A 1 97  ? 12.476  -8.411  -7.569  1.00 39.01  ? 136 TRP A O   1 
ATOM   765  C  CB  . TRP A 1 97  ? 11.139  -7.955  -10.485 1.00 34.69  ? 136 TRP A CB  1 
ATOM   766  C  CG  . TRP A 1 97  ? 10.662  -6.881  -11.402 1.00 31.49  ? 136 TRP A CG  1 
ATOM   767  C  CD1 . TRP A 1 97  ? 10.351  -7.039  -12.714 1.00 29.51  ? 136 TRP A CD1 1 
ATOM   768  C  CD2 . TRP A 1 97  ? 10.357  -5.519  -11.069 1.00 29.93  ? 136 TRP A CD2 1 
ATOM   769  N  NE1 . TRP A 1 97  ? 9.893   -5.864  -13.232 1.00 29.89  ? 136 TRP A NE1 1 
ATOM   770  C  CE2 . TRP A 1 97  ? 9.916   -4.909  -12.259 1.00 26.65  ? 136 TRP A CE2 1 
ATOM   771  C  CE3 . TRP A 1 97  ? 10.468  -4.733  -9.917  1.00 30.16  ? 136 TRP A CE3 1 
ATOM   772  C  CZ2 . TRP A 1 97  ? 9.501   -3.583  -12.316 1.00 29.26  ? 136 TRP A CZ2 1 
ATOM   773  C  CZ3 . TRP A 1 97  ? 10.058  -3.418  -9.972  1.00 31.50  ? 136 TRP A CZ3 1 
ATOM   774  C  CH2 . TRP A 1 97  ? 9.581   -2.855  -11.155 1.00 28.73  ? 136 TRP A CH2 1 
ATOM   775  N  N   . MET A 1 98  ? 13.425  -9.817  -9.115  1.00 43.74  ? 137 MET A N   1 
ATOM   776  C  CA  . MET A 1 98  ? 13.682  -10.962 -8.193  1.00 44.96  ? 137 MET A CA  1 
ATOM   777  C  C   . MET A 1 98  ? 15.028  -10.812 -7.478  1.00 45.71  ? 137 MET A C   1 
ATOM   778  O  O   . MET A 1 98  ? 15.238  -11.577 -6.560  1.00 44.60  ? 137 MET A O   1 
ATOM   779  C  CB  . MET A 1 98  ? 13.660  -12.301 -8.936  1.00 45.51  ? 137 MET A CB  1 
ATOM   780  C  CG  . MET A 1 98  ? 12.303  -12.645 -9.511  1.00 46.78  ? 137 MET A CG  1 
ATOM   781  S  SD  . MET A 1 98  ? 12.219  -14.308 -10.244 1.00 45.32  ? 137 MET A SD  1 
ATOM   782  C  CE  . MET A 1 98  ? 13.092  -14.050 -11.791 1.00 49.30  ? 137 MET A CE  1 
ATOM   783  N  N   . LYS A 1 99  ? 15.885  -9.848  -7.827  1.00 48.19  ? 138 LYS A N   1 
ATOM   784  C  CA  . LYS A 1 99  ? 17.265  -9.779  -7.264  1.00 47.39  ? 138 LYS A CA  1 
ATOM   785  C  C   . LYS A 1 99  ? 17.281  -9.053  -5.914  1.00 51.59  ? 138 LYS A C   1 
ATOM   786  O  O   . LYS A 1 99  ? 18.223  -9.281  -5.132  1.00 50.37  ? 138 LYS A O   1 
ATOM   787  C  CB  . LYS A 1 99  ? 18.249  -9.172  -8.272  1.00 50.87  ? 138 LYS A CB  1 
ATOM   788  C  CG  . LYS A 1 99  ? 18.169  -7.670  -8.494  1.00 55.15  ? 138 LYS A CG  1 
ATOM   789  C  CD  . LYS A 1 99  ? 19.061  -7.192  -9.643  1.00 65.21  ? 138 LYS A CD  1 
ATOM   790  C  CE  . LYS A 1 99  ? 19.405  -5.715  -9.587  1.00 66.93  ? 138 LYS A CE  1 
ATOM   791  N  NZ  . LYS A 1 99  ? 19.379  -5.080  -10.931 1.00 74.50  ? 138 LYS A NZ  1 
ATOM   792  N  N   . ALA A 1 100 ? 16.276  -8.232  -5.603  1.00 45.00  ? 139 ALA A N   1 
ATOM   793  C  CA  . ALA A 1 100 ? 16.102  -7.653  -4.255  1.00 42.40  ? 139 ALA A CA  1 
ATOM   794  C  C   . ALA A 1 100 ? 14.630  -7.330  -4.037  1.00 39.63  ? 139 ALA A C   1 
ATOM   795  O  O   . ALA A 1 100 ? 13.889  -7.230  -5.008  1.00 42.34  ? 139 ALA A O   1 
ATOM   796  C  CB  . ALA A 1 100 ? 16.963  -6.429  -4.105  1.00 45.62  ? 139 ALA A CB  1 
ATOM   797  N  N   . PRO A 1 101 ? 14.172  -7.174  -2.779  1.00 39.84  ? 140 PRO A N   1 
ATOM   798  C  CA  . PRO A 1 101 ? 12.769  -6.878  -2.516  1.00 39.54  ? 140 PRO A CA  1 
ATOM   799  C  C   . PRO A 1 101 ? 12.360  -5.649  -3.333  1.00 38.39  ? 140 PRO A C   1 
ATOM   800  O  O   . PRO A 1 101 ? 13.140  -4.742  -3.468  1.00 36.26  ? 140 PRO A O   1 
ATOM   801  C  CB  . PRO A 1 101 ? 12.710  -6.612  -1.012  1.00 41.54  ? 140 PRO A CB  1 
ATOM   802  C  CG  . PRO A 1 101 ? 13.891  -7.394  -0.453  1.00 45.08  ? 140 PRO A CG  1 
ATOM   803  C  CD  . PRO A 1 101 ? 14.952  -7.304  -1.536  1.00 44.82  ? 140 PRO A CD  1 
ATOM   804  N  N   . VAL A 1 102 ? 11.171  -5.684  -3.906  1.00 35.18  ? 141 VAL A N   1 
ATOM   805  C  CA  . VAL A 1 102 ? 10.604  -4.523  -4.652  1.00 34.46  ? 141 VAL A CA  1 
ATOM   806  C  C   . VAL A 1 102 ? 10.043  -3.552  -3.610  1.00 34.20  ? 141 VAL A C   1 
ATOM   807  O  O   . VAL A 1 102 ? 9.099   -3.904  -2.859  1.00 30.38  ? 141 VAL A O   1 
ATOM   808  C  CB  . VAL A 1 102 ? 9.576   -4.981  -5.697  1.00 32.25  ? 141 VAL A CB  1 
ATOM   809  C  CG1 . VAL A 1 102 ? 9.069   -3.828  -6.533  1.00 32.11  ? 141 VAL A CG1 1 
ATOM   810  C  CG2 . VAL A 1 102 ? 10.133  -6.109  -6.559  1.00 37.02  ? 141 VAL A CG2 1 
ATOM   811  N  N   . SER A 1 103 ? 10.630  -2.362  -3.520  1.00 31.53  ? 142 SER A N   1 
ATOM   812  C  CA  . SER A 1 103 ? 10.364  -1.443  -2.396  1.00 34.60  ? 142 SER A CA  1 
ATOM   813  C  C   . SER A 1 103 ? 9.588   -0.227  -2.922  1.00 33.41  ? 142 SER A C   1 
ATOM   814  O  O   . SER A 1 103 ? 10.078  0.444   -3.834  1.00 35.68  ? 142 SER A O   1 
ATOM   815  C  CB  . SER A 1 103 ? 11.658  -1.110  -1.720  1.00 34.20  ? 142 SER A CB  1 
ATOM   816  O  OG  . SER A 1 103 ? 11.470  -0.112  -0.742  1.00 38.74  ? 142 SER A OG  1 
ATOM   817  N  N   . PHE A 1 104 ? 8.375   0.018   -2.411  1.00 29.96  ? 143 PHE A N   1 
ATOM   818  C  CA  . PHE A 1 104 ? 7.534   1.170   -2.850  1.00 28.93  ? 143 PHE A CA  1 
ATOM   819  C  C   . PHE A 1 104 ? 7.823   2.396   -1.970  1.00 32.02  ? 143 PHE A C   1 
ATOM   820  O  O   . PHE A 1 104 ? 6.909   2.986   -1.368  1.00 30.10  ? 143 PHE A O   1 
ATOM   821  C  CB  . PHE A 1 104 ? 6.061   0.735   -2.833  1.00 29.58  ? 143 PHE A CB  1 
ATOM   822  C  CG  . PHE A 1 104 ? 5.756   -0.289  -3.895  1.00 29.33  ? 143 PHE A CG  1 
ATOM   823  C  CD1 . PHE A 1 104 ? 5.275   0.100   -5.129  1.00 28.65  ? 143 PHE A CD1 1 
ATOM   824  C  CD2 . PHE A 1 104 ? 5.993   -1.639  -3.671  1.00 32.79  ? 143 PHE A CD2 1 
ATOM   825  C  CE1 . PHE A 1 104 ? 4.987   -0.830  -6.102  1.00 31.37  ? 143 PHE A CE1 1 
ATOM   826  C  CE2 . PHE A 1 104 ? 5.700   -2.569  -4.650  1.00 33.19  ? 143 PHE A CE2 1 
ATOM   827  C  CZ  . PHE A 1 104 ? 5.220   -2.159  -5.867  1.00 29.92  ? 143 PHE A CZ  1 
ATOM   828  N  N   . SER A 1 105 ? 9.075   2.831   -1.891  1.00 30.35  ? 144 SER A N   1 
ATOM   829  C  CA  . SER A 1 105 ? 9.496   3.858   -0.900  1.00 32.24  ? 144 SER A CA  1 
ATOM   830  C  C   . SER A 1 105 ? 9.105   5.257   -1.372  1.00 28.91  ? 144 SER A C   1 
ATOM   831  O  O   . SER A 1 105 ? 9.062   6.162   -0.507  1.00 32.75  ? 144 SER A O   1 
ATOM   832  C  CB  . SER A 1 105 ? 10.954  3.779   -0.635  1.00 31.14  ? 144 SER A CB  1 
ATOM   833  O  OG  . SER A 1 105 ? 11.637  3.947   -1.850  1.00 34.59  ? 144 SER A OG  1 
ATOM   834  N  N   . LYS A 1 106 ? 8.836   5.451   -2.656  1.00 29.82  ? 145 LYS A N   1 
ATOM   835  C  CA  . LYS A 1 106 ? 8.582   6.816   -3.202  1.00 29.54  ? 145 LYS A CA  1 
ATOM   836  C  C   . LYS A 1 106 ? 7.095   7.107   -3.420  1.00 31.66  ? 145 LYS A C   1 
ATOM   837  O  O   . LYS A 1 106 ? 6.765   8.247   -3.776  1.00 30.04  ? 145 LYS A O   1 
ATOM   838  C  CB  . LYS A 1 106 ? 9.355   7.021   -4.496  1.00 29.73  ? 145 LYS A CB  1 
ATOM   839  C  CG  . LYS A 1 106 ? 10.842  6.739   -4.400  1.00 30.25  ? 145 LYS A CG  1 
ATOM   840  C  CD  . LYS A 1 106 ? 11.483  7.470   -3.293  1.00 32.31  ? 145 LYS A CD  1 
ATOM   841  C  CE  . LYS A 1 106 ? 12.954  7.715   -3.565  1.00 32.05  ? 145 LYS A CE  1 
ATOM   842  N  NZ  . LYS A 1 106 ? 13.462  8.573   -2.482  1.00 36.84  ? 145 LYS A NZ  1 
ATOM   843  N  N   . VAL A 1 107 ? 6.185   6.163   -3.147  1.00 30.90  ? 146 VAL A N   1 
ATOM   844  C  CA  . VAL A 1 107 ? 4.746   6.491   -3.296  1.00 32.58  ? 146 VAL A CA  1 
ATOM   845  C  C   . VAL A 1 107 ? 4.402   7.505   -2.208  1.00 29.62  ? 146 VAL A C   1 
ATOM   846  O  O   . VAL A 1 107 ? 4.834   7.326   -1.079  1.00 29.46  ? 146 VAL A O   1 
ATOM   847  C  CB  . VAL A 1 107 ? 3.829   5.253   -3.254  1.00 29.48  ? 146 VAL A CB  1 
ATOM   848  C  CG1 . VAL A 1 107 ? 3.915   4.524   -1.915  1.00 30.32  ? 146 VAL A CG1 1 
ATOM   849  C  CG2 . VAL A 1 107 ? 2.401   5.645   -3.591  1.00 30.49  ? 146 VAL A CG2 1 
ATOM   850  N  N   . LYS A 1 108 ? 3.605   8.507   -2.554  1.00 32.01  ? 147 LYS A N   1 
ATOM   851  C  CA  . LYS A 1 108 ? 3.118   9.542   -1.607  1.00 32.59  ? 147 LYS A CA  1 
ATOM   852  C  C   . LYS A 1 108 ? 1.598   9.487   -1.508  1.00 30.26  ? 147 LYS A C   1 
ATOM   853  O  O   . LYS A 1 108 ? 0.954   9.439   -2.543  1.00 31.85  ? 147 LYS A O   1 
ATOM   854  C  CB  . LYS A 1 108 ? 3.518   10.929  -2.103  1.00 38.25  ? 147 LYS A CB  1 
ATOM   855  C  CG  . LYS A 1 108 ? 5.010   11.189  -2.008  1.00 45.03  ? 147 LYS A CG  1 
ATOM   856  C  CD  . LYS A 1 108 ? 5.474   12.387  -2.820  1.00 49.40  ? 147 LYS A CD  1 
ATOM   857  C  CE  . LYS A 1 108 ? 5.901   13.549  -1.958  1.00 53.30  ? 147 LYS A CE  1 
ATOM   858  N  NZ  . LYS A 1 108 ? 6.797   14.458  -2.707  1.00 52.99  ? 147 LYS A NZ  1 
ATOM   859  N  N   . LEU A 1 109 ? 1.073   9.446   -0.290  1.00 32.93  ? 148 LEU A N   1 
ATOM   860  C  CA  . LEU A 1 109 ? -0.389  9.383   -0.024  1.00 33.29  ? 148 LEU A CA  1 
ATOM   861  C  C   . LEU A 1 109 ? -0.894  10.810  0.224   1.00 34.98  ? 148 LEU A C   1 
ATOM   862  O  O   . LEU A 1 109 ? -0.333  11.465  1.129   1.00 33.32  ? 148 LEU A O   1 
ATOM   863  C  CB  . LEU A 1 109 ? -0.622  8.479   1.181   1.00 29.45  ? 148 LEU A CB  1 
ATOM   864  C  CG  . LEU A 1 109 ? -0.012  7.077   1.044   1.00 31.25  ? 148 LEU A CG  1 
ATOM   865  C  CD1 . LEU A 1 109 ? -0.416  6.184   2.199   1.00 30.43  ? 148 LEU A CD1 1 
ATOM   866  C  CD2 . LEU A 1 109 ? -0.367  6.464   -0.305  1.00 30.74  ? 148 LEU A CD2 1 
ATOM   867  N  N   . THR A 1 110 ? -1.886  11.262  -0.543  1.00 33.46  ? 149 THR A N   1 
ATOM   868  C  CA  . THR A 1 110 ? -2.491  12.614  -0.405  1.00 39.60  ? 149 THR A CA  1 
ATOM   869  C  C   . THR A 1 110 ? -3.988  12.509  -0.118  1.00 41.73  ? 149 THR A C   1 
ATOM   870  O  O   . THR A 1 110 ? -4.572  11.405  -0.316  1.00 39.51  ? 149 THR A O   1 
ATOM   871  C  CB  . THR A 1 110 ? -2.210  13.521  -1.618  1.00 40.54  ? 149 THR A CB  1 
ATOM   872  O  OG1 . THR A 1 110 ? -2.761  14.802  -1.302  1.00 44.06  ? 149 THR A OG1 1 
ATOM   873  C  CG2 . THR A 1 110 ? -2.796  13.047  -2.928  1.00 37.93  ? 149 THR A CG2 1 
ATOM   874  N  N   . ASN A 1 111 ? -4.576  13.637  0.304   1.00 38.93  ? 150 ASN A N   1 
ATOM   875  C  CA  . ASN A 1 111 ? -6.044  13.797  0.475   1.00 43.54  ? 150 ASN A CA  1 
ATOM   876  C  C   . ASN A 1 111 ? -6.609  14.769  -0.563  1.00 47.01  ? 150 ASN A C   1 
ATOM   877  O  O   . ASN A 1 111 ? -7.805  15.042  -0.470  1.00 46.46  ? 150 ASN A O   1 
ATOM   878  C  CB  . ASN A 1 111 ? -6.435  14.192  1.903   1.00 43.23  ? 150 ASN A CB  1 
ATOM   879  C  CG  . ASN A 1 111 ? -5.649  15.356  2.479   1.00 41.51  ? 150 ASN A CG  1 
ATOM   880  O  OD1 . ASN A 1 111 ? -5.753  15.622  3.667   1.00 53.37  ? 150 ASN A OD1 1 
ATOM   881  N  ND2 . ASN A 1 111 ? -4.839  16.017  1.681   1.00 42.24  ? 150 ASN A ND2 1 
ATOM   882  N  N   . LYS A 1 112 ? -5.836  15.194  -1.566  1.00 50.95  ? 151 LYS A N   1 
ATOM   883  C  CA  . LYS A 1 112 ? -6.288  16.215  -2.558  1.00 61.59  ? 151 LYS A CA  1 
ATOM   884  C  C   . LYS A 1 112 ? -5.934  15.774  -3.982  1.00 69.81  ? 151 LYS A C   1 
ATOM   885  O  O   . LYS A 1 112 ? -4.790  15.346  -4.194  1.00 71.51  ? 151 LYS A O   1 
ATOM   886  C  CB  . LYS A 1 112 ? -5.646  17.577  -2.260  1.00 68.81  ? 151 LYS A CB  1 
ATOM   887  C  CG  . LYS A 1 112 ? -5.945  18.157  -0.879  1.00 73.87  ? 151 LYS A CG  1 
ATOM   888  C  CD  . LYS A 1 112 ? -7.321  18.802  -0.744  1.00 78.17  ? 151 LYS A CD  1 
ATOM   889  C  CE  . LYS A 1 112 ? -7.547  19.428  0.619   1.00 77.10  ? 151 LYS A CE  1 
ATOM   890  N  NZ  . LYS A 1 112 ? -8.951  19.875  0.795   1.00 76.66  ? 151 LYS A NZ  1 
ATOM   891  N  N   . LEU A 1 113 ? -6.891  15.870  -4.913  1.00 78.72  ? 152 LEU A N   1 
ATOM   892  C  CA  . LEU A 1 113 ? -6.653  15.747  -6.380  1.00 83.92  ? 152 LEU A CA  1 
ATOM   893  C  C   . LEU A 1 113 ? -5.495  16.685  -6.759  1.00 90.51  ? 152 LEU A C   1 
ATOM   894  O  O   . LEU A 1 113 ? -5.613  17.903  -6.524  1.00 91.09  ? 152 LEU A O   1 
ATOM   895  C  CB  . LEU A 1 113 ? -7.933  16.032  -7.185  1.00 85.32  ? 152 LEU A CB  1 
ATOM   896  C  CG  . LEU A 1 113 ? -8.983  17.016  -6.637  1.00 90.11  ? 152 LEU A CG  1 
ATOM   897  C  CD1 . LEU A 1 113 ? -9.962  16.344  -5.674  1.00 88.86  ? 152 LEU A CD1 1 
ATOM   898  C  CD2 . LEU A 1 113 ? -8.382  18.277  -6.018  1.00 92.51  ? 152 LEU A CD2 1 
ATOM   899  N  N   . ASN A 1 114 ? -4.394  16.130  -7.280  1.00 98.70  ? 153 ASN A N   1 
ATOM   900  C  CA  . ASN A 1 114 ? -3.086  16.832  -7.417  1.00 105.52 ? 153 ASN A CA  1 
ATOM   901  C  C   . ASN A 1 114 ? -2.473  16.536  -8.791  1.00 106.91 ? 153 ASN A C   1 
ATOM   902  O  O   . ASN A 1 114 ? -3.057  15.714  -9.527  1.00 113.67 ? 153 ASN A O   1 
ATOM   903  C  CB  . ASN A 1 114 ? -2.125  16.448  -6.283  1.00 105.66 ? 153 ASN A CB  1 
ATOM   904  C  CG  . ASN A 1 114 ? -2.412  17.172  -4.983  1.00 106.02 ? 153 ASN A CG  1 
ATOM   905  O  OD1 . ASN A 1 114 ? -2.656  18.380  -4.965  1.00 96.75  ? 153 ASN A OD1 1 
ATOM   906  N  ND2 . ASN A 1 114 ? -2.384  16.437  -3.883  1.00 99.83  ? 153 ASN A ND2 1 
ATOM   907  N  N   . GLY A 1 115 ? -1.342  17.188  -9.098  1.00 108.75 ? 154 GLY A N   1 
ATOM   908  C  CA  . GLY A 1 115 ? -0.616  17.118  -10.385 1.00 108.10 ? 154 GLY A CA  1 
ATOM   909  C  C   . GLY A 1 115 ? -0.486  15.699  -10.917 1.00 103.97 ? 154 GLY A C   1 
ATOM   910  O  O   . GLY A 1 115 ? -1.134  15.385  -11.935 1.00 102.11 ? 154 GLY A O   1 
ATOM   911  N  N   . GLY A 1 116 ? 0.325   14.866  -10.265 1.00 96.30  ? 155 GLY A N   1 
ATOM   912  C  CA  . GLY A 1 116 ? 0.559   13.473  -10.690 1.00 89.13  ? 155 GLY A CA  1 
ATOM   913  C  C   . GLY A 1 116 ? 1.646   12.823  -9.865  1.00 81.71  ? 155 GLY A C   1 
ATOM   914  O  O   . GLY A 1 116 ? 2.455   13.552  -9.266  1.00 84.21  ? 155 GLY A O   1 
ATOM   915  N  N   . GLY A 1 117 ? 1.654   11.494  -9.832  1.00 74.98  ? 156 GLY A N   1 
ATOM   916  C  CA  . GLY A 1 117 ? 2.527   10.687  -8.962  1.00 67.80  ? 156 GLY A CA  1 
ATOM   917  C  C   . GLY A 1 117 ? 1.791   10.252  -7.703  1.00 58.87  ? 156 GLY A C   1 
ATOM   918  O  O   . GLY A 1 117 ? 1.657   9.038   -7.466  1.00 67.27  ? 156 GLY A O   1 
ATOM   919  N  N   . GLN A 1 118 ? 1.282   11.210  -6.922  0.40 59.12  ? 157 GLN A N   1 
ATOM   920  C  CA  . GLN A 1 118 ? 0.580   10.954  -5.632  0.40 56.53  ? 157 GLN A CA  1 
ATOM   921  C  C   . GLN A 1 118 ? -0.588  9.977   -5.825  0.40 52.87  ? 157 GLN A C   1 
ATOM   922  O  O   . GLN A 1 118 ? -1.200  9.981   -6.911  0.40 51.26  ? 157 GLN A O   1 
ATOM   923  C  CB  . GLN A 1 118 ? 0.052   12.261  -5.039  0.40 58.43  ? 157 GLN A CB  1 
ATOM   924  C  CG  . GLN A 1 118 ? 1.103   13.055  -4.284  0.40 59.19  ? 157 GLN A CG  1 
ATOM   925  C  CD  . GLN A 1 118 ? 0.863   14.538  -4.410  0.40 61.17  ? 157 GLN A CD  1 
ATOM   926  O  OE1 . GLN A 1 118 ? -0.245  15.025  -4.201  0.40 62.19  ? 157 GLN A OE1 1 
ATOM   927  N  NE2 . GLN A 1 118 ? 1.908   15.268  -4.762  0.40 61.26  ? 157 GLN A NE2 1 
ATOM   928  N  N   . ILE A 1 119 ? -0.869  9.169   -4.798  0.40 48.98  ? 158 ILE A N   1 
ATOM   929  C  CA  . ILE A 1 119 ? -2.112  8.353   -4.659  0.40 47.21  ? 158 ILE A CA  1 
ATOM   930  C  C   . ILE A 1 119 ? -3.062  9.123   -3.736  0.40 44.69  ? 158 ILE A C   1 
ATOM   931  O  O   . ILE A 1 119 ? -2.642  9.480   -2.623  0.40 42.73  ? 158 ILE A O   1 
ATOM   932  C  CB  . ILE A 1 119 ? -1.801  6.931   -4.137  0.40 47.65  ? 158 ILE A CB  1 
ATOM   933  C  CG1 . ILE A 1 119 ? -1.544  5.922   -5.264  0.40 48.65  ? 158 ILE A CG1 1 
ATOM   934  C  CG2 . ILE A 1 119 ? -2.903  6.426   -3.214  0.40 46.92  ? 158 ILE A CG2 1 
ATOM   935  C  CD1 . ILE A 1 119 ? -1.152  6.518   -6.602  0.40 49.59  ? 158 ILE A CD1 1 
ATOM   936  N  N   . MET A 1 120 ? -4.294  9.358   -4.196  0.40 43.98  ? 159 MET A N   1 
ATOM   937  C  CA  . MET A 1 120 ? -5.343  10.114  -3.465  0.40 43.96  ? 159 MET A CA  1 
ATOM   938  C  C   . MET A 1 120 ? -6.151  9.128   -2.613  0.40 41.98  ? 159 MET A C   1 
ATOM   939  O  O   . MET A 1 120 ? -6.757  8.205   -3.193  0.40 41.82  ? 159 MET A O   1 
ATOM   940  C  CB  . MET A 1 120 ? -6.266  10.841  -4.451  0.40 46.49  ? 159 MET A CB  1 
ATOM   941  C  CG  . MET A 1 120 ? -6.450  12.321  -4.154  0.40 48.03  ? 159 MET A CG  1 
ATOM   942  S  SD  . MET A 1 120 ? -7.721  12.649  -2.907  0.40 50.40  ? 159 MET A SD  1 
ATOM   943  C  CE  . MET A 1 120 ? -9.197  12.290  -3.856  0.40 51.96  ? 159 MET A CE  1 
ATOM   944  N  N   . LEU A 1 121 ? -6.120  9.292   -1.286  0.40 39.76  ? 160 LEU A N   1 
ATOM   945  C  CA  . LEU A 1 121 ? -6.846  8.434   -0.311  0.40 38.24  ? 160 LEU A CA  1 
ATOM   946  C  C   . LEU A 1 121 ? -7.860  9.288   0.459   0.40 40.89  ? 160 LEU A C   1 
ATOM   947  O  O   . LEU A 1 121 ? -7.494  10.409  0.873   0.40 38.89  ? 160 LEU A O   1 
ATOM   948  C  CB  . LEU A 1 121 ? -5.846  7.793   0.659   0.40 38.51  ? 160 LEU A CB  1 
ATOM   949  C  CG  . LEU A 1 121 ? -4.917  6.720   0.090   0.40 36.89  ? 160 LEU A CG  1 
ATOM   950  C  CD1 . LEU A 1 121 ? -4.087  6.095   1.200   0.40 36.43  ? 160 LEU A CD1 1 
ATOM   951  C  CD2 . LEU A 1 121 ? -5.693  5.643   -0.654  0.40 37.55  ? 160 LEU A CD2 1 
ATOM   952  N  N   . ASN A 1 122 ? -9.076  8.763   0.652   0.40 42.53  ? 161 ASN A N   1 
ATOM   953  C  CA  . ASN A 1 122 ? -10.106 9.325   1.566   0.40 42.78  ? 161 ASN A CA  1 
ATOM   954  C  C   . ASN A 1 122 ? -9.619  9.165   3.008   0.40 42.35  ? 161 ASN A C   1 
ATOM   955  O  O   . ASN A 1 122 ? -9.439  8.012   3.451   0.40 40.14  ? 161 ASN A O   1 
ATOM   956  C  CB  . ASN A 1 122 ? -11.470 8.644   1.414   0.40 45.09  ? 161 ASN A CB  1 
ATOM   957  C  CG  . ASN A 1 122 ? -12.216 9.041   0.158   0.40 46.52  ? 161 ASN A CG  1 
ATOM   958  O  OD1 . ASN A 1 122 ? -12.028 10.139  -0.363  0.40 48.47  ? 161 ASN A OD1 1 
ATOM   959  N  ND2 . ASN A 1 122 ? -13.077 8.160   -0.325  0.40 48.86  ? 161 ASN A ND2 1 
ATOM   960  N  N   . SER A 1 123 ? -9.424  10.276  3.720   0.40 39.50  ? 162 SER A N   1 
ATOM   961  C  CA  . SER A 1 123 ? -9.001  10.280  5.141   0.40 39.36  ? 162 SER A CA  1 
ATOM   962  C  C   . SER A 1 123 ? -10.085 9.606   5.990   0.40 37.07  ? 162 SER A C   1 
ATOM   963  O  O   . SER A 1 123 ? -11.268 9.692   5.611   0.40 36.88  ? 162 SER A O   1 
ATOM   964  C  CB  . SER A 1 123 ? -8.696  11.675  5.620   0.40 39.41  ? 162 SER A CB  1 
ATOM   965  O  OG  . SER A 1 123 ? -7.822  11.627  6.735   0.40 40.16  ? 162 SER A OG  1 
ATOM   966  N  N   . LEU A 1 124 ? -9.678  8.934   7.073   1.00 37.49  ? 163 LEU A N   1 
ATOM   967  C  CA  . LEU A 1 124 ? -10.566 8.141   7.966   1.00 36.83  ? 163 LEU A CA  1 
ATOM   968  C  C   . LEU A 1 124 ? -11.248 6.960   7.247   1.00 37.40  ? 163 LEU A C   1 
ATOM   969  O  O   . LEU A 1 124 ? -12.243 6.444   7.805   1.00 34.62  ? 163 LEU A O   1 
ATOM   970  C  CB  . LEU A 1 124 ? -11.589 9.055   8.647   1.00 41.79  ? 163 LEU A CB  1 
ATOM   971  C  CG  . LEU A 1 124 ? -10.969 10.177  9.487   1.00 43.32  ? 163 LEU A CG  1 
ATOM   972  C  CD1 . LEU A 1 124 ? -12.042 10.933  10.248  1.00 47.48  ? 163 LEU A CD1 1 
ATOM   973  C  CD2 . LEU A 1 124 ? -9.924  9.624   10.445  1.00 43.74  ? 163 LEU A CD2 1 
ATOM   974  N  N   . HIS A 1 125 ? -10.716 6.505   6.106   1.00 34.11  ? 164 HIS A N   1 
ATOM   975  C  CA  . HIS A 1 125 ? -11.077 5.204   5.492   1.00 34.24  ? 164 HIS A CA  1 
ATOM   976  C  C   . HIS A 1 125 ? -9.928  4.220   5.683   1.00 35.47  ? 164 HIS A C   1 
ATOM   977  O  O   . HIS A 1 125 ? -8.703  4.620   5.770   1.00 29.20  ? 164 HIS A O   1 
ATOM   978  C  CB  . HIS A 1 125 ? -11.505 5.365   4.032   1.00 34.53  ? 164 HIS A CB  1 
ATOM   979  C  CG  . HIS A 1 125 ? -12.802 6.088   3.951   1.00 41.94  ? 164 HIS A CG  1 
ATOM   980  N  ND1 . HIS A 1 125 ? -12.946 7.402   4.388   1.00 45.43  ? 164 HIS A ND1 1 
ATOM   981  C  CD2 . HIS A 1 125 ? -14.035 5.670   3.589   1.00 44.39  ? 164 HIS A CD2 1 
ATOM   982  C  CE1 . HIS A 1 125 ? -14.214 7.769   4.264   1.00 44.96  ? 164 HIS A CE1 1 
ATOM   983  N  NE2 . HIS A 1 125 ? -14.904 6.728   3.770   1.00 45.58  ? 164 HIS A NE2 1 
ATOM   984  N  N   . LYS A 1 126 ? -10.312 2.958   5.752   1.00 30.70  ? 165 LYS A N   1 
ATOM   985  C  CA  . LYS A 1 126 ? -9.379  1.854   5.982   1.00 29.68  ? 165 LYS A CA  1 
ATOM   986  C  C   . LYS A 1 126 ? -9.027  1.263   4.607   1.00 32.51  ? 165 LYS A C   1 
ATOM   987  O  O   . LYS A 1 126 ? -9.950  1.008   3.811   1.00 28.47  ? 165 LYS A O   1 
ATOM   988  C  CB  . LYS A 1 126 ? -10.022 0.902   6.975   1.00 31.37  ? 165 LYS A CB  1 
ATOM   989  C  CG  . LYS A 1 126 ? -9.183  -0.311  7.308   1.00 35.99  ? 165 LYS A CG  1 
ATOM   990  C  CD  . LYS A 1 126 ? -9.798  -1.180  8.365   1.00 37.27  ? 165 LYS A CD  1 
ATOM   991  C  CE  . LYS A 1 126 ? -9.318  -0.826  9.757   1.00 42.32  ? 165 LYS A CE  1 
ATOM   992  N  NZ  . LYS A 1 126 ? -9.752  -1.824  10.759  1.00 41.42  ? 165 LYS A NZ  1 
ATOM   993  N  N   . TYR A 1 127 ? -7.746  1.000   4.386   1.00 27.71  ? 166 TYR A N   1 
ATOM   994  C  CA  . TYR A 1 127 ? -7.190  0.630   3.062   1.00 24.87  ? 166 TYR A CA  1 
ATOM   995  C  C   . TYR A 1 127 ? -6.386  -0.651  3.203   1.00 26.05  ? 166 TYR A C   1 
ATOM   996  O  O   . TYR A 1 127 ? -5.670  -0.830  4.221   1.00 25.21  ? 166 TYR A O   1 
ATOM   997  C  CB  . TYR A 1 127 ? -6.385  1.773   2.440   1.00 26.69  ? 166 TYR A CB  1 
ATOM   998  C  CG  . TYR A 1 127 ? -7.249  2.900   1.956   1.00 26.37  ? 166 TYR A CG  1 
ATOM   999  C  CD1 . TYR A 1 127 ? -7.962  2.821   0.782   1.00 27.16  ? 166 TYR A CD1 1 
ATOM   1000 C  CD2 . TYR A 1 127 ? -7.439  4.021   2.748   1.00 30.52  ? 166 TYR A CD2 1 
ATOM   1001 C  CE1 . TYR A 1 127 ? -8.785  3.850   0.350   1.00 27.28  ? 166 TYR A CE1 1 
ATOM   1002 C  CE2 . TYR A 1 127 ? -8.245  5.058   2.331   1.00 28.04  ? 166 TYR A CE2 1 
ATOM   1003 C  CZ  . TYR A 1 127 ? -8.946  4.966   1.150   1.00 32.76  ? 166 TYR A CZ  1 
ATOM   1004 O  OH  . TYR A 1 127 ? -9.760  6.001   0.780   1.00 35.45  ? 166 TYR A OH  1 
ATOM   1005 N  N   . GLU A 1 128 ? -6.438  -1.485  2.151   1.00 24.32  ? 167 GLU A N   1 
ATOM   1006 C  CA  . GLU A 1 128 ? -5.592  -2.693  2.021   1.00 25.05  ? 167 GLU A CA  1 
ATOM   1007 C  C   . GLU A 1 128 ? -4.731  -2.558  0.773   1.00 24.32  ? 167 GLU A C   1 
ATOM   1008 O  O   . GLU A 1 128 ? -5.227  -2.575  -0.348  1.00 25.45  ? 167 GLU A O   1 
ATOM   1009 C  CB  . GLU A 1 128 ? -6.452  -3.956  1.875   1.00 22.98  ? 167 GLU A CB  1 
ATOM   1010 C  CG  . GLU A 1 128 ? -5.632  -5.215  1.914   1.00 24.45  ? 167 GLU A CG  1 
ATOM   1011 C  CD  . GLU A 1 128 ? -6.517  -6.447  2.085   1.00 24.20  ? 167 GLU A CD  1 
ATOM   1012 O  OE1 . GLU A 1 128 ? -7.168  -6.840  1.074   1.00 25.77  ? 167 GLU A OE1 1 
ATOM   1013 O  OE2 . GLU A 1 128 ? -6.529  -6.967  3.195   1.00 23.20  ? 167 GLU A OE2 1 
ATOM   1014 N  N   . PRO A 1 129 ? -3.419  -2.310  0.946   1.00 23.77  ? 168 PRO A N   1 
ATOM   1015 C  CA  . PRO A 1 129 ? -2.506  -2.288  -0.178  1.00 25.28  ? 168 PRO A CA  1 
ATOM   1016 C  C   . PRO A 1 129 ? -2.606  -3.570  -1.029  1.00 24.49  ? 168 PRO A C   1 
ATOM   1017 O  O   . PRO A 1 129 ? -2.764  -4.643  -0.491  1.00 24.08  ? 168 PRO A O   1 
ATOM   1018 C  CB  . PRO A 1 129 ? -1.129  -2.182  0.488   1.00 23.66  ? 168 PRO A CB  1 
ATOM   1019 C  CG  . PRO A 1 129 ? -1.447  -1.420  1.788   1.00 24.04  ? 168 PRO A CG  1 
ATOM   1020 C  CD  . PRO A 1 129 ? -2.780  -1.997  2.243   1.00 23.94  ? 168 PRO A CD  1 
ATOM   1021 N  N   . ARG A 1 130 ? -2.410  -3.386  -2.326  1.00 24.45  ? 169 ARG A N   1 
ATOM   1022 C  CA  . ARG A 1 130 ? -2.529  -4.444  -3.344  1.00 25.59  ? 169 ARG A CA  1 
ATOM   1023 C  C   . ARG A 1 130 ? -1.532  -4.132  -4.463  1.00 24.69  ? 169 ARG A C   1 
ATOM   1024 O  O   . ARG A 1 130 ? -1.445  -2.973  -4.919  1.00 24.91  ? 169 ARG A O   1 
ATOM   1025 C  CB  . ARG A 1 130 ? -3.994  -4.539  -3.781  1.00 27.19  ? 169 ARG A CB  1 
ATOM   1026 C  CG  . ARG A 1 130 ? -4.265  -5.554  -4.884  1.00 29.52  ? 169 ARG A CG  1 
ATOM   1027 C  CD  . ARG A 1 130 ? -5.743  -5.515  -5.220  1.00 25.75  ? 169 ARG A CD  1 
ATOM   1028 N  NE  . ARG A 1 130 ? -6.111  -4.339  -5.965  1.00 26.30  ? 169 ARG A NE  1 
ATOM   1029 C  CZ  . ARG A 1 130 ? -7.296  -4.122  -6.471  1.00 26.49  ? 169 ARG A CZ  1 
ATOM   1030 N  NH1 . ARG A 1 130 ? -8.271  -5.018  -6.288  1.00 27.45  ? 169 ARG A NH1 1 
ATOM   1031 N  NH2 . ARG A 1 130 ? -7.504  -3.026  -7.172  1.00 25.43  ? 169 ARG A NH2 1 
ATOM   1032 N  N   . ILE A 1 131 ? -0.829  -5.147  -4.930  1.00 25.31  ? 170 ILE A N   1 
ATOM   1033 C  CA  . ILE A 1 131 ? 0.041   -4.949  -6.107  1.00 26.87  ? 170 ILE A CA  1 
ATOM   1034 C  C   . ILE A 1 131 ? -0.553  -5.736  -7.268  1.00 29.69  ? 170 ILE A C   1 
ATOM   1035 O  O   . ILE A 1 131 ? -1.306  -6.733  -7.046  1.00 26.19  ? 170 ILE A O   1 
ATOM   1036 C  CB  . ILE A 1 131 ? 1.493   -5.333  -5.800  1.00 28.39  ? 170 ILE A CB  1 
ATOM   1037 C  CG1 . ILE A 1 131 ? 1.616   -6.795  -5.383  1.00 30.17  ? 170 ILE A CG1 1 
ATOM   1038 C  CG2 . ILE A 1 131 ? 2.093   -4.390  -4.765  1.00 29.95  ? 170 ILE A CG2 1 
ATOM   1039 C  CD1 . ILE A 1 131 ? 3.005   -7.356  -5.564  1.00 34.75  ? 170 ILE A CD1 1 
ATOM   1040 N  N   . HIS A 1 132 ? -0.215  -5.273  -8.457  1.00 27.67  ? 171 HIS A N   1 
ATOM   1041 C  CA  . HIS A 1 132 ? -0.457  -5.964  -9.735  1.00 27.68  ? 171 HIS A CA  1 
ATOM   1042 C  C   . HIS A 1 132 ? 0.888   -6.144  -10.405 1.00 29.56  ? 171 HIS A C   1 
ATOM   1043 O  O   . HIS A 1 132 ? 1.650   -5.131  -10.485 1.00 27.49  ? 171 HIS A O   1 
ATOM   1044 C  CB  . HIS A 1 132 ? -1.361  -5.148  -10.628 1.00 26.55  ? 171 HIS A CB  1 
ATOM   1045 C  CG  . HIS A 1 132 ? -2.570  -4.671  -9.916  1.00 33.82  ? 171 HIS A CG  1 
ATOM   1046 N  ND1 . HIS A 1 132 ? -3.588  -5.538  -9.561  1.00 32.95  ? 171 HIS A ND1 1 
ATOM   1047 C  CD2 . HIS A 1 132 ? -2.949  -3.436  -9.520  1.00 31.80  ? 171 HIS A CD2 1 
ATOM   1048 C  CE1 . HIS A 1 132 ? -4.544  -4.850  -8.970  1.00 33.26  ? 171 HIS A CE1 1 
ATOM   1049 N  NE2 . HIS A 1 132 ? -4.167  -3.560  -8.920  1.00 35.49  ? 171 HIS A NE2 1 
ATOM   1050 N  N   . ILE A 1 133 ? 1.180   -7.371  -10.815 1.00 28.93  ? 172 ILE A N   1 
ATOM   1051 C  CA  . ILE A 1 133 ? 2.400   -7.649  -11.628 1.00 32.16  ? 172 ILE A CA  1 
ATOM   1052 C  C   . ILE A 1 133 ? 1.904   -7.872  -13.042 1.00 33.31  ? 172 ILE A C   1 
ATOM   1053 O  O   . ILE A 1 133 ? 1.062   -8.795  -13.275 1.00 30.68  ? 172 ILE A O   1 
ATOM   1054 C  CB  . ILE A 1 133 ? 3.230   -8.813  -11.062 1.00 33.72  ? 172 ILE A CB  1 
ATOM   1055 C  CG1 . ILE A 1 133 ? 3.621   -8.573  -9.615  1.00 33.60  ? 172 ILE A CG1 1 
ATOM   1056 C  CG2 . ILE A 1 133 ? 4.477   -9.051  -11.909 1.00 32.13  ? 172 ILE A CG2 1 
ATOM   1057 C  CD1 . ILE A 1 133 ? 4.221   -9.772  -8.930  1.00 35.11  ? 172 ILE A CD1 1 
ATOM   1058 N  N   . VAL A 1 134 ? 2.315   -6.985  -13.948 1.00 34.39  ? 173 VAL A N   1 
ATOM   1059 C  CA  . VAL A 1 134 ? 1.774   -6.939  -15.338 1.00 31.73  ? 173 VAL A CA  1 
ATOM   1060 C  C   . VAL A 1 134 ? 2.912   -7.349  -16.281 1.00 33.47  ? 173 VAL A C   1 
ATOM   1061 O  O   . VAL A 1 134 ? 3.947   -6.668  -16.276 1.00 34.72  ? 173 VAL A O   1 
ATOM   1062 C  CB  . VAL A 1 134 ? 1.184   -5.569  -15.694 1.00 32.08  ? 173 VAL A CB  1 
ATOM   1063 C  CG1 . VAL A 1 134 ? 0.528   -5.595  -17.075 1.00 32.38  ? 173 VAL A CG1 1 
ATOM   1064 C  CG2 . VAL A 1 134 ? 0.180   -5.079  -14.637 1.00 35.43  ? 173 VAL A CG2 1 
ATOM   1065 N  N   . ARG A 1 135 ? 2.750   -8.497  -16.934 1.00 35.96  ? 174 ARG A N   1 
ATOM   1066 C  CA  . ARG A 1 135 ? 3.653   -8.965  -18.013 1.00 40.70  ? 174 ARG A CA  1 
ATOM   1067 C  C   . ARG A 1 135 ? 3.349   -8.145  -19.260 1.00 38.90  ? 174 ARG A C   1 
ATOM   1068 O  O   . ARG A 1 135 ? 2.233   -8.261  -19.780 1.00 41.40  ? 174 ARG A O   1 
ATOM   1069 C  CB  . ARG A 1 135 ? 3.491   -10.471 -18.249 1.00 47.56  ? 174 ARG A CB  1 
ATOM   1070 C  CG  . ARG A 1 135 ? 4.570   -11.053 -19.147 1.00 47.67  ? 174 ARG A CG  1 
ATOM   1071 C  CD  . ARG A 1 135 ? 4.486   -12.554 -19.287 1.00 52.65  ? 174 ARG A CD  1 
ATOM   1072 N  NE  . ARG A 1 135 ? 5.503   -12.981 -20.245 1.00 59.90  ? 174 ARG A NE  1 
ATOM   1073 C  CZ  . ARG A 1 135 ? 5.968   -14.221 -20.370 1.00 59.83  ? 174 ARG A CZ  1 
ATOM   1074 N  NH1 . ARG A 1 135 ? 5.520   -15.193 -19.594 1.00 59.42  ? 174 ARG A NH1 1 
ATOM   1075 N  NH2 . ARG A 1 135 ? 6.908   -14.479 -21.259 1.00 61.00  ? 174 ARG A NH2 1 
ATOM   1076 N  N   . VAL A 1 136 ? 4.342   -7.379  -19.725 1.00 46.51  ? 175 VAL A N   1 
ATOM   1077 C  CA  . VAL A 1 136 ? 4.216   -6.360  -20.808 1.00 48.43  ? 175 VAL A CA  1 
ATOM   1078 C  C   . VAL A 1 136 ? 5.165   -6.717  -21.967 1.00 54.94  ? 175 VAL A C   1 
ATOM   1079 O  O   . VAL A 1 136 ? 6.201   -7.404  -21.733 1.00 44.81  ? 175 VAL A O   1 
ATOM   1080 C  CB  . VAL A 1 136 ? 4.545   -4.954  -20.261 1.00 52.08  ? 175 VAL A CB  1 
ATOM   1081 C  CG1 . VAL A 1 136 ? 3.567   -4.509  -19.179 1.00 55.56  ? 175 VAL A CG1 1 
ATOM   1082 C  CG2 . VAL A 1 136 ? 5.968   -4.851  -19.733 1.00 51.38  ? 175 VAL A CG2 1 
ATOM   1083 N  N   . GLY A 1 137 ? 4.879   -6.204  -23.161 1.00 63.53  ? 176 GLY A N   1 
ATOM   1084 C  CA  . GLY A 1 137 ? 5.796   -6.293  -24.314 1.00 74.97  ? 176 GLY A CA  1 
ATOM   1085 C  C   . GLY A 1 137 ? 5.706   -7.644  -24.997 1.00 82.52  ? 176 GLY A C   1 
ATOM   1086 O  O   . GLY A 1 137 ? 5.744   -7.671  -26.251 1.00 89.36  ? 176 GLY A O   1 
ATOM   1087 N  N   . GLY A 1 138 ? 5.602   -8.719  -24.205 1.00 79.19  ? 177 GLY A N   1 
ATOM   1088 C  CA  . GLY A 1 138 ? 5.260   -10.072 -24.675 1.00 80.79  ? 177 GLY A CA  1 
ATOM   1089 C  C   . GLY A 1 138 ? 3.988   -10.065 -25.520 1.00 82.96  ? 177 GLY A C   1 
ATOM   1090 O  O   . GLY A 1 138 ? 3.267   -9.068  -25.580 1.00 68.73  ? 177 GLY A O   1 
ATOM   1091 N  N   . PRO A 1 139 ? 3.686   -11.187 -26.207 1.00 92.51  ? 178 PRO A N   1 
ATOM   1092 C  CA  . PRO A 1 139 ? 2.444   -11.306 -26.972 1.00 92.21  ? 178 PRO A CA  1 
ATOM   1093 C  C   . PRO A 1 139 ? 1.258   -11.447 -26.006 1.00 91.53  ? 178 PRO A C   1 
ATOM   1094 O  O   . PRO A 1 139 ? 0.289   -10.716 -26.151 1.00 84.64  ? 178 PRO A O   1 
ATOM   1095 C  CB  . PRO A 1 139 ? 2.649   -12.572 -27.822 1.00 95.73  ? 178 PRO A CB  1 
ATOM   1096 C  CG  . PRO A 1 139 ? 3.716   -13.387 -27.087 1.00 94.75  ? 178 PRO A CG  1 
ATOM   1097 C  CD  . PRO A 1 139 ? 4.517   -12.403 -26.255 1.00 93.52  ? 178 PRO A CD  1 
ATOM   1098 N  N   . GLN A 1 140 ? 1.411   -12.367 -25.042 1.00 89.49  ? 179 GLN A N   1 
ATOM   1099 C  CA  . GLN A 1 140 ? 0.443   -12.727 -23.974 1.00 87.09  ? 179 GLN A CA  1 
ATOM   1100 C  C   . GLN A 1 140 ? 0.616   -11.758 -22.795 1.00 71.02  ? 179 GLN A C   1 
ATOM   1101 O  O   . GLN A 1 140 ? 1.405   -12.054 -21.881 1.00 64.61  ? 179 GLN A O   1 
ATOM   1102 C  CB  . GLN A 1 140 ? 0.660   -14.187 -23.547 1.00 96.71  ? 179 GLN A CB  1 
ATOM   1103 C  CG  . GLN A 1 140 ? 1.958   -14.439 -22.772 1.00 106.17 ? 179 GLN A CG  1 
ATOM   1104 C  CD  . GLN A 1 140 ? 2.757   -15.639 -23.233 1.00 111.07 ? 179 GLN A CD  1 
ATOM   1105 O  OE1 . GLN A 1 140 ? 2.803   -16.681 -22.574 1.00 103.86 ? 179 GLN A OE1 1 
ATOM   1106 N  NE2 . GLN A 1 140 ? 3.429   -15.487 -24.364 1.00 110.25 ? 179 GLN A NE2 1 
ATOM   1107 N  N   . ARG A 1 141 ? -0.096  -10.634 -22.819 1.00 59.21  ? 180 ARG A N   1 
ATOM   1108 C  CA  . ARG A 1 141 ? -0.323  -9.804  -21.606 1.00 57.15  ? 180 ARG A CA  1 
ATOM   1109 C  C   . ARG A 1 141 ? -0.861  -10.727 -20.488 1.00 53.66  ? 180 ARG A C   1 
ATOM   1110 O  O   . ARG A 1 141 ? -1.647  -11.641 -20.819 1.00 45.66  ? 180 ARG A O   1 
ATOM   1111 C  CB  . ARG A 1 141 ? -1.242  -8.647  -21.997 1.00 62.75  ? 180 ARG A CB  1 
ATOM   1112 C  CG  . ARG A 1 141 ? -1.859  -7.912  -20.819 1.00 74.87  ? 180 ARG A CG  1 
ATOM   1113 C  CD  . ARG A 1 141 ? -2.147  -6.457  -21.120 1.00 76.59  ? 180 ARG A CD  1 
ATOM   1114 N  NE  . ARG A 1 141 ? -1.006  -5.648  -20.735 1.00 82.57  ? 180 ARG A NE  1 
ATOM   1115 C  CZ  . ARG A 1 141 ? -0.496  -4.645  -21.443 1.00 84.67  ? 180 ARG A CZ  1 
ATOM   1116 N  NH1 . ARG A 1 141 ? 0.549   -3.984  -20.972 1.00 76.16  ? 180 ARG A NH1 1 
ATOM   1117 N  NH2 . ARG A 1 141 ? -1.017  -4.308  -22.612 1.00 88.24  ? 180 ARG A NH2 1 
ATOM   1118 N  N   . MET A 1 142 ? -0.384  -10.573 -19.236 1.00 43.62  ? 181 MET A N   1 
ATOM   1119 C  CA  . MET A 1 142 ? -0.876  -11.314 -18.038 1.00 40.71  ? 181 MET A CA  1 
ATOM   1120 C  C   . MET A 1 142 ? -0.770  -10.394 -16.815 1.00 38.11  ? 181 MET A C   1 
ATOM   1121 O  O   . MET A 1 142 ? 0.157   -9.558  -16.748 1.00 31.46  ? 181 MET A O   1 
ATOM   1122 C  CB  . MET A 1 142 ? -0.088  -12.607 -17.794 1.00 39.37  ? 181 MET A CB  1 
ATOM   1123 C  CG  . MET A 1 142 ? -0.641  -13.523 -16.685 1.00 40.52  ? 181 MET A CG  1 
ATOM   1124 S  SD  . MET A 1 142 ? -2.431  -13.810 -16.728 1.00 42.13  ? 181 MET A SD  1 
ATOM   1125 C  CE  . MET A 1 142 ? -2.656  -14.685 -15.178 1.00 49.41  ? 181 MET A CE  1 
ATOM   1126 N  N   . ILE A 1 143 ? -1.731  -10.504 -15.900 1.00 36.45  ? 182 ILE A N   1 
ATOM   1127 C  CA  . ILE A 1 143 ? -1.726  -9.769  -14.602 1.00 32.79  ? 182 ILE A CA  1 
ATOM   1128 C  C   . ILE A 1 143 ? -1.830  -10.796 -13.476 1.00 33.51  ? 182 ILE A C   1 
ATOM   1129 O  O   . ILE A 1 143 ? -2.708  -11.697 -13.555 1.00 30.87  ? 182 ILE A O   1 
ATOM   1130 C  CB  . ILE A 1 143 ? -2.859  -8.741  -14.548 1.00 32.44  ? 182 ILE A CB  1 
ATOM   1131 C  CG1 . ILE A 1 143 ? -2.676  -7.700  -15.643 1.00 32.03  ? 182 ILE A CG1 1 
ATOM   1132 C  CG2 . ILE A 1 143 ? -2.952  -8.103  -13.149 1.00 33.79  ? 182 ILE A CG2 1 
ATOM   1133 C  CD1 . ILE A 1 143 ? -3.905  -6.938  -15.969 1.00 35.90  ? 182 ILE A CD1 1 
ATOM   1134 N  N   . THR A 1 144 ? -0.977  -10.671 -12.469 1.00 32.39  ? 183 THR A N   1 
ATOM   1135 C  CA  . THR A 1 144 ? -1.135  -11.379 -11.175 1.00 35.28  ? 183 THR A CA  1 
ATOM   1136 C  C   . THR A 1 144 ? -1.301  -10.312 -10.090 1.00 33.21  ? 183 THR A C   1 
ATOM   1137 O  O   . THR A 1 144 ? -0.489  -9.354  -10.063 1.00 29.52  ? 183 THR A O   1 
ATOM   1138 C  CB  . THR A 1 144 ? -0.003  -12.357 -10.887 1.00 36.03  ? 183 THR A CB  1 
ATOM   1139 O  OG1 . THR A 1 144 ? 1.136   -11.587 -10.522 1.00 62.94  ? 183 THR A OG1 1 
ATOM   1140 C  CG2 . THR A 1 144 ? 0.342   -13.245 -12.059 1.00 33.47  ? 183 THR A CG2 1 
ATOM   1141 N  N   . SER A 1 145 ? -2.317  -10.459 -9.248  1.00 32.29  ? 184 SER A N   1 
ATOM   1142 C  CA  . SER A 1 145 ? -2.580  -9.483  -8.166  1.00 27.92  ? 184 SER A CA  1 
ATOM   1143 C  C   . SER A 1 145 ? -2.339  -10.133 -6.819  1.00 32.13  ? 184 SER A C   1 
ATOM   1144 O  O   . SER A 1 145 ? -2.500  -11.346 -6.645  1.00 32.59  ? 184 SER A O   1 
ATOM   1145 C  CB  . SER A 1 145 ? -3.908  -8.884  -8.289  1.00 29.15  ? 184 SER A CB  1 
ATOM   1146 O  OG  . SER A 1 145 ? -3.983  -8.184  -9.530  1.00 31.41  ? 184 SER A OG  1 
ATOM   1147 N  N   . HIS A 1 146 ? -1.941  -9.324  -5.865  1.00 28.44  ? 185 HIS A N   1 
ATOM   1148 C  CA  . HIS A 1 146 ? -1.737  -9.788  -4.490  1.00 26.99  ? 185 HIS A CA  1 
ATOM   1149 C  C   . HIS A 1 146 ? -2.078  -8.670  -3.499  1.00 27.17  ? 185 HIS A C   1 
ATOM   1150 O  O   . HIS A 1 146 ? -1.525  -7.547  -3.603  1.00 31.46  ? 185 HIS A O   1 
ATOM   1151 C  CB  . HIS A 1 146 ? -0.312  -10.290 -4.335  1.00 28.49  ? 185 HIS A CB  1 
ATOM   1152 C  CG  . HIS A 1 146 ? -0.163  -11.190 -3.159  1.00 33.07  ? 185 HIS A CG  1 
ATOM   1153 N  ND1 . HIS A 1 146 ? 0.059   -10.714 -1.870  1.00 42.09  ? 185 HIS A ND1 1 
ATOM   1154 C  CD2 . HIS A 1 146 ? -0.234  -12.530 -3.062  1.00 36.01  ? 185 HIS A CD2 1 
ATOM   1155 C  CE1 . HIS A 1 146 ? 0.128   -11.727 -1.040  1.00 38.67  ? 185 HIS A CE1 1 
ATOM   1156 N  NE2 . HIS A 1 146 ? -0.045  -12.852 -1.750  1.00 41.03  ? 185 HIS A NE2 1 
ATOM   1157 N  N   A CYS A 1 147 ? -2.913  -9.026  -2.518  0.25 28.23  ? 186 CYS A N   1 
ATOM   1158 N  N   B CYS A 1 147 ? -2.955  -8.935  -2.531  0.25 27.33  ? 186 CYS A N   1 
ATOM   1159 C  CA  A CYS A 1 147 ? -3.311  -8.189  -1.356  0.25 27.10  ? 186 CYS A CA  1 
ATOM   1160 C  CA  B CYS A 1 147 ? -3.266  -7.951  -1.455  0.25 25.01  ? 186 CYS A CA  1 
ATOM   1161 C  C   A CYS A 1 147 ? -2.371  -8.423  -0.194  0.25 26.98  ? 186 CYS A C   1 
ATOM   1162 C  C   B CYS A 1 147 ? -2.580  -8.402  -0.165  0.25 25.08  ? 186 CYS A C   1 
ATOM   1163 O  O   A CYS A 1 147 ? -1.826  -9.533  -0.107  0.25 27.54  ? 186 CYS A O   1 
ATOM   1164 O  O   B CYS A 1 147 ? -2.361  -9.601  0.007   0.25 24.10  ? 186 CYS A O   1 
ATOM   1165 C  CB  A CYS A 1 147 ? -4.681  -8.600  -0.857  0.25 28.53  ? 186 CYS A CB  1 
ATOM   1166 C  CB  B CYS A 1 147 ? -4.768  -7.756  -1.301  0.25 25.68  ? 186 CYS A CB  1 
ATOM   1167 S  SG  A CYS A 1 147 ? -5.956  -8.142  -2.041  0.25 23.06  ? 186 CYS A SG  1 
ATOM   1168 S  SG  B CYS A 1 147 ? -5.679  -9.278  -0.922  0.25 21.04  ? 186 CYS A SG  1 
ATOM   1169 N  N   . PHE A 1 148 ? -2.241  -7.433  0.692   1.00 28.18  ? 187 PHE A N   1 
ATOM   1170 C  CA  . PHE A 1 148 ? -1.382  -7.584  1.883   1.00 27.94  ? 187 PHE A CA  1 
ATOM   1171 C  C   . PHE A 1 148 ? -2.170  -7.166  3.118   1.00 28.80  ? 187 PHE A C   1 
ATOM   1172 O  O   . PHE A 1 148 ? -2.027  -6.044  3.605   1.00 30.49  ? 187 PHE A O   1 
ATOM   1173 C  CB  . PHE A 1 148 ? -0.142  -6.724  1.691   1.00 28.63  ? 187 PHE A CB  1 
ATOM   1174 C  CG  . PHE A 1 148 ? 0.752   -7.186  0.577   1.00 29.47  ? 187 PHE A CG  1 
ATOM   1175 C  CD1 . PHE A 1 148 ? 1.642   -8.240  0.775   1.00 33.19  ? 187 PHE A CD1 1 
ATOM   1176 C  CD2 . PHE A 1 148 ? 0.638   -6.622  -0.680  1.00 29.00  ? 187 PHE A CD2 1 
ATOM   1177 C  CE1 . PHE A 1 148 ? 2.441   -8.688  -0.270  1.00 35.54  ? 187 PHE A CE1 1 
ATOM   1178 C  CE2 . PHE A 1 148 ? 1.479   -7.032  -1.710  1.00 34.45  ? 187 PHE A CE2 1 
ATOM   1179 C  CZ  . PHE A 1 148 ? 2.355   -8.083  -1.509  1.00 31.90  ? 187 PHE A CZ  1 
ATOM   1180 N  N   . PRO A 1 149 ? -3.022  -8.063  3.658   1.00 27.68  ? 188 PRO A N   1 
ATOM   1181 C  CA  . PRO A 1 149 ? -3.783  -7.757  4.869   1.00 28.05  ? 188 PRO A CA  1 
ATOM   1182 C  C   . PRO A 1 149 ? -2.948  -7.183  6.024   1.00 27.78  ? 188 PRO A C   1 
ATOM   1183 O  O   . PRO A 1 149 ? -3.487  -6.390  6.764   1.00 27.20  ? 188 PRO A O   1 
ATOM   1184 C  CB  . PRO A 1 149 ? -4.349  -9.131  5.278   1.00 29.50  ? 188 PRO A CB  1 
ATOM   1185 C  CG  . PRO A 1 149 ? -4.425  -9.936  4.002   1.00 33.68  ? 188 PRO A CG  1 
ATOM   1186 C  CD  . PRO A 1 149 ? -3.364  -9.372  3.084   1.00 30.34  ? 188 PRO A CD  1 
ATOM   1187 N  N   . GLU A 1 150 ? -1.727  -7.701  6.195   1.00 28.37  ? 189 GLU A N   1 
ATOM   1188 C  CA  . GLU A 1 150 ? -0.766  -7.313  7.262   1.00 30.14  ? 189 GLU A CA  1 
ATOM   1189 C  C   . GLU A 1 150 ? -0.523  -5.796  7.220   1.00 27.71  ? 189 GLU A C   1 
ATOM   1190 O  O   . GLU A 1 150 ? -0.032  -5.239  8.231   1.00 28.32  ? 189 GLU A O   1 
ATOM   1191 C  CB  . GLU A 1 150 ? 0.504   -8.147  7.069   1.00 35.64  ? 189 GLU A CB  1 
ATOM   1192 C  CG  . GLU A 1 150 ? 0.226   -9.612  6.711   1.00 39.36  ? 189 GLU A CG  1 
ATOM   1193 C  CD  . GLU A 1 150 ? 0.536   -10.117 5.291   1.00 39.80  ? 189 GLU A CD  1 
ATOM   1194 O  OE1 . GLU A 1 150 ? 1.318   -11.104 5.221   1.00 53.22  ? 189 GLU A OE1 1 
ATOM   1195 O  OE2 . GLU A 1 150 ? 0.028   -9.558  4.253   1.00 25.23  ? 189 GLU A OE2 1 
ATOM   1196 N  N   . THR A 1 151 ? -0.762  -5.157  6.069   1.00 25.75  ? 190 THR A N   1 
ATOM   1197 C  CA  . THR A 1 151 ? -0.339  -3.774  5.735   1.00 27.15  ? 190 THR A CA  1 
ATOM   1198 C  C   . THR A 1 151 ? -1.552  -2.862  5.765   1.00 26.37  ? 190 THR A C   1 
ATOM   1199 O  O   . THR A 1 151 ? -1.405  -1.703  5.379   1.00 29.94  ? 190 THR A O   1 
ATOM   1200 C  CB  . THR A 1 151 ? 0.420   -3.675  4.401   1.00 27.52  ? 190 THR A CB  1 
ATOM   1201 O  OG1 . THR A 1 151 ? -0.442  -3.894  3.274   1.00 26.02  ? 190 THR A OG1 1 
ATOM   1202 C  CG2 . THR A 1 151 ? 1.603   -4.620  4.405   1.00 29.68  ? 190 THR A CG2 1 
ATOM   1203 N  N   . GLN A 1 152 ? -2.721  -3.370  6.201   1.00 24.15  ? 191 GLN A N   1 
ATOM   1204 C  CA  . GLN A 1 152 ? -3.914  -2.497  6.296   1.00 23.55  ? 191 GLN A CA  1 
ATOM   1205 C  C   . GLN A 1 152 ? -3.631  -1.281  7.186   1.00 26.49  ? 191 GLN A C   1 
ATOM   1206 O  O   . GLN A 1 152 ? -2.907  -1.417  8.192   1.00 29.33  ? 191 GLN A O   1 
ATOM   1207 C  CB  . GLN A 1 152 ? -5.113  -3.252  6.879   1.00 27.50  ? 191 GLN A CB  1 
ATOM   1208 C  CG  . GLN A 1 152 ? -5.816  -4.055  5.791   1.00 31.90  ? 191 GLN A CG  1 
ATOM   1209 C  CD  . GLN A 1 152 ? -7.034  -4.724  6.369   1.00 38.47  ? 191 GLN A CD  1 
ATOM   1210 O  OE1 . GLN A 1 152 ? -7.271  -4.638  7.574   1.00 41.41  ? 191 GLN A OE1 1 
ATOM   1211 N  NE2 . GLN A 1 152 ? -7.777  -5.430  5.524   1.00 43.93  ? 191 GLN A NE2 1 
ATOM   1212 N  N   . PHE A 1 153 ? -4.232  -0.155  6.844   1.00 27.12  ? 192 PHE A N   1 
ATOM   1213 C  CA  . PHE A 1 153 ? -4.128  1.072   7.656   1.00 27.58  ? 192 PHE A CA  1 
ATOM   1214 C  C   . PHE A 1 153 ? -5.349  1.955   7.423   1.00 27.60  ? 192 PHE A C   1 
ATOM   1215 O  O   . PHE A 1 153 ? -6.036  1.848   6.435   1.00 27.49  ? 192 PHE A O   1 
ATOM   1216 C  CB  . PHE A 1 153 ? -2.858  1.849   7.266   1.00 25.59  ? 192 PHE A CB  1 
ATOM   1217 C  CG  . PHE A 1 153 ? -2.837  2.341   5.854   1.00 23.76  ? 192 PHE A CG  1 
ATOM   1218 C  CD1 . PHE A 1 153 ? -3.462  3.515   5.501   1.00 24.95  ? 192 PHE A CD1 1 
ATOM   1219 C  CD2 . PHE A 1 153 ? -2.246  1.583   4.853   1.00 22.75  ? 192 PHE A CD2 1 
ATOM   1220 C  CE1 . PHE A 1 153 ? -3.458  3.950   4.187   1.00 25.41  ? 192 PHE A CE1 1 
ATOM   1221 C  CE2 . PHE A 1 153 ? -2.254  2.023   3.542   1.00 23.16  ? 192 PHE A CE2 1 
ATOM   1222 C  CZ  . PHE A 1 153 ? -2.819  3.219   3.219   1.00 24.19  ? 192 PHE A CZ  1 
ATOM   1223 N  N   . ILE A 1 154 ? -5.550  2.901   8.347   1.00 27.06  ? 193 ILE A N   1 
ATOM   1224 C  CA  . ILE A 1 154 ? -6.530  3.992   8.210   1.00 26.94  ? 193 ILE A CA  1 
ATOM   1225 C  C   . ILE A 1 154 ? -5.746  5.230   7.814   1.00 28.69  ? 193 ILE A C   1 
ATOM   1226 O  O   . ILE A 1 154 ? -4.691  5.431   8.462   1.00 32.45  ? 193 ILE A O   1 
ATOM   1227 C  CB  . ILE A 1 154 ? -7.279  4.164   9.543   1.00 30.28  ? 193 ILE A CB  1 
ATOM   1228 C  CG1 . ILE A 1 154 ? -7.970  2.850   9.949   1.00 32.59  ? 193 ILE A CG1 1 
ATOM   1229 C  CG2 . ILE A 1 154 ? -8.227  5.346   9.446   1.00 30.54  ? 193 ILE A CG2 1 
ATOM   1230 C  CD1 . ILE A 1 154 ? -8.664  2.901   11.291  1.00 38.16  ? 193 ILE A CD1 1 
ATOM   1231 N  N   . ALA A 1 155 ? -6.165  5.914   6.751   1.00 28.36  ? 194 ALA A N   1 
ATOM   1232 C  CA  . ALA A 1 155 ? -5.596  7.197   6.302   1.00 31.95  ? 194 ALA A CA  1 
ATOM   1233 C  C   . ALA A 1 155 ? -6.035  8.234   7.349   1.00 33.50  ? 194 ALA A C   1 
ATOM   1234 O  O   . ALA A 1 155 ? -7.215  8.255   7.702   1.00 33.76  ? 194 ALA A O   1 
ATOM   1235 C  CB  . ALA A 1 155 ? -6.101  7.503   4.911   1.00 33.94  ? 194 ALA A CB  1 
ATOM   1236 N  N   . VAL A 1 156 ? -5.084  9.001   7.888   0.40 33.57  ? 195 VAL A N   1 
ATOM   1237 C  CA  . VAL A 1 156 ? -5.331  10.053  8.924   0.40 33.53  ? 195 VAL A CA  1 
ATOM   1238 C  C   . VAL A 1 156 ? -4.472  11.275  8.589   0.40 33.95  ? 195 VAL A C   1 
ATOM   1239 O  O   . VAL A 1 156 ? -3.371  11.084  8.064   0.40 33.55  ? 195 VAL A O   1 
ATOM   1240 C  CB  . VAL A 1 156 ? -5.044  9.546   10.353  0.40 33.29  ? 195 VAL A CB  1 
ATOM   1241 C  CG1 . VAL A 1 156 ? -5.889  8.330   10.711  0.40 32.90  ? 195 VAL A CG1 1 
ATOM   1242 C  CG2 . VAL A 1 156 ? -3.567  9.257   10.586  0.40 32.96  ? 195 VAL A CG2 1 
ATOM   1243 N  N   . THR A 1 157 ? -4.956  12.485  8.886   0.40 35.17  ? 196 THR A N   1 
ATOM   1244 C  CA  . THR A 1 157 ? -4.201  13.753  8.682   0.40 36.58  ? 196 THR A CA  1 
ATOM   1245 C  C   . THR A 1 157 ? -3.260  13.992  9.871   0.40 35.86  ? 196 THR A C   1 
ATOM   1246 O  O   . THR A 1 157 ? -2.406  14.879  9.752   0.40 34.95  ? 196 THR A O   1 
ATOM   1247 C  CB  . THR A 1 157 ? -5.139  14.945  8.454   0.40 37.58  ? 196 THR A CB  1 
ATOM   1248 O  OG1 . THR A 1 157 ? -5.821  15.201  9.681   0.40 38.45  ? 196 THR A OG1 1 
ATOM   1249 C  CG2 . THR A 1 157 ? -6.136  14.703  7.342   0.40 37.82  ? 196 THR A CG2 1 
ATOM   1250 N  N   . ALA A 1 158 ? -3.416  13.234  10.964  0.40 36.08  ? 197 ALA A N   1 
ATOM   1251 C  CA  . ALA A 1 158 ? -2.475  13.184  12.111  0.40 36.91  ? 197 ALA A CA  1 
ATOM   1252 C  C   . ALA A 1 158 ? -2.753  11.931  12.950  0.40 35.58  ? 197 ALA A C   1 
ATOM   1253 O  O   . ALA A 1 158 ? -3.912  11.481  12.968  0.40 36.84  ? 197 ALA A O   1 
ATOM   1254 C  CB  . ALA A 1 158 ? -2.589  14.442  12.937  0.40 37.57  ? 197 ALA A CB  1 
ATOM   1255 N  N   . TYR A 1 159 ? -1.729  11.395  13.622  0.40 35.11  ? 198 TYR A N   1 
ATOM   1256 C  CA  . TYR A 1 159 ? -1.800  10.117  14.376  0.40 35.36  ? 198 TYR A CA  1 
ATOM   1257 C  C   . TYR A 1 159 ? -2.723  10.266  15.590  0.40 36.66  ? 198 TYR A C   1 
ATOM   1258 O  O   . TYR A 1 159 ? -2.513  11.170  16.422  0.40 34.45  ? 198 TYR A O   1 
ATOM   1259 C  CB  . TYR A 1 159 ? -0.411  9.637   14.797  0.40 36.54  ? 198 TYR A CB  1 
ATOM   1260 C  CG  . TYR A 1 159 ? 0.480   9.279   13.638  0.40 36.71  ? 198 TYR A CG  1 
ATOM   1261 C  CD1 . TYR A 1 159 ? 0.124   8.275   12.753  0.40 36.95  ? 198 TYR A CD1 1 
ATOM   1262 C  CD2 . TYR A 1 159 ? 1.664   9.961   13.406  0.40 36.91  ? 198 TYR A CD2 1 
ATOM   1263 C  CE1 . TYR A 1 159 ? 0.926   7.944   11.674  0.40 37.72  ? 198 TYR A CE1 1 
ATOM   1264 C  CE2 . TYR A 1 159 ? 2.480   9.642   12.332  0.40 37.13  ? 198 TYR A CE2 1 
ATOM   1265 C  CZ  . TYR A 1 159 ? 2.111   8.628   11.466  0.40 37.83  ? 198 TYR A CZ  1 
ATOM   1266 O  OH  . TYR A 1 159 ? 2.905   8.309   10.407  0.40 37.88  ? 198 TYR A OH  1 
ATOM   1267 N  N   . GLN A 1 160 ? -3.714  9.376   15.688  0.40 35.53  ? 199 GLN A N   1 
ATOM   1268 C  CA  . GLN A 1 160 ? -4.700  9.330   16.799  0.40 35.38  ? 199 GLN A CA  1 
ATOM   1269 C  C   . GLN A 1 160 ? -4.124  8.506   17.950  0.40 35.35  ? 199 GLN A C   1 
ATOM   1270 O  O   . GLN A 1 160 ? -4.137  8.999   19.093  0.40 35.11  ? 199 GLN A O   1 
ATOM   1271 C  CB  . GLN A 1 160 ? -6.018  8.736   16.305  0.40 37.66  ? 199 GLN A CB  1 
ATOM   1272 C  CG  . GLN A 1 160 ? -6.675  9.547   15.200  0.40 39.17  ? 199 GLN A CG  1 
ATOM   1273 C  CD  . GLN A 1 160 ? -7.119  10.902  15.688  0.40 40.75  ? 199 GLN A CD  1 
ATOM   1274 O  OE1 . GLN A 1 160 ? -7.994  11.015  16.545  0.40 42.29  ? 199 GLN A OE1 1 
ATOM   1275 N  NE2 . GLN A 1 160 ? -6.510  11.943  15.143  0.40 40.65  ? 199 GLN A NE2 1 
ATOM   1276 N  N   . ASN A 1 161 ? -3.630  7.301   17.647  1.00 32.94  ? 200 ASN A N   1 
ATOM   1277 C  CA  . ASN A 1 161 ? -3.138  6.359   18.663  1.00 34.91  ? 200 ASN A CA  1 
ATOM   1278 C  C   . ASN A 1 161 ? -1.653  6.657   18.875  1.00 35.06  ? 200 ASN A C   1 
ATOM   1279 O  O   . ASN A 1 161 ? -0.865  6.423   17.957  1.00 30.97  ? 200 ASN A O   1 
ATOM   1280 C  CB  . ASN A 1 161 ? -3.463  4.944   18.216  1.00 33.44  ? 200 ASN A CB  1 
ATOM   1281 C  CG  . ASN A 1 161 ? -2.947  3.899   19.158  1.00 34.08  ? 200 ASN A CG  1 
ATOM   1282 O  OD1 . ASN A 1 161 ? -2.435  4.210   20.223  1.00 32.76  ? 200 ASN A OD1 1 
ATOM   1283 N  ND2 . ASN A 1 161 ? -3.058  2.653   18.742  1.00 34.35  ? 200 ASN A ND2 1 
ATOM   1284 N  N   . GLU A 1 162 ? -1.283  7.145   20.069  1.00 33.95  ? 201 GLU A N   1 
ATOM   1285 C  CA  . GLU A 1 162 ? 0.124   7.520   20.372  1.00 33.85  ? 201 GLU A CA  1 
ATOM   1286 C  C   . GLU A 1 162 ? 0.999   6.255   20.289  1.00 30.67  ? 201 GLU A C   1 
ATOM   1287 O  O   . GLU A 1 162 ? 2.176   6.381   20.011  1.00 32.92  ? 201 GLU A O   1 
ATOM   1288 C  CB  . GLU A 1 162 ? 0.172   8.234   21.738  1.00 38.94  ? 201 GLU A CB  1 
ATOM   1289 C  CG  . GLU A 1 162 ? 0.562   7.322   22.886  1.00 50.45  ? 201 GLU A CG  1 
ATOM   1290 C  CD  . GLU A 1 162 ? -0.156  7.432   24.230  1.00 64.19  ? 201 GLU A CD  1 
ATOM   1291 O  OE1 . GLU A 1 162 ? 0.541   7.605   25.278  1.00 54.83  ? 201 GLU A OE1 1 
ATOM   1292 O  OE2 . GLU A 1 162 ? -1.397  7.244   24.249  1.00 79.70  ? 201 GLU A OE2 1 
ATOM   1293 N  N   . GLU A 1 163 ? 0.445   5.056   20.519  1.00 31.04  ? 202 GLU A N   1 
ATOM   1294 C  CA  . GLU A 1 163 ? 1.226   3.799   20.445  1.00 33.23  ? 202 GLU A CA  1 
ATOM   1295 C  C   . GLU A 1 163 ? 1.757   3.641   19.007  1.00 30.12  ? 202 GLU A C   1 
ATOM   1296 O  O   . GLU A 1 163 ? 2.843   3.061   18.845  1.00 30.89  ? 202 GLU A O   1 
ATOM   1297 C  CB  . GLU A 1 163 ? 0.390   2.578   20.833  1.00 33.50  ? 202 GLU A CB  1 
ATOM   1298 C  CG  . GLU A 1 163 ? -0.108  2.537   22.269  1.00 38.69  ? 202 GLU A CG  1 
ATOM   1299 C  CD  . GLU A 1 163 ? -1.155  1.445   22.460  1.00 49.75  ? 202 GLU A CD  1 
ATOM   1300 O  OE1 . GLU A 1 163 ? -1.017  0.641   23.411  1.00 54.89  ? 202 GLU A OE1 1 
ATOM   1301 O  OE2 . GLU A 1 163 ? -2.083  1.370   21.611  1.00 59.94  ? 202 GLU A OE2 1 
ATOM   1302 N  N   . ILE A 1 164 ? 1.003   4.100   18.002  1.00 29.52  ? 203 ILE A N   1 
ATOM   1303 C  CA  . ILE A 1 164 ? 1.420   4.101   16.565  1.00 29.47  ? 203 ILE A CA  1 
ATOM   1304 C  C   . ILE A 1 164 ? 2.542   5.135   16.394  1.00 28.98  ? 203 ILE A C   1 
ATOM   1305 O  O   . ILE A 1 164 ? 3.543   4.855   15.778  1.00 26.79  ? 203 ILE A O   1 
ATOM   1306 C  CB  . ILE A 1 164 ? 0.211   4.364   15.636  1.00 27.45  ? 203 ILE A CB  1 
ATOM   1307 C  CG1 . ILE A 1 164 ? -0.688  3.128   15.586  1.00 28.36  ? 203 ILE A CG1 1 
ATOM   1308 C  CG2 . ILE A 1 164 ? 0.625   4.805   14.249  1.00 30.26  ? 203 ILE A CG2 1 
ATOM   1309 C  CD1 . ILE A 1 164 ? -0.040  1.940   14.858  1.00 32.75  ? 203 ILE A CD1 1 
ATOM   1310 N  N   . THR A 1 165 ? 2.334   6.348   16.867  1.00 30.21  ? 204 THR A N   1 
ATOM   1311 C  CA  . THR A 1 165 ? 3.370   7.406   16.832  1.00 31.54  ? 204 THR A CA  1 
ATOM   1312 C  C   . THR A 1 165 ? 4.682   6.839   17.365  1.00 27.49  ? 204 THR A C   1 
ATOM   1313 O  O   . THR A 1 165 ? 5.680   6.964   16.666  1.00 31.72  ? 204 THR A O   1 
ATOM   1314 C  CB  . THR A 1 165 ? 2.931   8.643   17.613  1.00 31.93  ? 204 THR A CB  1 
ATOM   1315 O  OG1 . THR A 1 165 ? 1.576   8.874   17.224  1.00 31.29  ? 204 THR A OG1 1 
ATOM   1316 C  CG2 . THR A 1 165 ? 3.821   9.832   17.330  1.00 33.26  ? 204 THR A CG2 1 
ATOM   1317 N  N   . ALA A 1 166 ? 4.662   6.180   18.512  1.00 33.41  ? 205 ALA A N   1 
ATOM   1318 C  CA  . ALA A 1 166 ? 5.886   5.678   19.177  1.00 32.72  ? 205 ALA A CA  1 
ATOM   1319 C  C   . ALA A 1 166 ? 6.518   4.579   18.324  1.00 34.13  ? 205 ALA A C   1 
ATOM   1320 O  O   . ALA A 1 166 ? 7.746   4.505   18.241  1.00 30.04  ? 205 ALA A O   1 
ATOM   1321 C  CB  . ALA A 1 166 ? 5.580   5.203   20.573  1.00 36.98  ? 205 ALA A CB  1 
ATOM   1322 N  N   . LEU A 1 167 ? 5.707   3.679   17.747  1.00 33.52  ? 206 LEU A N   1 
ATOM   1323 C  CA  . LEU A 1 167 ? 6.274   2.584   16.936  1.00 29.46  ? 206 LEU A CA  1 
ATOM   1324 C  C   . LEU A 1 167 ? 6.940   3.164   15.702  1.00 25.14  ? 206 LEU A C   1 
ATOM   1325 O  O   . LEU A 1 167 ? 8.009   2.643   15.349  1.00 30.36  ? 206 LEU A O   1 
ATOM   1326 C  CB  . LEU A 1 167 ? 5.169   1.618   16.486  1.00 33.47  ? 206 LEU A CB  1 
ATOM   1327 C  CG  . LEU A 1 167 ? 5.080   0.247   17.140  1.00 39.56  ? 206 LEU A CG  1 
ATOM   1328 C  CD1 . LEU A 1 167 ? 4.512   -0.752  16.116  1.00 36.27  ? 206 LEU A CD1 1 
ATOM   1329 C  CD2 . LEU A 1 167 ? 6.401   -0.256  17.708  1.00 40.74  ? 206 LEU A CD2 1 
ATOM   1330 N  N   . LYS A 1 168 ? 6.293   4.131   15.042  1.00 25.74  ? 207 LYS A N   1 
ATOM   1331 C  CA  . LYS A 1 168 ? 6.773   4.799   13.810  1.00 28.49  ? 207 LYS A CA  1 
ATOM   1332 C  C   . LYS A 1 168 ? 8.170   5.381   14.081  1.00 34.50  ? 207 LYS A C   1 
ATOM   1333 O  O   . LYS A 1 168 ? 9.087   5.192   13.272  1.00 35.53  ? 207 LYS A O   1 
ATOM   1334 C  CB  . LYS A 1 168 ? 5.852   5.927   13.340  1.00 29.90  ? 207 LYS A CB  1 
ATOM   1335 C  CG  . LYS A 1 168 ? 4.444   5.518   12.909  1.00 36.00  ? 207 LYS A CG  1 
ATOM   1336 C  CD  . LYS A 1 168 ? 4.315   5.122   11.468  1.00 35.51  ? 207 LYS A CD  1 
ATOM   1337 C  CE  . LYS A 1 168 ? 2.903   4.669   11.140  1.00 35.19  ? 207 LYS A CE  1 
ATOM   1338 N  NZ  . LYS A 1 168 ? 2.586   4.871   9.715   1.00 36.99  ? 207 LYS A NZ  1 
ATOM   1339 N  N   . ILE A 1 169 ? 8.324   6.052   15.219  1.00 32.44  ? 208 ILE A N   1 
ATOM   1340 C  CA  . ILE A 1 169 ? 9.632   6.687   15.558  1.00 31.15  ? 208 ILE A CA  1 
ATOM   1341 C  C   . ILE A 1 169 ? 10.604  5.557   15.921  1.00 30.07  ? 208 ILE A C   1 
ATOM   1342 O  O   . ILE A 1 169 ? 11.745  5.548   15.426  1.00 31.97  ? 208 ILE A O   1 
ATOM   1343 C  CB  . ILE A 1 169 ? 9.416   7.726   16.679  1.00 30.75  ? 208 ILE A CB  1 
ATOM   1344 C  CG1 . ILE A 1 169 ? 8.610   8.910   16.151  1.00 29.07  ? 208 ILE A CG1 1 
ATOM   1345 C  CG2 . ILE A 1 169 ? 10.751  8.159   17.280  1.00 32.18  ? 208 ILE A CG2 1 
ATOM   1346 C  CD1 . ILE A 1 169 ? 7.921   9.700   17.222  1.00 33.49  ? 208 ILE A CD1 1 
ATOM   1347 N  N   . LYS A 1 170 ? 10.167  4.593   16.718  1.00 32.24  ? 209 LYS A N   1 
ATOM   1348 C  CA  . LYS A 1 170 ? 11.094  3.554   17.247  1.00 33.60  ? 209 LYS A CA  1 
ATOM   1349 C  C   . LYS A 1 170 ? 11.789  2.850   16.074  1.00 34.78  ? 209 LYS A C   1 
ATOM   1350 O  O   . LYS A 1 170 ? 13.015  2.576   16.182  1.00 36.18  ? 209 LYS A O   1 
ATOM   1351 C  CB  . LYS A 1 170 ? 10.368  2.567   18.165  1.00 35.59  ? 209 LYS A CB  1 
ATOM   1352 C  CG  . LYS A 1 170 ? 11.264  1.593   18.923  1.00 38.23  ? 209 LYS A CG  1 
ATOM   1353 C  CD  . LYS A 1 170 ? 10.502  0.764   19.972  1.00 41.27  ? 209 LYS A CD  1 
ATOM   1354 C  CE  . LYS A 1 170 ? 11.385  0.036   20.967  1.00 46.04  ? 209 LYS A CE  1 
ATOM   1355 N  NZ  . LYS A 1 170 ? 11.897  -1.239  20.406  1.00 46.76  ? 209 LYS A NZ  1 
ATOM   1356 N  N   . TYR A 1 171 ? 11.063  2.573   14.990  1.00 35.84  ? 210 TYR A N   1 
ATOM   1357 C  CA  . TYR A 1 171 ? 11.552  1.716   13.881  1.00 34.41  ? 210 TYR A CA  1 
ATOM   1358 C  C   . TYR A 1 171 ? 11.977  2.535   12.665  1.00 35.88  ? 210 TYR A C   1 
ATOM   1359 O  O   . TYR A 1 171 ? 12.533  1.921   11.740  1.00 38.93  ? 210 TYR A O   1 
ATOM   1360 C  CB  . TYR A 1 171 ? 10.552  0.576   13.647  1.00 36.94  ? 210 TYR A CB  1 
ATOM   1361 C  CG  . TYR A 1 171 ? 10.603  -0.402  14.794  1.00 35.67  ? 210 TYR A CG  1 
ATOM   1362 C  CD1 . TYR A 1 171 ? 11.734  -1.179  14.987  1.00 42.17  ? 210 TYR A CD1 1 
ATOM   1363 C  CD2 . TYR A 1 171 ? 9.605   -0.468  15.756  1.00 36.59  ? 210 TYR A CD2 1 
ATOM   1364 C  CE1 . TYR A 1 171 ? 11.838  -2.043  16.064  1.00 40.91  ? 210 TYR A CE1 1 
ATOM   1365 C  CE2 . TYR A 1 171 ? 9.693   -1.319  16.848  1.00 36.84  ? 210 TYR A CE2 1 
ATOM   1366 C  CZ  . TYR A 1 171 ? 10.816  -2.114  16.995  1.00 42.81  ? 210 TYR A CZ  1 
ATOM   1367 O  OH  . TYR A 1 171 ? 10.950  -2.969  18.053  1.00 46.56  ? 210 TYR A OH  1 
ATOM   1368 N  N   . ASN A 1 172 ? 11.829  3.860   12.654  1.00 38.37  ? 211 ASN A N   1 
ATOM   1369 C  CA  . ASN A 1 172 ? 12.341  4.659   11.511  1.00 45.59  ? 211 ASN A CA  1 
ATOM   1370 C  C   . ASN A 1 172 ? 13.832  4.955   11.750  1.00 55.93  ? 211 ASN A C   1 
ATOM   1371 O  O   . ASN A 1 172 ? 14.348  4.720   12.853  1.00 53.01  ? 211 ASN A O   1 
ATOM   1372 C  CB  . ASN A 1 172 ? 11.438  5.851   11.182  1.00 49.63  ? 211 ASN A CB  1 
ATOM   1373 C  CG  . ASN A 1 172 ? 11.532  7.046   12.116  1.00 53.57  ? 211 ASN A CG  1 
ATOM   1374 O  OD1 . ASN A 1 172 ? 10.675  7.930   12.054  1.00 56.14  ? 211 ASN A OD1 1 
ATOM   1375 N  ND2 . ASN A 1 172 ? 12.538  7.091   12.973  1.00 45.87  ? 211 ASN A ND2 1 
HETATM 1376 CD CD  . CD  B 2 .   ? -7.974  -8.376  -0.711  0.50 25.28  ? 301 CD  A CD  1 
HETATM 1377 CD CD  . CD  C 2 .   ? -8.334  -8.387  2.897   1.00 27.02  ? 302 CD  A CD  1 
HETATM 1378 CD CD  . CD  D 2 .   ? -7.507  9.376   -8.261  0.40 103.12 ? 303 CD  A CD  1 
HETATM 1379 CD CD  . CD  E 2 .   ? -21.044 -2.054  6.226   1.00 36.24  ? 304 CD  A CD  1 
HETATM 1380 N  N1  . NYV F 3 .   ? -9.970  7.602   -5.190  0.40 52.40  ? 305 NYV A N1  1 
HETATM 1381 N  N3  . NYV F 3 .   ? -11.246 7.602   -9.719  0.40 59.30  ? 305 NYV A N3  1 
HETATM 1382 C  C4  . NYV F 3 .   ? -9.070  8.289   -5.923  0.40 53.07  ? 305 NYV A C4  1 
HETATM 1383 C  C5  . NYV F 3 .   ? -10.138 7.083   -7.319  0.40 56.27  ? 305 NYV A C5  1 
HETATM 1384 C  C6  . NYV F 3 .   ? -10.667 6.833   -6.086  0.40 54.41  ? 305 NYV A C6  1 
HETATM 1385 C  C1  . NYV F 3 .   ? -10.175 6.314   -3.087  0.40 50.11  ? 305 NYV A C1  1 
HETATM 1386 C  C2  . NYV F 3 .   ? -10.164 7.689   -3.728  0.40 50.23  ? 305 NYV A C2  1 
HETATM 1387 C  C3  . NYV F 3 .   ? -11.375 8.536   -3.409  0.40 50.36  ? 305 NYV A C3  1 
HETATM 1388 N  N2  . NYV F 3 .   ? -9.160  7.986   -7.199  0.40 53.86  ? 305 NYV A N2  1 
HETATM 1389 O  O1  . NYV F 3 .   ? -9.391  6.018   -9.526  0.40 57.36  ? 305 NYV A O1  1 
HETATM 1390 O  O2  . NYV F 3 .   ? -11.614 5.445   -8.621  0.40 61.10  ? 305 NYV A O2  1 
HETATM 1391 S  S1  . NYV F 3 .   ? -10.594 6.417   -8.866  0.40 60.80  ? 305 NYV A S1  1 
HETATM 1392 N  N1  . NYV G 3 .   ? -10.526 14.788  9.270   0.40 44.27  ? 306 NYV A N1  1 
HETATM 1393 N  N3  . NYV G 3 .   ? -6.901  13.657  12.035  0.40 48.12  ? 306 NYV A N3  1 
HETATM 1394 C  C4  . NYV G 3 .   ? -10.854 15.063  10.548  0.40 43.72  ? 306 NYV A C4  1 
HETATM 1395 C  C5  . NYV G 3 .   ? -9.213  13.701  10.649  0.40 43.91  ? 306 NYV A C5  1 
HETATM 1396 C  C6  . NYV G 3 .   ? -9.472  13.919  9.329   0.40 43.24  ? 306 NYV A C6  1 
HETATM 1397 C  C1  . NYV G 3 .   ? -10.286 16.373  7.397   0.40 42.98  ? 306 NYV A C1  1 
HETATM 1398 C  C2  . NYV G 3 .   ? -11.165 15.315  8.045   0.40 43.54  ? 306 NYV A C2  1 
HETATM 1399 C  C3  . NYV G 3 .   ? -11.568 14.182  7.113   0.40 40.61  ? 306 NYV A C3  1 
HETATM 1400 N  N2  . NYV G 3 .   ? -10.074 14.416  11.386  0.40 43.49  ? 306 NYV A N2  1 
HETATM 1401 O  O1  . NYV G 3 .   ? -8.608  11.942  12.403  0.40 45.22  ? 306 NYV A O1  1 
HETATM 1402 O  O2  . NYV G 3 .   ? -7.336  12.005  10.286  0.40 45.01  ? 306 NYV A O2  1 
HETATM 1403 S  S1  . NYV G 3 .   ? -7.982  12.688  11.359  0.40 46.15  ? 306 NYV A S1  1 
HETATM 1404 O  O   . HOH H 4 .   ? 3.948   1.831   20.691  1.00 39.11  ? 401 HOH A O   1 
HETATM 1405 O  O   . HOH H 4 .   ? 5.474   -14.706 -15.935 1.00 42.57  ? 402 HOH A O   1 
HETATM 1406 O  O   . HOH H 4 .   ? 7.872   7.596   -7.784  1.00 34.72  ? 403 HOH A O   1 
HETATM 1407 O  O   . HOH H 4 .   ? 3.208   8.940   -5.448  1.00 36.36  ? 404 HOH A O   1 
HETATM 1408 O  O   . HOH H 4 .   ? 7.521   -4.552  3.778   1.00 33.49  ? 405 HOH A O   1 
HETATM 1409 O  O   . HOH H 4 .   ? 13.500  -13.301 -5.834  1.00 49.87  ? 406 HOH A O   1 
HETATM 1410 O  O   . HOH H 4 .   ? 15.908  -0.939  -7.840  1.00 46.20  ? 407 HOH A O   1 
HETATM 1411 O  O   . HOH H 4 .   ? 9.251   -2.594  5.056   1.00 44.76  ? 408 HOH A O   1 
HETATM 1412 O  O   . HOH H 4 .   ? -4.397  3.191   15.832  1.00 29.49  ? 409 HOH A O   1 
HETATM 1413 O  O   . HOH H 4 .   ? 17.251  -4.593  -16.120 1.00 47.45  ? 410 HOH A O   1 
HETATM 1414 O  O   . HOH H 4 .   ? -13.071 2.576   5.238   1.00 32.02  ? 411 HOH A O   1 
HETATM 1415 O  O   . HOH H 4 .   ? -7.077  0.447   -8.710  1.00 38.39  ? 412 HOH A O   1 
HETATM 1416 O  O   . HOH H 4 .   ? 18.304  -4.222  -13.704 1.00 39.31  ? 413 HOH A O   1 
HETATM 1417 O  O   . HOH H 4 .   ? -12.605 -3.558  7.346   1.00 29.11  ? 414 HOH A O   1 
HETATM 1418 O  O   . HOH H 4 .   ? 13.014  0.628   -16.992 0.50 35.37  ? 415 HOH A O   1 
HETATM 1419 O  O   . HOH H 4 .   ? -3.186  -12.115 0.505   1.00 52.75  ? 416 HOH A O   1 
HETATM 1420 O  O   . HOH H 4 .   ? -10.020 12.752  2.833   1.00 52.73  ? 417 HOH A O   1 
HETATM 1421 O  O   . HOH H 4 .   ? -1.927  19.046  3.810   1.00 52.36  ? 418 HOH A O   1 
HETATM 1422 O  O   . HOH H 4 .   ? 1.756   8.166   4.264   1.00 33.94  ? 419 HOH A O   1 
HETATM 1423 O  O   . HOH H 4 .   ? -4.077  -13.303 -5.617  1.00 42.45  ? 420 HOH A O   1 
HETATM 1424 O  O   . HOH H 4 .   ? -4.959  -11.872 -12.009 1.00 40.00  ? 421 HOH A O   1 
HETATM 1425 O  O   . HOH H 4 .   ? 12.821  -2.867  -7.419  1.00 41.45  ? 422 HOH A O   1 
HETATM 1426 O  O   . HOH H 4 .   ? 12.896  -1.693  -4.932  1.00 34.45  ? 423 HOH A O   1 
HETATM 1427 O  O   . HOH H 4 .   ? 6.218   5.483   0.471   1.00 31.05  ? 424 HOH A O   1 
HETATM 1428 O  O   . HOH H 4 .   ? -0.558  -2.627  9.052   1.00 25.69  ? 425 HOH A O   1 
HETATM 1429 O  O   . HOH H 4 .   ? -8.793  0.897   18.017  1.00 39.98  ? 426 HOH A O   1 
HETATM 1430 O  O   . HOH H 4 .   ? -4.131  -1.957  10.658  1.00 34.26  ? 427 HOH A O   1 
HETATM 1431 O  O   . HOH H 4 .   ? -3.945  -12.729 -9.602  1.00 35.03  ? 428 HOH A O   1 
HETATM 1432 O  O   . HOH H 4 .   ? 14.054  -5.527  -7.284  1.00 38.74  ? 429 HOH A O   1 
HETATM 1433 O  O   . HOH H 4 .   ? 11.835  -9.997  -5.320  1.00 41.72  ? 430 HOH A O   1 
HETATM 1434 O  O   . HOH H 4 .   ? -3.275  7.887   21.944  1.00 42.30  ? 431 HOH A O   1 
HETATM 1435 O  O   . HOH H 4 .   ? 12.069  2.814   -15.706 1.00 43.02  ? 432 HOH A O   1 
HETATM 1436 O  O   . HOH H 4 .   ? 14.974  1.808   18.087  1.00 36.91  ? 433 HOH A O   1 
HETATM 1437 O  O   . HOH H 4 .   ? 5.175   1.860   0.580   1.00 31.50  ? 434 HOH A O   1 
HETATM 1438 O  O   . HOH H 4 .   ? 0.574   13.116  13.649  1.00 38.97  ? 435 HOH A O   1 
HETATM 1439 O  O   . HOH H 4 .   ? 14.541  2.110   -7.151  1.00 39.62  ? 436 HOH A O   1 
HETATM 1440 O  O   . HOH H 4 .   ? 8.449   3.583   -4.886  1.00 27.38  ? 437 HOH A O   1 
HETATM 1441 O  O   . HOH H 4 .   ? 10.634  14.332  0.378   1.00 56.56  ? 438 HOH A O   1 
HETATM 1442 O  O   . HOH H 4 .   ? -18.229 -2.393  3.954   1.00 36.09  ? 439 HOH A O   1 
HETATM 1443 O  O   . HOH H 4 .   ? 7.061   12.382  2.398   1.00 37.16  ? 440 HOH A O   1 
HETATM 1444 O  O   . HOH H 4 .   ? 8.791   -11.056 6.331   1.00 50.81  ? 441 HOH A O   1 
HETATM 1445 O  O   . HOH H 4 .   ? -2.781  -9.951  9.159   1.00 49.60  ? 442 HOH A O   1 
HETATM 1446 O  O   . HOH H 4 .   ? -8.424  -7.634  -4.843  1.00 25.99  ? 443 HOH A O   1 
HETATM 1447 O  O   . HOH H 4 .   ? 1.807   -15.806 -3.924  1.00 46.49  ? 444 HOH A O   1 
HETATM 1448 O  O   . HOH H 4 .   ? 9.398   -10.975 9.376   1.00 46.01  ? 445 HOH A O   1 
HETATM 1449 O  O   . HOH H 4 .   ? 1.655   -11.656 -14.338 1.00 49.12  ? 446 HOH A O   1 
HETATM 1450 O  O   . HOH H 4 .   ? -5.355  8.284   -6.919  0.40 30.74  ? 447 HOH A O   1 
HETATM 1451 O  O   . HOH H 4 .   ? 10.145  0.191   6.111   1.00 38.10  ? 448 HOH A O   1 
HETATM 1452 O  O   . HOH H 4 .   ? -19.743 5.195   8.058   1.00 32.07  ? 449 HOH A O   1 
HETATM 1453 O  O   . HOH H 4 .   ? 12.809  11.495  -3.713  1.00 44.94  ? 450 HOH A O   1 
HETATM 1454 O  O   . HOH H 4 .   ? -4.516  -11.830 -2.755  1.00 23.08  ? 451 HOH A O   1 
HETATM 1455 O  O   . HOH H 4 .   ? 11.282  3.091   -5.303  1.00 39.30  ? 452 HOH A O   1 
HETATM 1456 O  O   . HOH H 4 .   ? 5.326   9.445   14.492  1.00 50.87  ? 453 HOH A O   1 
HETATM 1457 O  O   . HOH H 4 .   ? 13.109  1.087   -5.297  1.00 38.82  ? 454 HOH A O   1 
HETATM 1458 O  O   . HOH H 4 .   ? -8.450  -6.372  -2.138  0.50 25.81  ? 455 HOH A O   1 
HETATM 1459 O  O   . HOH H 4 .   ? -19.190 -3.477  6.421   1.00 24.34  ? 456 HOH A O   1 
HETATM 1460 O  O   . HOH H 4 .   ? -10.255 -7.150  3.686   1.00 22.56  ? 457 HOH A O   1 
HETATM 1461 O  O   . HOH H 4 .   ? -23.011 -2.399  7.625   1.00 22.65  ? 458 HOH A O   1 
HETATM 1462 O  O   . HOH H 4 .   ? 17.811  -7.415  -15.370 1.00 48.51  ? 459 HOH A O   1 
HETATM 1463 O  O   . HOH H 4 .   ? 6.910   1.656   20.673  1.00 41.52  ? 460 HOH A O   1 
HETATM 1464 O  O   . HOH H 4 .   ? -21.562 -1.935  3.994   1.00 31.17  ? 461 HOH A O   1 
HETATM 1465 O  O   . HOH H 4 .   ? -7.474  11.412  -7.769  0.40 38.96  ? 462 HOH A O   1 
HETATM 1466 O  O   . HOH H 4 .   ? 2.651   0.722   25.059  1.00 39.40  ? 463 HOH A O   1 
HETATM 1467 O  O   . HOH H 4 .   ? 12.852  5.568   19.609  1.00 35.20  ? 464 HOH A O   1 
HETATM 1468 O  O   . HOH H 4 .   ? 1.658   -0.617  -17.814 1.00 45.84  ? 465 HOH A O   1 
HETATM 1469 O  O   . HOH H 4 .   ? 10.509  8.171   -7.930  1.00 33.53  ? 466 HOH A O   1 
HETATM 1470 O  O   . HOH H 4 .   ? 2.963   -13.555 -15.670 1.00 37.47  ? 467 HOH A O   1 
HETATM 1471 O  O   . HOH H 4 .   ? 4.900   11.875  14.921  1.00 54.45  ? 468 HOH A O   1 
# 
